data_6GMX
#
_entry.id   6GMX
#
_cell.length_a   94.000
_cell.length_b   94.000
_cell.length_c   365.490
_cell.angle_alpha   90.000
_cell.angle_beta   90.000
_cell.angle_gamma   90.000
#
_symmetry.space_group_name_H-M   'P 41 2 2'
#
loop_
_entity.id
_entity.type
_entity.pdbx_description
1 polymer Elongin-B
2 polymer Elongin-C
3 polymer 'von Hippel-Lindau disease tumor suppressor'
4 polymer Elongin-B
5 polymer Elongin-C
6 non-polymer 6-chloranyl-2,3-dihydrothiochromen-4-one
7 non-polymer 'ISOPROPYL ALCOHOL'
8 non-polymer 'ACETATE ION'
9 water water
#
loop_
_entity_poly.entity_id
_entity_poly.type
_entity_poly.pdbx_seq_one_letter_code
_entity_poly.pdbx_strand_id
1 'polypeptide(L)'
;MDVFLMIRRHKTTIFTDAKESSTVFELKRIVEGILKRPPDEQRLYKDDQLLDDGKTLGE(CAS)GFTSQTARPQAPATVG
LAFRADDTFEAL(CAS)IEPFSSPPELPDVMK
;
A,G,J
2 'polypeptide(L)'
;MMYVKLISSDGHEFIVKREHALTSGTIKAMLSGPGQFAENETNEVNFREIPSHVLSKVCMYFTYKVRYTNSSTEIPEFPI
APEIALELLMAANFLDC
;
B,H,K
3 'polypeptide(L)'
;GSMEAGRPRPVLRSVNSREPSQVIF(CAS)NRSPRVVLPVWLNFDGEPQPYPTLPPGTGRRIHSYRGHLWLFRDAGTHDG
LLVNQTELFVPSLNVDGQPIFANITLPVYTLKERCLQVVRSLVKPENYRRLDIVRSLYEDLEDHPNVQKDLERLTQERIA
HQRMGD
;
C,F,I,L
4 'polypeptide(L)'
;MDVFLMIRRHKTTIFTDAKESSTVFELKRIVEGILKRPPDEQRLYKDDQLLDDGKTLGE(CAS)GFTSQTARPQAPATVG
LAFRADDTFEALCIEPFSSPPELPDVMK
;
D
5 'polypeptide(L)'
;MMYVKLISSDGHEFIVKREHALTSGTIKAMLSGPGQFAENETNEVNFREIPSHVLSKVCMYFTYKVRYTNSSTEIPEFPI
APEIALELLMAANFLD(CAS)
;
E
#
loop_
_chem_comp.id
_chem_comp.type
_chem_comp.name
_chem_comp.formula
ACT non-polymer 'ACETATE ION' 'C2 H3 O2 -1'
F7B non-polymer 6-chloranyl-2,3-dihydrothiochromen-4-one 'C9 H7 Cl O S'
IPA non-polymer 'ISOPROPYL ALCOHOL' 'C3 H8 O'
#
# COMPACT_ATOMS: atom_id res chain seq x y z
N MET A 1 41.17 7.87 0.38
CA MET A 1 40.24 6.87 0.86
C MET A 1 40.88 5.50 0.65
N ASP A 2 40.55 4.54 1.51
CA ASP A 2 41.03 3.18 1.39
C ASP A 2 40.13 2.37 0.45
N VAL A 3 40.74 1.53 -0.35
CA VAL A 3 39.99 0.63 -1.21
C VAL A 3 40.38 -0.79 -0.79
N PHE A 4 39.43 -1.70 -0.80
CA PHE A 4 39.65 -3.03 -0.25
C PHE A 4 39.60 -4.04 -1.38
N LEU A 5 40.58 -4.92 -1.41
CA LEU A 5 40.89 -5.69 -2.59
C LEU A 5 41.08 -7.17 -2.28
N MET A 6 40.84 -7.98 -3.30
CA MET A 6 41.22 -9.39 -3.37
C MET A 6 42.13 -9.49 -4.60
N ILE A 7 43.39 -9.83 -4.39
CA ILE A 7 44.32 -10.06 -5.48
C ILE A 7 44.34 -11.55 -5.76
N ARG A 8 43.98 -11.97 -6.98
CA ARG A 8 43.71 -13.38 -7.24
C ARG A 8 44.53 -13.96 -8.38
N ARG A 9 45.07 -15.13 -8.13
CA ARG A 9 45.76 -15.85 -9.19
C ARG A 9 45.55 -17.32 -8.91
N HIS A 10 45.05 -18.08 -9.90
CA HIS A 10 44.90 -19.53 -9.72
C HIS A 10 44.08 -19.86 -8.47
N LYS A 11 44.71 -20.47 -7.46
CA LYS A 11 44.04 -20.76 -6.20
C LYS A 11 44.58 -19.89 -5.07
N THR A 12 45.09 -18.70 -5.39
CA THR A 12 45.66 -17.78 -4.41
C THR A 12 44.78 -16.54 -4.33
N THR A 13 44.52 -16.04 -3.13
CA THR A 13 43.71 -14.84 -2.93
C THR A 13 44.34 -14.02 -1.81
N ILE A 14 44.77 -12.81 -2.11
CA ILE A 14 45.31 -11.90 -1.11
C ILE A 14 44.24 -10.87 -0.75
N PHE A 15 43.87 -10.81 0.53
CA PHE A 15 43.03 -9.73 1.03
C PHE A 15 43.97 -8.64 1.54
N THR A 16 43.92 -7.45 0.92
CA THR A 16 44.69 -6.31 1.36
C THR A 16 43.93 -5.03 1.00
N ASP A 17 44.39 -3.90 1.54
CA ASP A 17 43.79 -2.59 1.26
C ASP A 17 44.86 -1.67 0.69
N ALA A 18 44.44 -0.57 0.08
CA ALA A 18 45.38 0.39 -0.47
C ALA A 18 44.66 1.71 -0.58
N LYS A 19 45.40 2.76 -0.91
CA LYS A 19 44.77 4.05 -1.10
C LYS A 19 44.28 4.19 -2.53
N GLU A 20 43.17 4.92 -2.70
CA GLU A 20 42.67 5.21 -4.04
C GLU A 20 43.72 5.90 -4.91
N SER A 21 44.61 6.71 -4.30
CA SER A 21 45.68 7.44 -4.98
C SER A 21 46.92 6.63 -5.23
N SER A 22 47.07 5.46 -4.61
CA SER A 22 48.24 4.62 -4.86
C SER A 22 48.21 4.02 -6.27
N THR A 23 49.35 3.58 -6.74
CA THR A 23 49.50 3.17 -8.13
C THR A 23 49.53 1.66 -8.26
N VAL A 24 49.19 1.21 -9.47
CA VAL A 24 49.29 -0.20 -9.85
C VAL A 24 50.67 -0.75 -9.54
N PHE A 25 51.72 0.05 -9.79
CA PHE A 25 53.05 -0.45 -9.45
C PHE A 25 53.19 -0.62 -7.93
N GLU A 26 52.67 0.33 -7.15
CA GLU A 26 52.75 0.18 -5.69
C GLU A 26 51.98 -1.05 -5.20
N LEU A 27 50.85 -1.36 -5.85
CA LEU A 27 50.15 -2.61 -5.55
C LEU A 27 51.01 -3.81 -5.90
N LYS A 28 51.78 -3.73 -6.98
CA LYS A 28 52.69 -4.82 -7.32
C LYS A 28 53.79 -4.99 -6.29
N ARG A 29 54.21 -3.91 -5.63
CA ARG A 29 55.19 -4.00 -4.56
C ARG A 29 54.59 -4.73 -3.35
N ILE A 30 53.31 -4.47 -3.05
CA ILE A 30 52.65 -5.23 -1.99
C ILE A 30 52.66 -6.72 -2.34
N VAL A 31 52.23 -7.08 -3.55
CA VAL A 31 52.27 -8.50 -3.95
C VAL A 31 53.69 -9.05 -3.86
N GLU A 32 54.69 -8.24 -4.20
CA GLU A 32 56.05 -8.72 -4.14
C GLU A 32 56.42 -9.09 -2.71
N GLY A 33 56.06 -8.25 -1.74
CA GLY A 33 56.36 -8.58 -0.36
C GLY A 33 55.72 -9.88 0.09
N ILE A 34 54.57 -10.24 -0.48
CA ILE A 34 53.85 -11.42 0.00
C ILE A 34 54.24 -12.65 -0.80
N LEU A 35 54.22 -12.59 -2.12
CA LEU A 35 54.48 -13.78 -2.93
C LEU A 35 55.92 -13.85 -3.45
N LYS A 36 56.77 -12.88 -3.14
CA LYS A 36 58.20 -12.93 -3.48
C LYS A 36 58.43 -13.08 -4.99
N ARG A 37 57.76 -12.23 -5.77
CA ARG A 37 57.96 -12.14 -7.19
C ARG A 37 58.01 -10.64 -7.53
N PRO A 38 58.97 -10.24 -8.35
CA PRO A 38 59.16 -8.81 -8.62
C PRO A 38 58.09 -8.27 -9.55
N PRO A 39 57.84 -6.95 -9.52
CA PRO A 39 56.84 -6.37 -10.43
C PRO A 39 57.07 -6.72 -11.90
N ASP A 40 58.32 -6.81 -12.35
CA ASP A 40 58.61 -7.14 -13.75
C ASP A 40 57.99 -8.46 -14.14
N GLU A 41 57.80 -9.36 -13.18
CA GLU A 41 57.20 -10.66 -13.40
C GLU A 41 55.70 -10.70 -13.10
N GLN A 42 55.04 -9.55 -13.01
CA GLN A 42 53.65 -9.50 -12.58
C GLN A 42 52.82 -8.66 -13.53
N ARG A 43 51.59 -9.09 -13.78
CA ARG A 43 50.60 -8.26 -14.46
C ARG A 43 49.28 -8.26 -13.70
N LEU A 44 48.70 -7.08 -13.55
CA LEU A 44 47.45 -6.89 -12.83
C LEU A 44 46.33 -6.51 -13.80
N TYR A 45 45.14 -7.05 -13.52
CA TYR A 45 43.96 -6.91 -14.37
C TYR A 45 42.75 -6.48 -13.54
N LYS A 46 41.92 -5.63 -14.12
CA LYS A 46 40.55 -5.41 -13.70
C LYS A 46 39.72 -6.16 -14.73
N ASP A 47 39.07 -7.24 -14.29
CA ASP A 47 38.45 -8.19 -15.20
C ASP A 47 39.49 -8.62 -16.23
N ASP A 48 39.25 -8.33 -17.49
CA ASP A 48 40.20 -8.76 -18.51
C ASP A 48 41.17 -7.65 -18.93
N GLN A 49 41.01 -6.44 -18.41
CA GLN A 49 41.83 -5.31 -18.83
C GLN A 49 43.15 -5.28 -18.05
N LEU A 50 44.26 -5.30 -18.78
CA LEU A 50 45.58 -5.13 -18.20
C LEU A 50 45.73 -3.73 -17.64
N LEU A 51 46.30 -3.62 -16.44
CA LEU A 51 46.41 -2.33 -15.77
C LEU A 51 47.82 -1.78 -15.91
N ASP A 52 47.91 -0.45 -16.16
CA ASP A 52 49.20 0.24 -16.37
C ASP A 52 49.84 0.68 -15.05
N ASP A 53 51.15 0.46 -14.95
CA ASP A 53 51.89 0.63 -13.70
C ASP A 53 51.72 2.04 -13.10
N GLY A 54 51.63 3.07 -13.94
CA GLY A 54 51.57 4.44 -13.46
C GLY A 54 50.20 4.91 -13.06
N LYS A 55 49.19 4.08 -13.31
CA LYS A 55 47.82 4.46 -13.02
C LYS A 55 47.51 4.27 -11.54
N THR A 56 46.75 5.18 -10.99
CA THR A 56 46.26 5.03 -9.64
C THR A 56 45.07 4.07 -9.64
N LEU A 57 44.87 3.44 -8.48
CA LEU A 57 43.77 2.50 -8.35
C LEU A 57 42.43 3.16 -8.63
N GLY A 58 42.27 4.43 -8.23
CA GLY A 58 41.03 5.14 -8.50
C GLY A 58 40.75 5.30 -10.01
N GLU A 59 41.77 5.61 -10.80
CA GLU A 59 41.59 5.68 -12.25
C GLU A 59 41.31 4.30 -12.88
N CAS A 60 41.65 3.20 -12.22
CA CAS A 60 41.37 1.91 -12.82
CB CAS A 60 42.50 0.93 -12.61
C CAS A 60 40.06 1.46 -12.28
O CAS A 60 39.70 0.28 -12.43
SG CAS A 60 43.83 1.61 -13.57
AS CAS A 60 43.24 1.71 -15.87
CE1 CAS A 60 42.14 3.06 -17.06
CE2 CAS A 60 43.95 0.22 -17.01
N GLY A 61 39.31 2.37 -11.66
CA GLY A 61 37.99 2.06 -11.19
C GLY A 61 37.82 1.43 -9.82
N PHE A 62 38.90 1.37 -9.02
CA PHE A 62 38.78 0.91 -7.64
C PHE A 62 38.52 2.11 -6.78
N THR A 63 37.28 2.26 -6.35
CA THR A 63 36.87 3.40 -5.54
C THR A 63 36.38 2.89 -4.19
N SER A 64 36.41 3.78 -3.21
CA SER A 64 35.91 3.43 -1.90
C SER A 64 34.48 2.91 -1.95
N GLN A 65 33.66 3.32 -2.91
CA GLN A 65 32.30 2.77 -2.87
C GLN A 65 32.15 1.44 -3.58
N THR A 66 33.09 1.02 -4.40
CA THR A 66 32.98 -0.31 -5.00
C THR A 66 33.94 -1.33 -4.39
N ALA A 67 35.05 -0.89 -3.80
CA ALA A 67 36.02 -1.80 -3.18
C ALA A 67 35.83 -1.73 -1.66
N ARG A 68 34.82 -2.43 -1.17
CA ARG A 68 34.38 -2.21 0.21
C ARG A 68 34.88 -3.32 1.14
N PRO A 69 35.01 -3.04 2.44
CA PRO A 69 35.58 -4.06 3.34
C PRO A 69 34.82 -5.37 3.32
N GLN A 70 33.49 -5.34 3.33
CA GLN A 70 32.66 -6.53 3.27
C GLN A 70 32.37 -7.00 1.85
N ALA A 71 32.89 -6.30 0.82
CA ALA A 71 32.71 -6.69 -0.59
C ALA A 71 33.86 -6.15 -1.40
N PRO A 72 35.03 -6.75 -1.28
CA PRO A 72 36.21 -6.16 -1.90
C PRO A 72 36.26 -6.39 -3.41
N ALA A 73 36.89 -5.46 -4.11
CA ALA A 73 37.09 -5.58 -5.55
C ALA A 73 38.16 -6.61 -5.82
N THR A 74 38.05 -7.30 -6.95
CA THR A 74 38.99 -8.35 -7.34
C THR A 74 40.03 -7.79 -8.30
N VAL A 75 41.31 -8.05 -8.04
CA VAL A 75 42.36 -7.69 -8.98
C VAL A 75 42.98 -9.00 -9.47
N GLY A 76 42.98 -9.20 -10.79
CA GLY A 76 43.60 -10.40 -11.34
C GLY A 76 45.12 -10.26 -11.37
N LEU A 77 45.80 -11.35 -11.14
CA LEU A 77 47.25 -11.36 -11.13
C LEU A 77 47.74 -12.50 -12.02
N ALA A 78 48.75 -12.22 -12.86
CA ALA A 78 49.38 -13.23 -13.70
C ALA A 78 50.89 -13.12 -13.54
N PHE A 79 51.56 -14.26 -13.52
CA PHE A 79 53.00 -14.34 -13.33
C PHE A 79 53.71 -14.60 -14.64
N ARG A 80 55.01 -14.30 -14.68
CA ARG A 80 55.85 -14.52 -15.86
C ARG A 80 56.82 -15.67 -15.57
N ALA A 81 56.79 -16.69 -16.42
CA ALA A 81 57.63 -17.88 -16.27
C ALA A 81 59.13 -17.59 -16.35
N ASP A 82 59.68 -17.58 -17.57
CA ASP A 82 61.06 -17.18 -17.79
C ASP A 82 61.00 -15.88 -18.60
N ASP A 83 61.02 -15.94 -19.93
CA ASP A 83 60.24 -15.00 -20.73
C ASP A 83 58.78 -15.46 -20.62
N THR A 84 57.87 -14.91 -21.43
CA THR A 84 56.47 -15.37 -21.58
C THR A 84 55.60 -15.29 -20.30
N PHE A 85 54.55 -14.45 -20.35
CA PHE A 85 53.54 -14.43 -19.29
C PHE A 85 52.52 -15.54 -19.48
N GLU A 86 52.19 -16.21 -18.39
CA GLU A 86 51.06 -17.12 -18.39
C GLU A 86 49.78 -16.31 -18.66
N ALA A 87 48.75 -16.97 -19.16
CA ALA A 87 47.49 -16.26 -19.29
C ALA A 87 46.88 -16.03 -17.91
N LEU A 88 46.00 -15.03 -17.86
CA LEU A 88 45.31 -14.73 -16.62
C LEU A 88 44.31 -15.80 -16.32
N CAS A 89 44.39 -16.41 -15.15
CA CAS A 89 43.25 -17.15 -14.73
CB CAS A 89 43.24 -18.47 -15.46
C CAS A 89 43.15 -17.35 -13.24
O CAS A 89 44.12 -17.41 -12.47
SG CAS A 89 44.54 -19.35 -14.74
AS CAS A 89 43.09 -20.93 -14.10
CE1 CAS A 89 43.65 -22.18 -12.66
CE2 CAS A 89 41.33 -21.00 -15.04
N ILE A 90 41.90 -17.45 -12.83
CA ILE A 90 41.52 -17.42 -11.44
C ILE A 90 40.60 -18.60 -11.21
N GLU A 91 40.97 -19.51 -10.32
CA GLU A 91 40.07 -20.63 -10.03
C GLU A 91 38.87 -20.10 -9.28
N PRO A 92 37.65 -20.43 -9.70
CA PRO A 92 36.48 -19.97 -8.93
C PRO A 92 36.41 -20.66 -7.58
N PHE A 93 35.72 -20.02 -6.64
CA PHE A 93 35.51 -20.69 -5.37
C PHE A 93 34.53 -21.85 -5.57
N SER A 94 34.45 -22.71 -4.55
CA SER A 94 33.53 -23.83 -4.57
C SER A 94 32.07 -23.34 -4.65
N SER A 95 31.17 -24.25 -5.02
CA SER A 95 29.78 -23.78 -5.14
C SER A 95 28.98 -24.19 -3.91
N PRO A 96 28.07 -23.32 -3.45
CA PRO A 96 27.24 -23.68 -2.30
C PRO A 96 26.31 -24.82 -2.66
N PRO A 97 25.98 -25.69 -1.71
CA PRO A 97 25.01 -26.76 -1.97
C PRO A 97 23.60 -26.21 -2.15
N GLU A 98 22.75 -27.04 -2.77
CA GLU A 98 21.34 -26.72 -2.96
C GLU A 98 20.73 -26.24 -1.66
N LEU A 99 20.05 -25.10 -1.73
CA LEU A 99 19.42 -24.54 -0.54
C LEU A 99 18.44 -25.56 0.04
N PRO A 100 18.50 -25.88 1.33
CA PRO A 100 17.56 -26.85 1.89
C PRO A 100 16.11 -26.45 1.67
N ASP A 101 15.20 -27.41 1.85
CA ASP A 101 13.79 -27.15 1.57
C ASP A 101 13.19 -26.21 2.59
N VAL A 102 13.40 -26.50 3.88
CA VAL A 102 13.49 -25.45 4.88
C VAL A 102 14.29 -24.30 4.28
N MET A 103 13.78 -23.07 4.37
CA MET A 103 14.30 -21.90 3.61
C MET A 103 13.80 -21.97 2.17
N MET B 2 53.78 -10.82 9.29
CA MET B 2 52.75 -9.83 8.94
C MET B 2 51.55 -10.44 8.17
N TYR B 3 51.78 -11.41 7.29
CA TYR B 3 50.69 -12.13 6.64
C TYR B 3 50.68 -13.60 7.05
N VAL B 4 49.49 -14.20 7.05
CA VAL B 4 49.33 -15.64 7.27
C VAL B 4 48.44 -16.19 6.18
N LYS B 5 48.48 -17.51 6.01
CA LYS B 5 47.79 -18.21 4.95
C LYS B 5 46.73 -19.13 5.56
N LEU B 6 45.47 -18.92 5.19
CA LEU B 6 44.39 -19.81 5.58
C LEU B 6 44.01 -20.62 4.35
N ILE B 7 43.97 -21.94 4.48
CA ILE B 7 43.73 -22.84 3.37
C ILE B 7 42.39 -23.52 3.58
N SER B 8 41.55 -23.47 2.54
CA SER B 8 40.21 -24.02 2.61
C SER B 8 40.25 -25.52 2.33
N SER B 9 39.14 -26.20 2.58
CA SER B 9 39.11 -27.65 2.41
C SER B 9 39.45 -28.04 0.96
N ASP B 10 39.06 -27.21 -0.01
CA ASP B 10 39.32 -27.47 -1.42
C ASP B 10 40.61 -26.83 -1.96
N GLY B 11 41.59 -26.50 -1.10
CA GLY B 11 42.87 -26.06 -1.59
C GLY B 11 43.03 -24.60 -1.97
N HIS B 12 41.99 -23.75 -1.93
CA HIS B 12 42.21 -22.32 -2.16
C HIS B 12 43.02 -21.74 -1.00
N GLU B 13 43.95 -20.87 -1.33
CA GLU B 13 44.81 -20.26 -0.30
C GLU B 13 44.46 -18.79 -0.15
N PHE B 14 44.02 -18.41 1.05
CA PHE B 14 43.65 -17.03 1.38
C PHE B 14 44.75 -16.45 2.25
N ILE B 15 45.28 -15.29 1.85
CA ILE B 15 46.40 -14.68 2.55
C ILE B 15 45.90 -13.37 3.14
N VAL B 16 45.82 -13.30 4.47
CA VAL B 16 45.30 -12.15 5.20
C VAL B 16 46.37 -11.64 6.16
N LYS B 17 46.19 -10.39 6.59
CA LYS B 17 47.09 -9.82 7.60
C LYS B 17 47.01 -10.61 8.91
N ARG B 18 48.16 -10.78 9.55
CA ARG B 18 48.19 -11.59 10.77
C ARG B 18 47.27 -11.02 11.86
N GLU B 19 47.24 -9.69 12.01
CA GLU B 19 46.34 -9.11 13.00
C GLU B 19 44.88 -9.45 12.70
N HIS B 20 44.46 -9.38 11.43
CA HIS B 20 43.09 -9.76 11.10
C HIS B 20 42.83 -11.22 11.49
N ALA B 21 43.81 -12.09 11.28
CA ALA B 21 43.59 -13.51 11.58
C ALA B 21 43.61 -13.76 13.09
N LEU B 22 44.40 -13.00 13.86
CA LEU B 22 44.41 -13.18 15.32
C LEU B 22 43.15 -12.66 15.99
N THR B 23 42.19 -12.10 15.22
CA THR B 23 40.87 -11.81 15.75
C THR B 23 40.15 -13.07 16.20
N SER B 24 40.48 -14.22 15.62
CA SER B 24 39.90 -15.47 16.05
C SER B 24 40.81 -16.16 17.07
N GLY B 25 40.26 -16.43 18.26
CA GLY B 25 41.03 -17.14 19.25
C GLY B 25 41.42 -18.51 18.76
N THR B 26 40.50 -19.18 18.03
CA THR B 26 40.76 -20.49 17.45
C THR B 26 41.92 -20.46 16.44
N ILE B 27 41.98 -19.42 15.60
CA ILE B 27 43.10 -19.29 14.66
C ILE B 27 44.41 -18.98 15.41
N LYS B 28 44.36 -18.10 16.42
CA LYS B 28 45.56 -17.82 17.21
C LYS B 28 46.17 -19.12 17.76
N ALA B 29 45.32 -20.03 18.26
CA ALA B 29 45.79 -21.32 18.73
C ALA B 29 46.31 -22.20 17.59
N MET B 30 45.62 -22.25 16.44
CA MET B 30 46.18 -23.11 15.41
C MET B 30 47.47 -22.56 14.80
N LEU B 31 47.86 -21.32 15.13
CA LEU B 31 49.14 -20.79 14.69
C LEU B 31 50.17 -20.95 15.79
N SER B 32 49.84 -20.49 17.00
CA SER B 32 50.56 -20.77 18.25
C SER B 32 50.68 -22.26 18.56
N THR B 42 54.19 -21.72 13.32
CA THR B 42 53.72 -21.86 11.94
C THR B 42 52.94 -20.63 11.41
N ASN B 43 52.88 -20.49 10.08
CA ASN B 43 52.18 -19.39 9.45
C ASN B 43 51.10 -19.83 8.47
N GLU B 44 50.77 -21.12 8.45
CA GLU B 44 49.73 -21.66 7.59
C GLU B 44 48.76 -22.42 8.47
N VAL B 45 47.47 -22.37 8.12
CA VAL B 45 46.44 -23.11 8.82
C VAL B 45 45.59 -23.82 7.76
N ASN B 46 45.38 -25.10 7.95
CA ASN B 46 44.58 -25.89 7.03
C ASN B 46 43.24 -26.12 7.68
N PHE B 47 42.17 -25.85 6.94
CA PHE B 47 40.81 -26.01 7.42
C PHE B 47 40.19 -27.15 6.61
N ARG B 48 40.34 -28.38 7.14
CA ARG B 48 39.83 -29.57 6.48
C ARG B 48 38.30 -29.54 6.32
N GLU B 49 37.61 -28.70 7.09
CA GLU B 49 36.15 -28.69 7.12
C GLU B 49 35.51 -27.47 6.46
N ILE B 50 36.27 -26.47 6.03
CA ILE B 50 35.66 -25.22 5.59
C ILE B 50 35.98 -24.97 4.12
N PRO B 51 35.01 -24.99 3.23
CA PRO B 51 35.30 -24.74 1.81
C PRO B 51 35.48 -23.26 1.51
N SER B 52 36.02 -23.01 0.32
CA SER B 52 36.50 -21.67 -0.04
C SER B 52 35.38 -20.63 -0.14
N HIS B 53 34.17 -21.02 -0.58
CA HIS B 53 33.05 -20.06 -0.57
C HIS B 53 32.60 -19.67 0.84
N VAL B 54 33.00 -20.41 1.86
CA VAL B 54 32.77 -19.97 3.23
C VAL B 54 33.98 -19.21 3.76
N LEU B 55 35.18 -19.74 3.53
CA LEU B 55 36.38 -19.11 4.09
C LEU B 55 36.64 -17.71 3.50
N SER B 56 36.26 -17.50 2.24
CA SER B 56 36.36 -16.16 1.67
C SER B 56 35.46 -15.19 2.44
N LYS B 57 34.27 -15.64 2.85
CA LYS B 57 33.38 -14.77 3.60
C LYS B 57 33.94 -14.47 4.99
N VAL B 58 34.53 -15.47 5.64
CA VAL B 58 35.21 -15.27 6.91
C VAL B 58 36.27 -14.17 6.80
N CYS B 59 37.11 -14.22 5.75
CA CYS B 59 38.13 -13.19 5.56
C CYS B 59 37.51 -11.82 5.28
N MET B 60 36.45 -11.76 4.47
CA MET B 60 35.76 -10.49 4.27
C MET B 60 35.28 -9.94 5.61
N TYR B 61 34.85 -10.83 6.51
CA TYR B 61 34.39 -10.41 7.83
C TYR B 61 35.51 -9.81 8.68
N PHE B 62 36.70 -10.44 8.68
CA PHE B 62 37.87 -9.85 9.34
C PHE B 62 38.09 -8.40 8.88
N THR B 63 38.13 -8.17 7.57
CA THR B 63 38.33 -6.80 7.11
C THR B 63 37.19 -5.89 7.59
N TYR B 64 35.97 -6.39 7.57
CA TYR B 64 34.83 -5.60 8.00
C TYR B 64 34.89 -5.26 9.48
N LYS B 65 35.26 -6.23 10.32
CA LYS B 65 35.31 -5.99 11.76
C LYS B 65 36.42 -5.02 12.11
N VAL B 66 37.60 -5.26 11.58
CA VAL B 66 38.71 -4.37 11.90
C VAL B 66 38.39 -2.95 11.45
N ARG B 67 37.70 -2.82 10.33
CA ARG B 67 37.39 -1.50 9.76
C ARG B 67 36.36 -0.76 10.61
N TYR B 68 35.37 -1.47 11.15
CA TYR B 68 34.22 -0.79 11.67
C TYR B 68 34.07 -0.86 13.18
N THR B 69 34.84 -1.69 13.88
CA THR B 69 34.84 -1.62 15.34
C THR B 69 35.39 -0.27 15.77
N ASN B 70 34.64 0.42 16.64
CA ASN B 70 35.03 1.72 17.20
C ASN B 70 35.21 2.79 16.12
N SER B 71 34.12 3.13 15.43
CA SER B 71 34.26 4.22 14.49
C SER B 71 33.00 5.08 14.36
N SER B 72 31.89 4.71 14.98
CA SER B 72 30.73 5.60 15.18
C SER B 72 30.16 6.43 14.03
N THR B 73 30.87 6.50 12.90
CA THR B 73 30.22 6.82 11.64
C THR B 73 28.94 6.00 11.47
N GLU B 74 28.74 5.44 10.29
CA GLU B 74 27.60 4.56 10.10
C GLU B 74 28.12 3.25 9.58
N ILE B 75 27.72 2.17 10.25
CA ILE B 75 28.21 0.83 9.97
C ILE B 75 27.22 0.20 9.00
N PRO B 76 27.65 -0.32 7.87
CA PRO B 76 26.71 -1.00 6.97
C PRO B 76 26.50 -2.42 7.45
N GLU B 77 25.42 -3.02 6.96
CA GLU B 77 25.11 -4.40 7.29
C GLU B 77 26.14 -5.31 6.63
N PHE B 78 26.52 -6.36 7.34
CA PHE B 78 27.39 -7.36 6.74
C PHE B 78 26.57 -8.38 5.95
N PRO B 79 26.77 -8.48 4.64
CA PRO B 79 25.87 -9.31 3.81
C PRO B 79 26.19 -10.79 3.90
N ILE B 80 25.16 -11.61 3.99
CA ILE B 80 25.27 -13.06 3.95
C ILE B 80 24.20 -13.61 3.02
N ALA B 81 24.61 -14.15 1.88
CA ALA B 81 23.68 -14.75 0.95
C ALA B 81 23.05 -15.97 1.61
N PRO B 82 21.75 -16.22 1.39
CA PRO B 82 21.11 -17.39 2.02
C PRO B 82 21.77 -18.71 1.66
N GLU B 83 22.32 -18.84 0.45
CA GLU B 83 22.89 -20.10 -0.02
C GLU B 83 24.10 -20.56 0.82
N ILE B 84 24.75 -19.66 1.56
CA ILE B 84 25.94 -19.95 2.35
C ILE B 84 25.70 -19.77 3.84
N ALA B 85 24.51 -19.32 4.24
CA ALA B 85 24.28 -18.92 5.62
C ALA B 85 24.57 -20.06 6.60
N LEU B 86 24.17 -21.30 6.26
CA LEU B 86 24.31 -22.35 7.26
C LEU B 86 25.75 -22.80 7.43
N GLU B 87 26.46 -22.99 6.32
CA GLU B 87 27.87 -23.38 6.44
C GLU B 87 28.67 -22.29 7.13
N LEU B 88 28.34 -21.01 6.85
CA LEU B 88 29.02 -19.91 7.51
C LEU B 88 28.79 -19.96 9.01
N LEU B 89 27.54 -20.23 9.43
CA LEU B 89 27.25 -20.38 10.86
C LEU B 89 28.05 -21.52 11.46
N MET B 90 28.13 -22.64 10.75
CA MET B 90 28.92 -23.75 11.29
C MET B 90 30.37 -23.33 11.49
N ALA B 91 30.97 -22.64 10.50
CA ALA B 91 32.37 -22.24 10.68
C ALA B 91 32.49 -21.18 11.77
N ALA B 92 31.56 -20.22 11.79
CA ALA B 92 31.62 -19.16 12.80
C ALA B 92 31.51 -19.75 14.19
N ASN B 93 30.61 -20.73 14.38
CA ASN B 93 30.49 -21.40 15.68
C ASN B 93 31.80 -22.07 16.08
N PHE B 94 32.46 -22.76 15.14
CA PHE B 94 33.68 -23.48 15.48
C PHE B 94 34.85 -22.53 15.77
N LEU B 95 34.93 -21.42 15.03
CA LEU B 95 36.02 -20.46 15.20
C LEU B 95 35.71 -19.44 16.29
N ASP B 96 34.50 -19.47 16.83
CA ASP B 96 34.02 -18.44 17.77
C ASP B 96 34.28 -17.04 17.20
N CYS B 97 33.89 -16.84 15.93
CA CYS B 97 34.03 -15.61 15.16
C CYS B 97 32.86 -14.65 15.50
N VAL C 11 15.99 -2.27 39.21
CA VAL C 11 17.21 -1.50 39.56
C VAL C 11 17.61 -0.63 38.37
N LEU C 12 17.17 -1.04 37.18
CA LEU C 12 17.40 -0.29 35.92
C LEU C 12 16.08 0.35 35.54
N ARG C 13 15.87 1.61 35.90
CA ARG C 13 14.56 2.25 35.58
C ARG C 13 14.74 3.73 35.30
N SER C 14 13.70 4.35 34.75
CA SER C 14 13.72 5.78 34.50
C SER C 14 13.61 6.50 35.83
N VAL C 15 14.32 7.59 35.95
CA VAL C 15 14.19 8.47 37.10
C VAL C 15 13.08 9.47 36.83
N ASN C 16 12.13 9.55 37.74
CA ASN C 16 10.97 10.45 37.61
C ASN C 16 11.35 11.89 37.94
N SER C 17 12.19 12.47 37.08
CA SER C 17 12.70 13.79 37.35
C SER C 17 11.64 14.85 37.09
N ARG C 18 10.67 14.55 36.23
CA ARG C 18 9.69 15.55 35.79
C ARG C 18 10.32 16.80 35.19
N GLU C 19 11.59 16.75 34.72
CA GLU C 19 12.22 17.82 33.96
C GLU C 19 12.26 17.47 32.48
N PRO C 20 11.55 18.18 31.62
CA PRO C 20 11.46 17.75 30.22
C PRO C 20 12.82 17.75 29.54
N SER C 21 12.98 16.81 28.62
CA SER C 21 14.21 16.72 27.85
C SER C 21 13.85 16.33 26.43
N GLN C 22 14.29 17.17 25.51
CA GLN C 22 13.85 17.20 24.14
C GLN C 22 14.91 16.46 23.32
N VAL C 23 14.45 15.47 22.57
CA VAL C 23 15.37 14.54 21.93
C VAL C 23 14.99 14.24 20.49
N ILE C 24 16.01 13.89 19.68
CA ILE C 24 15.86 13.43 18.29
C ILE C 24 16.29 11.98 18.15
N PHE C 25 15.35 11.10 17.82
CA PHE C 25 15.69 9.74 17.48
C PHE C 25 16.15 9.71 16.04
N CAS C 26 17.43 9.45 15.80
CA CAS C 26 17.88 9.38 14.44
CB CAS C 26 18.97 10.44 14.28
C CAS C 26 18.30 7.96 14.06
O CAS C 26 19.31 7.39 14.58
SG CAS C 26 19.70 10.20 12.70
AS CAS C 26 18.19 11.12 11.35
CE1 CAS C 26 17.47 12.95 11.65
CE2 CAS C 26 17.64 9.98 9.82
N ASN C 27 17.52 7.34 13.19
CA ASN C 27 17.78 5.93 12.85
C ASN C 27 18.76 5.80 11.65
N ARG C 28 20.06 5.73 11.96
CA ARG C 28 21.15 5.55 11.00
C ARG C 28 21.50 4.07 10.84
N SER C 29 20.50 3.24 10.63
CA SER C 29 20.63 1.81 10.46
C SER C 29 19.72 1.39 9.33
N PRO C 30 19.98 0.24 8.72
CA PRO C 30 19.03 -0.32 7.73
C PRO C 30 17.88 -1.09 8.36
N ARG C 31 17.71 -1.07 9.69
CA ARG C 31 16.61 -1.80 10.32
C ARG C 31 15.46 -0.85 10.67
N VAL C 32 14.26 -1.40 10.75
CA VAL C 32 13.16 -0.73 11.43
C VAL C 32 13.43 -0.77 12.93
N VAL C 33 13.51 0.40 13.55
CA VAL C 33 13.95 0.52 14.94
C VAL C 33 12.70 0.64 15.82
N LEU C 34 12.66 -0.18 16.89
CA LEU C 34 11.67 -0.12 17.96
C LEU C 34 12.30 0.57 19.16
N PRO C 35 11.89 1.79 19.49
CA PRO C 35 12.38 2.43 20.72
C PRO C 35 11.64 1.85 21.90
N VAL C 36 12.36 1.70 23.01
CA VAL C 36 11.81 1.08 24.21
C VAL C 36 12.13 1.96 25.41
N TRP C 37 11.10 2.42 26.12
CA TRP C 37 11.27 3.23 27.32
C TRP C 37 11.14 2.32 28.53
N LEU C 38 12.09 2.43 29.46
CA LEU C 38 12.00 1.69 30.71
C LEU C 38 11.27 2.55 31.74
N ASN C 39 10.06 2.11 32.14
CA ASN C 39 9.26 3.01 32.97
C ASN C 39 9.79 3.02 34.40
N PHE C 40 9.10 3.76 35.27
CA PHE C 40 9.58 3.97 36.62
C PHE C 40 9.59 2.67 37.44
N ASP C 41 8.89 1.64 36.99
CA ASP C 41 8.98 0.31 37.58
C ASP C 41 10.00 -0.61 36.91
N GLY C 42 10.69 -0.15 35.86
CA GLY C 42 11.61 -1.00 35.10
C GLY C 42 10.97 -1.82 33.99
N GLU C 43 9.67 -1.64 33.74
CA GLU C 43 9.01 -2.41 32.70
C GLU C 43 9.27 -1.79 31.33
N PRO C 44 9.67 -2.57 30.34
CA PRO C 44 9.91 -1.99 29.01
C PRO C 44 8.61 -1.58 28.33
N GLN C 45 8.60 -0.38 27.77
CA GLN C 45 7.44 0.17 27.08
C GLN C 45 7.80 0.48 25.64
N PRO C 46 7.19 -0.17 24.65
CA PRO C 46 7.53 0.12 23.26
C PRO C 46 6.87 1.40 22.79
N TYR C 47 7.58 2.13 21.94
CA TYR C 47 7.10 3.33 21.27
C TYR C 47 6.96 3.02 19.79
N PRO C 48 6.34 3.92 19.01
CA PRO C 48 6.14 3.60 17.58
C PRO C 48 7.47 3.46 16.85
N THR C 49 7.49 2.57 15.84
CA THR C 49 8.72 2.19 15.15
C THR C 49 9.18 3.29 14.19
N LEU C 50 10.48 3.27 13.89
CA LEU C 50 11.17 4.22 13.01
C LEU C 50 11.65 3.49 11.78
N PRO C 51 11.21 3.88 10.60
CA PRO C 51 11.74 3.30 9.36
C PRO C 51 13.23 3.60 9.18
N PRO C 52 13.93 2.77 8.39
CA PRO C 52 15.37 3.01 8.17
C PRO C 52 15.68 4.39 7.62
N GLY C 53 16.77 4.98 8.11
CA GLY C 53 17.21 6.28 7.65
C GLY C 53 16.29 7.44 7.97
N THR C 54 15.30 7.24 8.83
CA THR C 54 14.36 8.29 9.16
C THR C 54 14.62 8.82 10.56
N GLY C 55 14.08 9.99 10.83
CA GLY C 55 14.22 10.56 12.14
C GLY C 55 12.86 10.87 12.75
N ARG C 56 12.82 11.12 14.05
CA ARG C 56 11.57 11.45 14.72
C ARG C 56 11.94 12.19 15.99
N ARG C 57 11.19 13.24 16.28
CA ARG C 57 11.54 14.05 17.43
C ARG C 57 10.59 13.75 18.60
N ILE C 58 11.18 13.69 19.81
CA ILE C 58 10.57 13.03 20.95
C ILE C 58 10.61 13.93 22.18
N HIS C 59 9.51 13.94 22.90
CA HIS C 59 9.42 14.63 24.19
C HIS C 59 9.71 13.60 25.28
N SER C 60 10.80 13.82 26.01
CA SER C 60 11.20 12.90 27.07
C SER C 60 11.59 13.74 28.29
N TYR C 61 12.31 13.12 29.22
CA TYR C 61 12.67 13.77 30.46
C TYR C 61 14.07 13.36 30.85
N ARG C 62 14.75 14.24 31.58
CA ARG C 62 16.09 13.95 32.06
C ARG C 62 16.04 12.73 32.99
N GLY C 63 17.02 11.86 32.83
CA GLY C 63 17.09 10.68 33.66
C GLY C 63 16.27 9.50 33.17
N HIS C 64 15.54 9.65 32.07
CA HIS C 64 14.81 8.51 31.54
C HIS C 64 15.74 7.56 30.79
N LEU C 65 15.33 6.30 30.69
CA LEU C 65 16.16 5.26 30.09
C LEU C 65 15.47 4.73 28.84
N TRP C 66 16.21 4.74 27.74
CA TRP C 66 15.77 4.20 26.47
C TRP C 66 16.78 3.20 25.98
N LEU C 67 16.29 2.16 25.31
CA LEU C 67 17.14 1.32 24.50
C LEU C 67 16.44 1.09 23.16
N PHE C 68 17.15 0.53 22.18
CA PHE C 68 16.59 0.41 20.84
C PHE C 68 16.89 -0.96 20.25
N ARG C 69 15.96 -1.45 19.45
N ARG C 69 15.95 -1.43 19.44
CA ARG C 69 16.00 -2.83 19.02
CA ARG C 69 15.91 -2.81 19.00
C ARG C 69 15.43 -2.91 17.61
C ARG C 69 15.48 -2.86 17.55
N ASP C 70 15.79 -3.96 16.89
CA ASP C 70 15.18 -4.22 15.59
C ASP C 70 13.71 -4.56 15.83
N ALA C 71 12.80 -3.83 15.19
CA ALA C 71 11.39 -4.01 15.51
C ALA C 71 10.91 -5.42 15.16
N GLY C 72 11.47 -6.04 14.13
CA GLY C 72 10.97 -7.35 13.75
C GLY C 72 11.59 -8.52 14.51
N THR C 73 12.86 -8.41 14.85
CA THR C 73 13.62 -9.52 15.39
C THR C 73 14.14 -9.27 16.78
N HIS C 74 14.11 -8.03 17.25
CA HIS C 74 14.66 -7.61 18.54
C HIS C 74 16.18 -7.69 18.62
N ASP C 75 16.87 -7.83 17.47
CA ASP C 75 18.33 -7.68 17.50
C ASP C 75 18.69 -6.35 18.15
N GLY C 76 19.70 -6.36 18.99
CA GLY C 76 20.09 -5.15 19.70
C GLY C 76 20.79 -4.18 18.76
N LEU C 77 20.57 -2.90 19.04
CA LEU C 77 21.14 -1.80 18.29
C LEU C 77 21.85 -0.89 19.27
N LEU C 78 22.73 -0.06 18.73
CA LEU C 78 23.44 0.93 19.52
C LEU C 78 22.79 2.30 19.36
N VAL C 79 22.94 3.13 20.39
CA VAL C 79 22.45 4.49 20.33
C VAL C 79 23.55 5.35 20.91
N ASN C 80 24.06 6.31 20.11
CA ASN C 80 25.28 7.04 20.47
C ASN C 80 26.32 6.08 21.04
N GLN C 81 26.44 4.89 20.43
CA GLN C 81 27.21 3.78 20.99
C GLN C 81 26.63 3.41 22.35
N THR C 82 27.08 2.32 22.92
CA THR C 82 26.54 1.88 24.20
C THR C 82 25.06 1.49 24.02
N GLU C 83 24.49 0.77 24.96
CA GLU C 83 23.15 0.23 24.73
C GLU C 83 22.04 1.07 25.31
N LEU C 84 22.35 2.02 26.19
CA LEU C 84 21.30 2.81 26.80
C LEU C 84 21.50 4.28 26.48
N PHE C 85 20.38 4.95 26.27
CA PHE C 85 20.33 6.39 26.00
C PHE C 85 19.56 7.03 27.14
N VAL C 86 20.19 7.99 27.81
CA VAL C 86 19.53 8.71 28.89
C VAL C 86 19.54 10.19 28.54
N PRO C 87 18.37 10.78 28.28
CA PRO C 87 18.32 12.21 27.94
C PRO C 87 18.92 13.05 29.06
N SER C 88 19.65 14.07 28.64
CA SER C 88 20.37 14.99 29.50
C SER C 88 19.74 16.39 29.43
N LEU C 89 20.49 17.37 29.92
CA LEU C 89 20.04 18.75 29.89
C LEU C 89 20.20 19.31 28.47
N ASN C 90 19.17 19.99 27.98
CA ASN C 90 19.18 20.60 26.64
C ASN C 90 19.86 21.97 26.69
N VAL C 91 21.12 22.03 26.27
CA VAL C 91 21.87 23.28 26.28
C VAL C 91 21.70 24.08 24.97
N GLN C 94 19.81 22.67 20.60
CA GLN C 94 19.04 22.48 21.83
C GLN C 94 18.59 21.01 22.07
N PRO C 95 17.93 20.34 21.10
CA PRO C 95 17.57 18.93 21.33
C PRO C 95 18.80 18.00 21.29
N ILE C 96 18.73 16.94 22.10
CA ILE C 96 19.78 15.93 22.17
C ILE C 96 19.61 14.92 21.04
N PHE C 97 20.70 14.59 20.35
CA PHE C 97 20.64 13.59 19.28
C PHE C 97 20.94 12.19 19.80
N ALA C 98 20.04 11.26 19.44
CA ALA C 98 20.18 9.84 19.73
C ALA C 98 20.39 9.13 18.39
N ASN C 99 21.66 8.89 18.04
CA ASN C 99 22.01 8.26 16.75
C ASN C 99 21.96 6.74 16.89
N ILE C 100 21.02 6.13 16.21
CA ILE C 100 20.77 4.70 16.33
C ILE C 100 21.48 4.02 15.17
N THR C 101 22.41 3.10 15.49
CA THR C 101 23.22 2.45 14.47
C THR C 101 23.30 0.95 14.69
N LEU C 102 23.68 0.24 13.61
CA LEU C 102 24.08 -1.15 13.74
C LEU C 102 25.30 -1.28 14.64
N PRO C 103 25.34 -2.28 15.51
CA PRO C 103 26.62 -2.71 16.10
C PRO C 103 27.41 -3.53 15.08
N VAL C 104 28.68 -3.76 15.37
CA VAL C 104 29.40 -4.79 14.64
C VAL C 104 29.06 -6.13 15.27
N TYR C 105 28.06 -6.84 14.75
CA TYR C 105 27.75 -8.15 15.31
C TYR C 105 28.93 -9.11 15.14
N THR C 106 29.04 -10.08 16.05
CA THR C 106 29.89 -11.22 15.75
C THR C 106 29.40 -11.91 14.48
N LEU C 107 30.33 -12.58 13.80
CA LEU C 107 29.92 -13.37 12.64
C LEU C 107 28.94 -14.46 13.05
N LYS C 108 29.11 -15.07 14.24
CA LYS C 108 28.13 -16.07 14.70
C LYS C 108 26.74 -15.47 14.83
N GLU C 109 26.63 -14.37 15.59
CA GLU C 109 25.29 -13.81 15.80
C GLU C 109 24.69 -13.33 14.49
N ARG C 110 25.52 -12.80 13.58
CA ARG C 110 24.98 -12.34 12.30
C ARG C 110 24.49 -13.52 11.46
N CYS C 111 25.14 -14.67 11.55
CA CYS C 111 24.62 -15.85 10.84
C CYS C 111 23.31 -16.34 11.46
N LEU C 112 23.20 -16.27 12.79
CA LEU C 112 21.95 -16.66 13.43
C LEU C 112 20.82 -15.74 12.99
N GLN C 113 21.08 -14.44 12.85
CA GLN C 113 20.03 -13.54 12.37
C GLN C 113 19.55 -13.93 10.97
N VAL C 114 20.47 -14.25 10.07
CA VAL C 114 20.05 -14.55 8.71
C VAL C 114 19.34 -15.89 8.66
N VAL C 115 19.88 -16.91 9.32
CA VAL C 115 19.22 -18.21 9.37
C VAL C 115 17.83 -18.10 10.02
N ARG C 116 17.74 -17.43 11.17
CA ARG C 116 16.42 -17.24 11.80
C ARG C 116 15.42 -16.59 10.83
N SER C 117 15.89 -15.64 10.01
CA SER C 117 15.02 -14.96 9.07
C SER C 117 14.57 -15.84 7.92
N LEU C 118 15.21 -16.99 7.72
CA LEU C 118 14.85 -17.88 6.61
C LEU C 118 14.15 -19.16 7.05
N VAL C 119 14.33 -19.57 8.30
CA VAL C 119 13.77 -20.80 8.83
C VAL C 119 12.71 -20.47 9.87
N LYS C 120 11.53 -21.08 9.72
CA LYS C 120 10.49 -20.97 10.73
C LYS C 120 10.92 -21.72 11.98
N PRO C 121 10.62 -21.21 13.17
CA PRO C 121 11.21 -21.82 14.39
C PRO C 121 10.74 -23.25 14.61
N GLU C 122 9.61 -23.64 14.01
CA GLU C 122 9.23 -25.05 13.90
C GLU C 122 10.37 -25.90 13.36
N ASN C 123 11.04 -25.42 12.30
CA ASN C 123 11.94 -26.25 11.51
C ASN C 123 13.40 -26.06 11.87
N TYR C 124 13.71 -25.33 12.95
CA TYR C 124 15.09 -25.24 13.40
C TYR C 124 15.69 -26.63 13.59
N ARG C 125 14.91 -27.54 14.18
CA ARG C 125 15.36 -28.89 14.47
C ARG C 125 15.42 -29.76 13.21
N ARG C 126 15.06 -29.23 12.06
CA ARG C 126 15.21 -29.94 10.80
C ARG C 126 16.51 -29.62 10.06
N LEU C 127 17.32 -28.69 10.56
CA LEU C 127 18.57 -28.34 9.89
C LEU C 127 19.73 -29.15 10.46
N ASP C 128 20.68 -29.53 9.57
CA ASP C 128 21.76 -30.43 9.96
C ASP C 128 22.95 -29.63 10.47
N ILE C 129 22.99 -29.43 11.79
CA ILE C 129 24.08 -28.75 12.50
C ILE C 129 24.17 -29.36 13.90
N VAL C 130 25.26 -29.03 14.61
CA VAL C 130 25.43 -29.48 15.99
C VAL C 130 24.22 -29.04 16.82
N ARG C 131 23.85 -29.86 17.81
CA ARG C 131 22.68 -29.56 18.63
C ARG C 131 22.82 -28.19 19.30
N SER C 132 24.04 -27.83 19.68
CA SER C 132 24.27 -26.57 20.38
C SER C 132 23.80 -25.39 19.54
N LEU C 133 23.77 -25.54 18.22
CA LEU C 133 23.27 -24.47 17.35
C LEU C 133 21.76 -24.37 17.35
N TYR C 134 21.06 -25.49 17.61
CA TYR C 134 19.61 -25.43 17.81
C TYR C 134 19.25 -24.54 18.99
N GLU C 135 19.95 -24.73 20.10
CA GLU C 135 19.73 -23.88 21.26
C GLU C 135 20.13 -22.43 21.00
N ASP C 136 21.21 -22.22 20.24
CA ASP C 136 21.65 -20.86 19.94
C ASP C 136 20.63 -20.16 19.04
N LEU C 137 20.10 -20.88 18.05
CA LEU C 137 19.05 -20.38 17.16
C LEU C 137 17.75 -20.10 17.90
N GLU C 138 17.38 -20.99 18.84
CA GLU C 138 16.11 -20.84 19.56
C GLU C 138 16.15 -19.73 20.60
N ASP C 139 17.37 -19.36 21.08
CA ASP C 139 17.55 -18.28 22.07
C ASP C 139 17.62 -16.88 21.41
N HIS C 140 16.43 -16.44 20.98
CA HIS C 140 16.02 -15.19 20.36
C HIS C 140 16.52 -14.02 21.19
N PRO C 141 16.98 -12.94 20.55
CA PRO C 141 17.22 -11.71 21.29
C PRO C 141 15.91 -11.27 21.94
N ASN C 142 16.01 -10.77 23.17
CA ASN C 142 14.85 -10.55 24.00
C ASN C 142 15.18 -9.42 24.96
N VAL C 143 14.30 -8.44 25.08
CA VAL C 143 14.67 -7.29 25.88
C VAL C 143 14.77 -7.68 27.36
N GLN C 144 13.83 -8.50 27.86
CA GLN C 144 13.86 -8.92 29.27
C GLN C 144 15.13 -9.71 29.59
N LYS C 145 15.56 -10.57 28.67
CA LYS C 145 16.85 -11.25 28.81
C LYS C 145 18.00 -10.24 28.92
N ASP C 146 18.07 -9.29 27.98
CA ASP C 146 19.13 -8.28 28.03
C ASP C 146 19.01 -7.40 29.25
N LEU C 147 17.80 -7.19 29.75
CA LEU C 147 17.64 -6.41 30.96
C LEU C 147 18.24 -7.14 32.17
N GLU C 148 18.19 -8.49 32.17
CA GLU C 148 18.87 -9.24 33.23
C GLU C 148 20.34 -8.86 33.15
N ARG C 149 20.88 -8.14 34.14
CA ARG C 149 22.29 -7.78 34.16
C ARG C 149 22.62 -6.88 35.34
N LEU C 150 23.77 -7.12 35.97
CA LEU C 150 24.26 -6.22 37.03
C LEU C 150 24.76 -4.94 36.34
N MET D 1 2.77 -17.55 -15.09
CA MET D 1 2.17 -18.44 -14.11
C MET D 1 2.79 -19.84 -14.28
N ASP D 2 2.40 -20.77 -13.40
CA ASP D 2 2.91 -22.13 -13.42
C ASP D 2 2.11 -23.02 -14.37
N VAL D 3 2.83 -23.89 -15.07
CA VAL D 3 2.26 -24.80 -16.05
C VAL D 3 2.72 -26.19 -15.63
N PHE D 4 1.83 -27.18 -15.73
CA PHE D 4 2.11 -28.51 -15.18
C PHE D 4 2.05 -29.55 -16.28
N LEU D 5 3.09 -30.39 -16.34
CA LEU D 5 3.42 -31.19 -17.51
C LEU D 5 3.65 -32.65 -17.20
N MET D 6 3.39 -33.47 -18.21
CA MET D 6 3.79 -34.86 -18.30
C MET D 6 4.67 -34.92 -19.54
N ILE D 7 5.95 -35.19 -19.36
CA ILE D 7 6.88 -35.42 -20.45
C ILE D 7 6.95 -36.91 -20.69
N ARG D 8 6.53 -37.36 -21.87
CA ARG D 8 6.29 -38.77 -22.09
C ARG D 8 7.02 -39.30 -23.32
N ARG D 9 7.66 -40.46 -23.13
CA ARG D 9 8.35 -41.24 -24.14
C ARG D 9 8.16 -42.70 -23.82
N HIS D 10 7.68 -43.46 -24.79
CA HIS D 10 7.57 -44.91 -24.69
C HIS D 10 6.71 -45.25 -23.47
N LYS D 11 7.28 -45.84 -22.41
CA LYS D 11 6.58 -46.15 -21.17
C LYS D 11 7.10 -45.32 -20.00
N THR D 12 7.61 -44.12 -20.29
CA THR D 12 8.14 -43.21 -19.28
C THR D 12 7.32 -41.93 -19.24
N THR D 13 7.02 -41.46 -18.02
CA THR D 13 6.27 -40.23 -17.80
C THR D 13 6.92 -39.47 -16.64
N ILE D 14 7.39 -38.26 -16.92
CA ILE D 14 7.96 -37.37 -15.92
C ILE D 14 6.92 -36.32 -15.55
N PHE D 15 6.54 -36.27 -14.28
CA PHE D 15 5.69 -35.20 -13.77
C PHE D 15 6.58 -34.07 -13.30
N THR D 16 6.45 -32.91 -13.93
CA THR D 16 7.19 -31.71 -13.55
C THR D 16 6.33 -30.50 -13.88
N ASP D 17 6.74 -29.35 -13.40
CA ASP D 17 6.08 -28.07 -13.65
C ASP D 17 7.11 -27.13 -14.25
N ALA D 18 6.64 -26.08 -14.89
CA ALA D 18 7.50 -25.03 -15.41
C ALA D 18 6.69 -23.75 -15.52
N LYS D 19 7.38 -22.66 -15.82
CA LYS D 19 6.71 -21.38 -15.99
C LYS D 19 6.29 -21.18 -17.44
N GLU D 20 5.18 -20.45 -17.62
CA GLU D 20 4.71 -20.18 -18.97
C GLU D 20 5.79 -19.51 -19.84
N SER D 21 6.64 -18.67 -19.23
CA SER D 21 7.67 -17.93 -19.95
C SER D 21 8.97 -18.72 -20.15
N SER D 22 9.16 -19.83 -19.46
CA SER D 22 10.36 -20.63 -19.65
C SER D 22 10.37 -21.19 -21.07
N THR D 23 11.55 -21.58 -21.55
CA THR D 23 11.63 -21.95 -22.96
C THR D 23 11.72 -23.45 -23.14
N VAL D 24 11.32 -23.88 -24.34
CA VAL D 24 11.40 -25.29 -24.72
C VAL D 24 12.78 -25.85 -24.42
N PHE D 25 13.79 -25.02 -24.58
CA PHE D 25 15.17 -25.42 -24.31
C PHE D 25 15.43 -25.64 -22.81
N GLU D 26 15.00 -24.70 -21.98
CA GLU D 26 15.16 -24.87 -20.54
C GLU D 26 14.40 -26.10 -20.05
N LEU D 27 13.27 -26.43 -20.67
CA LEU D 27 12.59 -27.70 -20.39
C LEU D 27 13.43 -28.88 -20.84
N LYS D 28 14.17 -28.74 -21.93
CA LYS D 28 15.09 -29.81 -22.32
C LYS D 28 16.20 -29.95 -21.29
N ARG D 29 16.59 -28.87 -20.64
CA ARG D 29 17.62 -29.07 -19.64
C ARG D 29 17.05 -29.72 -18.39
N ILE D 30 15.76 -29.51 -18.09
CA ILE D 30 15.14 -30.24 -16.99
C ILE D 30 15.17 -31.75 -17.30
N VAL D 31 14.77 -32.13 -18.52
CA VAL D 31 14.80 -33.55 -18.92
C VAL D 31 16.21 -34.12 -18.81
N GLU D 32 17.23 -33.28 -19.01
CA GLU D 32 18.62 -33.74 -18.91
C GLU D 32 18.96 -34.17 -17.49
N GLY D 33 18.56 -33.36 -16.51
CA GLY D 33 18.81 -33.69 -15.11
C GLY D 33 18.18 -35.00 -14.69
N ILE D 34 17.09 -35.39 -15.34
CA ILE D 34 16.39 -36.62 -14.97
C ILE D 34 16.83 -37.80 -15.82
N LEU D 35 16.80 -37.69 -17.14
CA LEU D 35 17.04 -38.84 -17.99
C LEU D 35 18.46 -38.93 -18.50
N LYS D 36 19.33 -37.99 -18.10
CA LYS D 36 20.77 -38.04 -18.41
C LYS D 36 20.97 -38.09 -19.92
N ARG D 37 20.33 -37.16 -20.62
CA ARG D 37 20.51 -37.03 -22.05
C ARG D 37 20.65 -35.56 -22.39
N PRO D 38 21.56 -35.21 -23.30
CA PRO D 38 21.75 -33.81 -23.63
C PRO D 38 20.64 -33.34 -24.56
N PRO D 39 20.28 -32.04 -24.48
CA PRO D 39 19.24 -31.47 -25.31
C PRO D 39 19.50 -31.76 -26.80
N ASP D 40 20.77 -31.95 -27.16
CA ASP D 40 21.18 -32.20 -28.56
C ASP D 40 20.50 -33.47 -29.10
N GLU D 41 20.37 -34.50 -28.27
CA GLU D 41 19.73 -35.77 -28.69
C GLU D 41 18.29 -35.81 -28.18
N GLN D 42 17.66 -34.64 -28.06
CA GLN D 42 16.29 -34.53 -27.49
C GLN D 42 15.38 -33.71 -28.41
N ARG D 43 14.15 -34.17 -28.63
CA ARG D 43 13.15 -33.39 -29.36
C ARG D 43 11.82 -33.41 -28.61
N LEU D 44 11.22 -32.23 -28.42
CA LEU D 44 9.97 -32.11 -27.68
C LEU D 44 8.84 -31.81 -28.66
N TYR D 45 7.69 -32.38 -28.39
CA TYR D 45 6.52 -32.30 -29.25
C TYR D 45 5.31 -31.86 -28.46
N LYS D 46 4.47 -31.05 -29.07
CA LYS D 46 3.09 -30.87 -28.63
C LYS D 46 2.23 -31.60 -29.64
N ASP D 47 1.63 -32.72 -29.21
CA ASP D 47 1.03 -33.67 -30.13
C ASP D 47 2.07 -34.02 -31.20
N ASP D 48 1.78 -33.75 -32.47
CA ASP D 48 2.74 -34.13 -33.49
C ASP D 48 3.72 -33.01 -33.86
N GLN D 49 3.54 -31.81 -33.34
CA GLN D 49 4.38 -30.71 -33.75
C GLN D 49 5.68 -30.67 -32.95
N LEU D 50 6.81 -30.71 -33.65
CA LEU D 50 8.11 -30.49 -33.04
C LEU D 50 8.23 -29.04 -32.57
N LEU D 51 8.79 -28.86 -31.37
CA LEU D 51 8.88 -27.54 -30.76
C LEU D 51 10.29 -26.97 -30.87
N ASP D 52 10.38 -25.67 -31.18
CA ASP D 52 11.67 -25.00 -31.32
C ASP D 52 12.18 -24.51 -29.97
N ASP D 53 13.48 -24.72 -29.74
CA ASP D 53 14.09 -24.50 -28.43
C ASP D 53 13.86 -23.07 -27.92
N GLY D 54 13.86 -22.09 -28.79
CA GLY D 54 13.77 -20.73 -28.31
C GLY D 54 12.38 -20.23 -28.00
N LYS D 55 11.37 -21.05 -28.29
CA LYS D 55 9.99 -20.65 -28.01
C LYS D 55 9.65 -20.81 -26.53
N THR D 56 8.82 -19.92 -26.01
CA THR D 56 8.35 -20.09 -24.65
C THR D 56 7.21 -21.10 -24.61
N LEU D 57 7.07 -21.77 -23.46
CA LEU D 57 6.01 -22.77 -23.32
C LEU D 57 4.64 -22.17 -23.61
N GLY D 58 4.42 -20.91 -23.22
CA GLY D 58 3.15 -20.27 -23.48
C GLY D 58 2.83 -20.14 -24.97
N GLU D 59 3.83 -19.80 -25.79
CA GLU D 59 3.68 -19.70 -27.26
C GLU D 59 3.37 -21.08 -27.83
N CAS D 60 3.84 -22.15 -27.20
CA CAS D 60 3.60 -23.47 -27.71
CB CAS D 60 4.72 -24.42 -27.35
C CAS D 60 2.30 -23.99 -27.17
O CAS D 60 1.80 -25.00 -27.71
SG CAS D 60 6.16 -23.88 -28.21
AS CAS D 60 5.69 -23.95 -30.45
CE1 CAS D 60 3.91 -24.54 -31.13
CE2 CAS D 60 7.02 -23.45 -31.85
N GLY D 61 1.51 -23.10 -26.59
CA GLY D 61 0.18 -23.46 -26.14
C GLY D 61 0.04 -24.10 -24.77
N PHE D 62 1.11 -24.15 -24.00
CA PHE D 62 1.05 -24.60 -22.62
C PHE D 62 0.73 -23.40 -21.77
N THR D 63 -0.52 -23.33 -21.31
CA THR D 63 -1.02 -22.25 -20.50
C THR D 63 -1.42 -22.81 -19.14
N SER D 64 -1.34 -21.96 -18.11
CA SER D 64 -1.66 -22.38 -16.75
C SER D 64 -3.07 -22.95 -16.68
N GLN D 65 -3.95 -22.54 -17.58
CA GLN D 65 -5.32 -23.01 -17.51
C GLN D 65 -5.56 -24.29 -18.30
N THR D 66 -4.65 -24.72 -19.18
CA THR D 66 -4.81 -26.05 -19.76
C THR D 66 -3.85 -27.09 -19.17
N ALA D 67 -2.70 -26.66 -18.69
CA ALA D 67 -1.73 -27.56 -18.08
C ALA D 67 -1.90 -27.41 -16.56
N ARG D 68 -2.83 -28.18 -16.01
CA ARG D 68 -3.31 -28.04 -14.65
C ARG D 68 -2.74 -29.13 -13.74
N PRO D 69 -2.62 -28.85 -12.43
CA PRO D 69 -1.98 -29.83 -11.55
C PRO D 69 -2.72 -31.16 -11.53
N GLN D 70 -4.05 -31.11 -11.50
CA GLN D 70 -4.88 -32.30 -11.51
C GLN D 70 -5.14 -32.82 -12.92
N ALA D 71 -4.67 -32.13 -13.96
CA ALA D 71 -4.84 -32.59 -15.34
C ALA D 71 -3.73 -32.00 -16.21
N PRO D 72 -2.51 -32.50 -16.09
CA PRO D 72 -1.38 -31.84 -16.73
C PRO D 72 -1.31 -32.11 -18.24
N ALA D 73 -0.74 -31.14 -18.94
CA ALA D 73 -0.55 -31.25 -20.39
C ALA D 73 0.60 -32.18 -20.71
N THR D 74 0.54 -32.82 -21.87
CA THR D 74 1.54 -33.80 -22.28
C THR D 74 2.57 -33.21 -23.25
N VAL D 75 3.84 -33.41 -22.96
CA VAL D 75 4.91 -33.09 -23.89
C VAL D 75 5.53 -34.40 -24.36
N GLY D 76 5.51 -34.62 -25.66
CA GLY D 76 6.16 -35.80 -26.20
C GLY D 76 7.66 -35.59 -26.24
N LEU D 77 8.38 -36.68 -26.03
CA LEU D 77 9.83 -36.65 -26.07
C LEU D 77 10.32 -37.78 -26.98
N ALA D 78 11.32 -37.46 -27.82
CA ALA D 78 12.00 -38.39 -28.71
C ALA D 78 13.50 -38.20 -28.58
N PHE D 79 14.22 -39.32 -28.64
CA PHE D 79 15.67 -39.40 -28.44
C PHE D 79 16.45 -39.58 -29.76
N PHE D 85 17.40 -39.45 -35.14
CA PHE D 85 16.29 -39.45 -34.20
C PHE D 85 15.22 -40.50 -34.50
N GLU D 86 14.78 -41.16 -33.44
CA GLU D 86 13.65 -42.06 -33.47
C GLU D 86 12.34 -41.30 -33.68
N ALA D 87 11.33 -42.03 -34.14
CA ALA D 87 9.98 -41.47 -34.22
C ALA D 87 9.38 -41.32 -32.82
N LEU D 88 8.38 -40.44 -32.71
CA LEU D 88 7.67 -40.22 -31.46
C LEU D 88 6.69 -41.38 -31.24
N CYS D 89 6.98 -42.20 -30.22
CA CYS D 89 6.05 -43.21 -29.72
C CYS D 89 5.81 -42.95 -28.23
N ILE D 90 4.55 -42.92 -27.85
CA ILE D 90 4.14 -42.83 -26.46
C ILE D 90 3.20 -44.00 -26.22
N GLU D 91 3.62 -44.94 -25.35
CA GLU D 91 2.78 -46.09 -25.05
C GLU D 91 1.60 -45.65 -24.20
N PRO D 92 0.36 -45.98 -24.57
CA PRO D 92 -0.80 -45.57 -23.77
C PRO D 92 -0.85 -46.30 -22.42
N PHE D 93 -1.58 -45.69 -21.47
CA PHE D 93 -1.82 -46.35 -20.19
C PHE D 93 -2.84 -47.48 -20.35
N SER D 94 -2.96 -48.31 -19.31
CA SER D 94 -3.87 -49.44 -19.28
C SER D 94 -5.33 -48.98 -19.37
N SER D 95 -6.22 -49.94 -19.58
CA SER D 95 -7.63 -49.60 -19.74
C SER D 95 -8.47 -50.00 -18.51
N PRO D 96 -9.46 -49.17 -18.18
CA PRO D 96 -10.36 -49.51 -17.07
C PRO D 96 -11.34 -50.62 -17.44
N PRO D 97 -11.80 -51.41 -16.45
CA PRO D 97 -12.88 -52.39 -16.71
C PRO D 97 -14.25 -51.75 -16.95
N GLU D 98 -15.31 -52.48 -16.59
CA GLU D 98 -16.70 -52.01 -16.86
C GLU D 98 -17.41 -51.48 -15.62
N LEU D 99 -17.82 -52.39 -14.73
CA LEU D 99 -18.54 -52.21 -13.42
C LEU D 99 -20.02 -51.88 -13.64
N PRO D 100 -20.96 -52.58 -12.95
CA PRO D 100 -22.39 -52.35 -13.07
C PRO D 100 -22.84 -51.55 -11.85
N ASP D 101 -23.95 -51.93 -11.24
CA ASP D 101 -24.43 -51.27 -9.99
C ASP D 101 -24.48 -49.75 -10.18
N MET E 2 16.48 -36.08 -5.76
CA MET E 2 15.21 -35.38 -5.67
C MET E 2 14.11 -35.92 -6.59
N TYR E 3 14.39 -36.96 -7.38
CA TYR E 3 13.36 -37.65 -8.14
C TYR E 3 13.31 -39.11 -7.68
N VAL E 4 12.12 -39.70 -7.77
CA VAL E 4 11.94 -41.12 -7.52
C VAL E 4 11.09 -41.67 -8.65
N LYS E 5 11.12 -42.99 -8.82
CA LYS E 5 10.45 -43.65 -9.93
C LYS E 5 9.45 -44.65 -9.37
N LEU E 6 8.19 -44.47 -9.71
CA LEU E 6 7.16 -45.42 -9.35
C LEU E 6 6.75 -46.15 -10.62
N ILE E 7 6.74 -47.48 -10.55
CA ILE E 7 6.49 -48.35 -11.69
C ILE E 7 5.17 -49.06 -11.48
N SER E 8 4.31 -49.04 -12.50
CA SER E 8 3.03 -49.67 -12.33
C SER E 8 3.16 -51.16 -12.61
N SER E 9 2.04 -51.87 -12.41
CA SER E 9 2.02 -53.32 -12.62
C SER E 9 2.40 -53.68 -14.05
N ASP E 10 2.02 -52.86 -15.03
CA ASP E 10 2.32 -53.08 -16.45
C ASP E 10 3.58 -52.36 -16.94
N GLY E 11 4.50 -52.02 -16.06
CA GLY E 11 5.79 -51.54 -16.51
C GLY E 11 5.93 -50.07 -16.84
N HIS E 12 4.85 -49.28 -16.82
CA HIS E 12 5.02 -47.83 -17.00
C HIS E 12 5.75 -47.25 -15.80
N GLU E 13 6.71 -46.37 -16.07
CA GLU E 13 7.54 -45.75 -15.06
C GLU E 13 7.18 -44.27 -14.96
N PHE E 14 6.75 -43.86 -13.78
CA PHE E 14 6.43 -42.46 -13.49
C PHE E 14 7.52 -41.88 -12.62
N ILE E 15 8.04 -40.73 -13.01
CA ILE E 15 9.13 -40.11 -12.30
C ILE E 15 8.60 -38.83 -11.68
N VAL E 16 8.50 -38.81 -10.37
CA VAL E 16 7.94 -37.66 -9.68
C VAL E 16 8.99 -37.11 -8.71
N LYS E 17 8.77 -35.86 -8.30
CA LYS E 17 9.61 -35.24 -7.29
C LYS E 17 9.59 -36.08 -6.01
N ARG E 18 10.75 -36.18 -5.36
CA ARG E 18 10.84 -37.01 -4.17
C ARG E 18 9.95 -36.48 -3.06
N GLU E 19 9.88 -35.15 -2.89
CA GLU E 19 9.01 -34.58 -1.87
C GLU E 19 7.56 -34.98 -2.08
N HIS E 20 7.09 -34.93 -3.33
CA HIS E 20 5.72 -35.34 -3.64
C HIS E 20 5.47 -36.78 -3.27
N ALA E 21 6.44 -37.66 -3.53
CA ALA E 21 6.18 -39.07 -3.26
C ALA E 21 6.20 -39.39 -1.77
N LEU E 22 6.96 -38.66 -0.97
CA LEU E 22 6.99 -38.90 0.46
C LEU E 22 5.75 -38.36 1.17
N THR E 23 4.83 -37.80 0.40
CA THR E 23 3.51 -37.52 0.93
C THR E 23 2.83 -38.79 1.41
N SER E 24 3.15 -39.93 0.80
CA SER E 24 2.61 -41.21 1.23
C SER E 24 3.57 -41.87 2.21
N GLY E 25 3.07 -42.19 3.40
CA GLY E 25 3.89 -42.89 4.36
C GLY E 25 4.30 -44.26 3.87
N THR E 26 3.38 -44.94 3.18
CA THR E 26 3.68 -46.27 2.65
C THR E 26 4.83 -46.19 1.65
N ILE E 27 4.83 -45.18 0.78
CA ILE E 27 5.91 -45.04 -0.19
C ILE E 27 7.22 -44.70 0.53
N LYS E 28 7.19 -43.76 1.48
CA LYS E 28 8.41 -43.49 2.27
C LYS E 28 8.99 -44.78 2.86
N ALA E 29 8.13 -45.69 3.32
CA ALA E 29 8.62 -46.96 3.84
C ALA E 29 9.24 -47.79 2.75
N MET E 30 8.57 -47.89 1.59
CA MET E 30 9.13 -48.70 0.51
C MET E 30 10.35 -48.07 -0.11
N LEU E 31 10.72 -46.86 0.30
CA LEU E 31 11.90 -46.19 -0.20
C LEU E 31 13.13 -46.38 0.69
N SER E 32 12.94 -46.50 2.00
CA SER E 32 14.03 -46.88 2.90
C SER E 32 13.51 -47.69 4.08
N THR E 42 16.29 -49.63 -6.56
CA THR E 42 17.59 -48.99 -6.22
C THR E 42 17.34 -47.59 -5.65
N ASN E 43 16.39 -46.88 -6.25
CA ASN E 43 15.82 -45.60 -5.75
C ASN E 43 14.42 -45.48 -6.34
N GLU E 44 13.79 -46.63 -6.62
CA GLU E 44 12.45 -46.70 -7.25
C GLU E 44 11.58 -47.70 -6.47
N VAL E 45 10.32 -47.81 -6.86
CA VAL E 45 9.31 -48.64 -6.22
C VAL E 45 8.42 -49.28 -7.27
N ASN E 46 8.22 -50.61 -7.17
CA ASN E 46 7.38 -51.38 -8.09
C ASN E 46 6.06 -51.71 -7.39
N PHE E 47 4.96 -51.53 -8.11
CA PHE E 47 3.61 -51.76 -7.59
C PHE E 47 2.98 -52.90 -8.38
N ARG E 48 3.23 -54.12 -7.96
CA ARG E 48 2.71 -55.27 -8.68
C ARG E 48 1.19 -55.26 -8.78
N GLU E 49 0.50 -54.39 -8.04
CA GLU E 49 -0.97 -54.39 -7.96
C GLU E 49 -1.64 -53.14 -8.53
N ILE E 50 -0.88 -52.13 -8.94
CA ILE E 50 -1.47 -50.89 -9.39
C ILE E 50 -1.12 -50.65 -10.86
N PRO E 51 -2.11 -50.69 -11.75
CA PRO E 51 -1.84 -50.46 -13.18
C PRO E 51 -1.60 -48.99 -13.48
N SER E 52 -1.16 -48.74 -14.72
CA SER E 52 -0.73 -47.40 -15.11
C SER E 52 -1.89 -46.41 -15.15
N HIS E 53 -3.09 -46.84 -15.50
CA HIS E 53 -4.22 -45.91 -15.51
C HIS E 53 -4.63 -45.47 -14.10
N VAL E 54 -4.19 -46.18 -13.06
CA VAL E 54 -4.44 -45.76 -11.68
C VAL E 54 -3.27 -44.97 -11.13
N LEU E 55 -2.04 -45.44 -11.36
CA LEU E 55 -0.86 -44.78 -10.78
C LEU E 55 -0.65 -43.40 -11.36
N SER E 56 -1.02 -43.21 -12.64
CA SER E 56 -0.94 -41.88 -13.24
C SER E 56 -1.82 -40.88 -12.50
N LYS E 57 -3.03 -41.29 -12.11
CA LYS E 57 -3.90 -40.42 -11.33
C LYS E 57 -3.28 -40.11 -9.96
N VAL E 58 -2.69 -41.12 -9.31
CA VAL E 58 -1.99 -40.94 -8.05
C VAL E 58 -0.91 -39.88 -8.17
N CYS E 59 -0.13 -39.92 -9.25
CA CYS E 59 0.90 -38.91 -9.44
C CYS E 59 0.30 -37.53 -9.65
N MET E 60 -0.80 -37.46 -10.40
CA MET E 60 -1.50 -36.19 -10.53
C MET E 60 -2.02 -35.68 -9.19
N TYR E 61 -2.47 -36.62 -8.32
CA TYR E 61 -2.96 -36.22 -7.01
C TYR E 61 -1.85 -35.59 -6.19
N PHE E 62 -0.66 -36.20 -6.21
CA PHE E 62 0.49 -35.62 -5.53
C PHE E 62 0.70 -34.17 -5.95
N THR E 63 0.83 -33.92 -7.26
CA THR E 63 1.08 -32.54 -7.67
C THR E 63 -0.12 -31.66 -7.34
N TYR E 64 -1.32 -32.20 -7.42
CA TYR E 64 -2.47 -31.39 -7.01
C TYR E 64 -2.42 -31.05 -5.51
N LYS E 65 -2.07 -32.03 -4.67
CA LYS E 65 -2.05 -31.80 -3.23
C LYS E 65 -0.98 -30.78 -2.84
N VAL E 66 0.25 -30.98 -3.32
CA VAL E 66 1.32 -30.04 -2.99
C VAL E 66 0.99 -28.63 -3.46
N ARG E 67 0.30 -28.51 -4.58
CA ARG E 67 -0.01 -27.20 -5.12
C ARG E 67 -1.09 -26.48 -4.30
N TYR E 68 -2.07 -27.22 -3.75
CA TYR E 68 -3.23 -26.52 -3.21
C TYR E 68 -3.40 -26.59 -1.70
N THR E 69 -2.64 -27.43 -0.98
CA THR E 69 -2.65 -27.38 0.49
C THR E 69 -2.00 -26.08 0.98
N ASN E 70 -2.66 -25.44 1.96
CA ASN E 70 -2.25 -24.15 2.53
C ASN E 70 -2.29 -23.09 1.44
N SER E 71 -3.49 -22.89 0.91
CA SER E 71 -3.68 -21.97 -0.19
C SER E 71 -5.00 -21.23 -0.03
N SER E 72 -4.92 -19.90 -0.14
CA SER E 72 -6.10 -19.06 -0.19
C SER E 72 -6.63 -18.95 -1.61
N THR E 73 -5.87 -19.49 -2.57
CA THR E 73 -6.35 -19.87 -3.89
C THR E 73 -7.71 -20.52 -3.78
N GLU E 74 -8.55 -20.35 -4.78
CA GLU E 74 -9.77 -21.13 -4.82
C GLU E 74 -9.37 -22.47 -5.41
N ILE E 75 -9.71 -23.54 -4.70
CA ILE E 75 -9.19 -24.86 -5.01
C ILE E 75 -10.18 -25.59 -5.93
N PRO E 76 -9.74 -26.13 -7.07
CA PRO E 76 -10.67 -26.84 -7.95
C PRO E 76 -10.90 -28.26 -7.47
N GLU E 77 -11.99 -28.86 -7.96
CA GLU E 77 -12.25 -30.25 -7.60
C GLU E 77 -11.19 -31.16 -8.21
N PHE E 78 -10.81 -32.20 -7.46
CA PHE E 78 -9.93 -33.21 -8.03
C PHE E 78 -10.76 -34.24 -8.82
N PRO E 79 -10.57 -34.35 -10.13
CA PRO E 79 -11.47 -35.17 -10.95
C PRO E 79 -11.10 -36.64 -10.94
N ILE E 80 -12.12 -37.50 -10.83
CA ILE E 80 -11.96 -38.95 -10.88
C ILE E 80 -13.03 -39.53 -11.81
N ALA E 81 -12.61 -40.12 -12.92
CA ALA E 81 -13.57 -40.76 -13.80
C ALA E 81 -14.19 -41.97 -13.10
N PRO E 82 -15.50 -42.22 -13.30
CA PRO E 82 -16.12 -43.37 -12.62
C PRO E 82 -15.50 -44.72 -12.93
N GLU E 83 -14.99 -44.92 -14.14
CA GLU E 83 -14.45 -46.23 -14.51
C GLU E 83 -13.21 -46.58 -13.70
N ILE E 84 -12.56 -45.59 -13.09
CA ILE E 84 -11.34 -45.83 -12.33
C ILE E 84 -11.54 -45.63 -10.84
N ALA E 85 -12.75 -45.22 -10.40
CA ALA E 85 -12.97 -44.88 -9.00
C ALA E 85 -12.68 -46.04 -8.05
N LEU E 86 -13.15 -47.25 -8.38
CA LEU E 86 -12.98 -48.34 -7.43
C LEU E 86 -11.52 -48.78 -7.31
N GLU E 87 -10.80 -48.87 -8.43
CA GLU E 87 -9.40 -49.26 -8.31
C GLU E 87 -8.60 -48.17 -7.62
N LEU E 88 -8.89 -46.90 -7.93
CA LEU E 88 -8.16 -45.79 -7.32
C LEU E 88 -8.40 -45.80 -5.83
N LEU E 89 -9.64 -46.10 -5.43
CA LEU E 89 -9.98 -46.22 -4.02
C LEU E 89 -9.09 -47.26 -3.35
N MET E 90 -8.95 -48.42 -3.97
CA MET E 90 -8.14 -49.49 -3.39
C MET E 90 -6.69 -49.09 -3.26
N ALA E 91 -6.12 -48.43 -4.28
CA ALA E 91 -4.73 -47.99 -4.16
C ALA E 91 -4.59 -46.91 -3.08
N ALA E 92 -5.55 -45.99 -3.00
CA ALA E 92 -5.50 -44.94 -1.99
C ALA E 92 -5.58 -45.53 -0.59
N ASN E 93 -6.44 -46.52 -0.40
CA ASN E 93 -6.54 -47.20 0.87
C ASN E 93 -5.22 -47.85 1.25
N PHE E 94 -4.57 -48.52 0.30
CA PHE E 94 -3.34 -49.24 0.60
C PHE E 94 -2.19 -48.29 0.87
N LEU E 95 -2.13 -47.20 0.12
CA LEU E 95 -1.04 -46.23 0.23
C LEU E 95 -1.27 -45.25 1.35
N ASP E 96 -2.44 -45.33 2.01
CA ASP E 96 -2.83 -44.41 3.07
C ASP E 96 -2.75 -42.97 2.67
N CAS E 97 -3.74 -42.50 1.93
CA CAS E 97 -3.51 -41.32 1.12
CB CAS E 97 -2.87 -41.82 -0.14
C CAS E 97 -4.70 -40.48 0.78
O CAS E 97 -5.82 -40.98 0.98
OXT CAS E 97 -4.48 -39.33 0.31
SG CAS E 97 -1.32 -41.06 -0.33
AS CAS E 97 -1.83 -41.44 -2.43
CE1 CAS E 97 -1.48 -40.13 -3.88
CE2 CAS E 97 -2.75 -43.12 -2.91
N LEU F 12 -19.37 -26.87 22.44
CA LEU F 12 -19.40 -26.15 21.16
C LEU F 12 -20.75 -25.50 20.89
N ARG F 13 -20.90 -24.23 21.32
CA ARG F 13 -22.17 -23.50 21.22
C ARG F 13 -21.88 -22.07 20.77
N SER F 14 -22.88 -21.41 20.23
CA SER F 14 -22.78 -19.97 20.04
C SER F 14 -22.80 -19.25 21.39
N VAL F 15 -22.06 -18.15 21.44
CA VAL F 15 -22.09 -17.23 22.57
C VAL F 15 -23.20 -16.21 22.32
N ASN F 16 -24.14 -16.09 23.26
CA ASN F 16 -25.31 -15.20 23.10
C ASN F 16 -24.95 -13.74 23.45
N SER F 17 -24.09 -13.15 22.61
CA SER F 17 -23.55 -11.81 22.85
C SER F 17 -24.52 -10.68 22.50
N ARG F 18 -25.45 -10.91 21.56
CA ARG F 18 -26.31 -9.88 21.01
C ARG F 18 -25.54 -8.65 20.46
N GLU F 19 -24.27 -8.82 20.00
CA GLU F 19 -23.57 -7.76 19.27
C GLU F 19 -23.62 -8.08 17.80
N PRO F 20 -24.36 -7.33 16.99
CA PRO F 20 -24.50 -7.69 15.57
C PRO F 20 -23.16 -7.71 14.85
N SER F 21 -23.06 -8.60 13.87
CA SER F 21 -21.87 -8.69 13.04
C SER F 21 -22.29 -9.12 11.64
N GLN F 22 -21.94 -8.31 10.65
CA GLN F 22 -22.36 -8.53 9.28
C GLN F 22 -21.30 -9.35 8.59
N VAL F 23 -21.75 -10.42 7.92
CA VAL F 23 -20.87 -11.39 7.27
C VAL F 23 -21.45 -11.65 5.88
N ILE F 24 -20.56 -11.96 4.94
CA ILE F 24 -20.93 -12.37 3.59
C ILE F 24 -20.51 -13.82 3.40
N PHE F 25 -21.49 -14.69 3.16
CA PHE F 25 -21.18 -16.07 2.79
C PHE F 25 -20.81 -16.07 1.35
N CAS F 26 -19.64 -16.61 1.04
CA CAS F 26 -19.16 -16.60 -0.31
CB CAS F 26 -18.02 -15.60 -0.38
C CAS F 26 -18.74 -17.97 -0.78
O CAS F 26 -17.65 -18.45 -0.40
SG CAS F 26 -17.31 -15.75 -1.97
AS CAS F 26 -18.44 -14.42 -3.37
CE1 CAS F 26 -17.30 -12.89 -3.97
CE2 CAS F 26 -20.27 -14.65 -4.06
N ASN F 27 -19.57 -18.61 -1.60
CA ASN F 27 -19.35 -19.99 -2.00
C ASN F 27 -18.36 -20.09 -3.20
N ARG F 28 -17.08 -20.24 -2.88
CA ARG F 28 -15.98 -20.44 -3.82
C ARG F 28 -15.67 -21.91 -4.04
N SER F 29 -16.70 -22.73 -4.23
CA SER F 29 -16.58 -24.17 -4.39
C SER F 29 -17.50 -24.59 -5.52
N PRO F 30 -17.26 -25.77 -6.11
CA PRO F 30 -18.25 -26.26 -7.07
C PRO F 30 -19.45 -26.93 -6.43
N ARG F 31 -19.57 -26.95 -5.11
CA ARG F 31 -20.68 -27.64 -4.47
C ARG F 31 -21.81 -26.67 -4.08
N VAL F 32 -23.01 -27.23 -4.00
CA VAL F 32 -24.09 -26.55 -3.27
C VAL F 32 -23.75 -26.58 -1.78
N VAL F 33 -23.65 -25.40 -1.18
CA VAL F 33 -23.17 -25.27 0.19
C VAL F 33 -24.39 -25.18 1.12
N LEU F 34 -24.41 -26.00 2.19
CA LEU F 34 -25.38 -25.88 3.26
C LEU F 34 -24.69 -25.18 4.42
N PRO F 35 -25.10 -23.97 4.79
CA PRO F 35 -24.55 -23.33 5.99
C PRO F 35 -25.25 -23.87 7.24
N VAL F 36 -24.49 -24.00 8.31
CA VAL F 36 -25.01 -24.56 9.55
C VAL F 36 -24.61 -23.68 10.72
N TRP F 37 -25.62 -23.19 11.45
CA TRP F 37 -25.39 -22.40 12.66
C TRP F 37 -25.55 -23.30 13.87
N LEU F 38 -24.61 -23.23 14.81
CA LEU F 38 -24.73 -23.95 16.07
C LEU F 38 -25.47 -23.09 17.08
N ASN F 39 -26.67 -23.53 17.51
CA ASN F 39 -27.43 -22.64 18.36
C ASN F 39 -26.86 -22.62 19.79
N PHE F 40 -27.53 -21.88 20.66
CA PHE F 40 -27.04 -21.68 22.03
C PHE F 40 -27.07 -22.97 22.84
N ASP F 41 -27.88 -23.96 22.40
CA ASP F 41 -27.89 -25.30 22.96
C ASP F 41 -26.89 -26.23 22.31
N GLY F 42 -26.13 -25.75 21.33
CA GLY F 42 -25.19 -26.59 20.60
C GLY F 42 -25.79 -27.40 19.48
N GLU F 43 -27.10 -27.30 19.23
CA GLU F 43 -27.70 -28.09 18.15
C GLU F 43 -27.46 -27.43 16.80
N PRO F 44 -27.02 -28.17 15.78
CA PRO F 44 -26.78 -27.55 14.48
C PRO F 44 -28.09 -27.11 13.86
N GLN F 45 -28.12 -25.88 13.35
CA GLN F 45 -29.33 -25.37 12.72
C GLN F 45 -29.02 -25.07 11.26
N PRO F 46 -29.67 -25.74 10.32
CA PRO F 46 -29.41 -25.52 8.90
C PRO F 46 -30.06 -24.24 8.38
N TYR F 47 -29.35 -23.59 7.46
CA TYR F 47 -29.77 -22.39 6.76
C TYR F 47 -29.96 -22.67 5.25
N PRO F 48 -30.59 -21.77 4.52
CA PRO F 48 -30.84 -22.03 3.08
C PRO F 48 -29.54 -22.14 2.28
N THR F 49 -29.59 -22.99 1.26
CA THR F 49 -28.37 -23.38 0.54
C THR F 49 -27.83 -22.27 -0.39
N LEU F 50 -26.55 -22.42 -0.75
CA LEU F 50 -25.82 -21.52 -1.64
C LEU F 50 -25.47 -22.25 -2.91
N PRO F 51 -25.93 -21.81 -4.08
CA PRO F 51 -25.47 -22.42 -5.33
C PRO F 51 -23.98 -22.22 -5.51
N PRO F 52 -23.33 -23.04 -6.33
CA PRO F 52 -21.87 -23.04 -6.44
C PRO F 52 -21.12 -21.72 -6.65
N GLY F 53 -21.66 -20.69 -7.25
CA GLY F 53 -20.74 -19.55 -7.38
C GLY F 53 -21.23 -18.25 -6.77
N THR F 54 -22.22 -18.38 -5.90
CA THR F 54 -23.06 -17.32 -5.40
C THR F 54 -22.67 -16.88 -4.00
N GLY F 55 -23.18 -15.70 -3.62
CA GLY F 55 -22.94 -15.13 -2.31
C GLY F 55 -24.24 -14.71 -1.65
N ARG F 56 -24.14 -14.41 -0.36
CA ARG F 56 -25.30 -14.01 0.42
C ARG F 56 -24.87 -13.20 1.63
N ARG F 57 -25.67 -12.18 1.94
CA ARG F 57 -25.39 -11.32 3.07
C ARG F 57 -26.17 -11.88 4.26
N ILE F 58 -25.52 -11.91 5.42
CA ILE F 58 -26.04 -12.63 6.57
C ILE F 58 -25.97 -11.72 7.78
N HIS F 59 -27.06 -11.67 8.56
CA HIS F 59 -27.05 -10.96 9.82
C HIS F 59 -26.68 -11.95 10.90
N SER F 60 -25.51 -11.75 11.52
CA SER F 60 -25.07 -12.67 12.56
C SER F 60 -24.63 -11.86 13.76
N TYR F 61 -23.93 -12.51 14.68
CA TYR F 61 -23.56 -11.90 15.94
C TYR F 61 -22.17 -12.33 16.32
N ARG F 62 -21.44 -11.45 16.99
CA ARG F 62 -20.09 -11.77 17.38
C ARG F 62 -20.10 -12.96 18.30
N GLY F 63 -19.16 -13.89 18.07
CA GLY F 63 -19.05 -15.09 18.88
C GLY F 63 -19.93 -16.26 18.47
N HIS F 64 -20.77 -16.11 17.45
CA HIS F 64 -21.54 -17.24 16.96
C HIS F 64 -20.66 -18.20 16.14
N LEU F 65 -21.15 -19.42 16.00
CA LEU F 65 -20.42 -20.53 15.39
C LEU F 65 -21.15 -20.98 14.14
N TRP F 66 -20.42 -21.05 13.02
CA TRP F 66 -20.92 -21.57 11.75
C TRP F 66 -19.94 -22.58 11.21
N LEU F 67 -20.48 -23.61 10.56
CA LEU F 67 -19.69 -24.51 9.73
C LEU F 67 -20.45 -24.72 8.42
N PHE F 68 -19.78 -25.32 7.44
CA PHE F 68 -20.35 -25.43 6.09
C PHE F 68 -20.11 -26.83 5.52
N ARG F 69 -21.17 -27.37 4.89
N ARG F 69 -21.17 -27.37 4.91
CA ARG F 69 -21.19 -28.72 4.39
CA ARG F 69 -21.21 -28.72 4.37
C ARG F 69 -21.78 -28.72 2.97
C ARG F 69 -21.74 -28.68 2.95
N ASP F 70 -21.37 -29.69 2.16
CA ASP F 70 -21.99 -29.89 0.87
C ASP F 70 -23.46 -30.22 1.11
N ALA F 71 -24.38 -29.53 0.41
CA ALA F 71 -25.80 -29.67 0.72
C ALA F 71 -26.31 -31.08 0.43
N GLY F 72 -25.76 -31.76 -0.56
CA GLY F 72 -26.29 -33.07 -0.87
C GLY F 72 -25.66 -34.23 -0.09
N THR F 73 -24.37 -34.15 0.18
CA THR F 73 -23.64 -35.27 0.73
C THR F 73 -23.06 -35.01 2.09
N HIS F 74 -23.05 -33.77 2.55
CA HIS F 74 -22.48 -33.37 3.83
C HIS F 74 -20.98 -33.52 3.90
N ASP F 75 -20.29 -33.63 2.75
CA ASP F 75 -18.83 -33.50 2.75
C ASP F 75 -18.47 -32.19 3.45
N GLY F 76 -17.39 -32.21 4.22
CA GLY F 76 -16.96 -31.02 4.91
C GLY F 76 -16.32 -30.04 3.95
N LEU F 77 -16.51 -28.75 4.24
CA LEU F 77 -15.93 -27.66 3.49
C LEU F 77 -15.17 -26.77 4.46
N LEU F 78 -14.26 -25.98 3.90
CA LEU F 78 -13.51 -25.04 4.70
C LEU F 78 -14.09 -23.65 4.56
N VAL F 79 -13.89 -22.84 5.60
CA VAL F 79 -14.32 -21.45 5.58
C VAL F 79 -13.16 -20.64 6.17
N ASN F 80 -12.62 -19.74 5.36
CA ASN F 80 -11.35 -19.04 5.64
C ASN F 80 -10.28 -20.01 6.17
N GLN F 81 -10.18 -21.15 5.48
CA GLN F 81 -9.21 -22.23 5.66
C GLN F 81 -9.27 -22.98 6.98
N THR F 82 -10.38 -22.91 7.72
CA THR F 82 -10.59 -23.66 8.96
C THR F 82 -11.99 -24.26 8.89
N GLU F 83 -12.40 -24.99 9.93
CA GLU F 83 -13.70 -25.65 9.85
C GLU F 83 -14.80 -24.86 10.50
N LEU F 84 -14.47 -23.91 11.35
CA LEU F 84 -15.49 -23.13 12.01
C LEU F 84 -15.27 -21.68 11.68
N PHE F 85 -16.37 -20.97 11.54
CA PHE F 85 -16.37 -19.55 11.28
C PHE F 85 -17.07 -18.87 12.45
N VAL F 86 -16.38 -17.89 13.05
CA VAL F 86 -16.87 -17.09 14.16
C VAL F 86 -16.85 -15.62 13.72
N PRO F 87 -18.01 -14.96 13.50
CA PRO F 87 -17.99 -13.54 13.12
C PRO F 87 -17.31 -12.70 14.18
N SER F 88 -16.48 -11.76 13.74
CA SER F 88 -15.73 -10.85 14.58
C SER F 88 -16.21 -9.40 14.40
N LEU F 89 -15.40 -8.45 14.87
CA LEU F 89 -15.64 -7.02 14.65
C LEU F 89 -15.70 -6.61 13.19
N ASN F 90 -16.74 -5.84 12.85
CA ASN F 90 -16.84 -5.15 11.57
C ASN F 90 -16.04 -3.86 11.71
N VAL F 91 -14.81 -3.85 11.25
CA VAL F 91 -13.95 -2.70 11.47
C VAL F 91 -14.24 -1.66 10.41
N ASP F 92 -14.56 -0.43 10.76
CA ASP F 92 -15.03 0.56 9.77
C ASP F 92 -16.28 0.08 9.00
N GLY F 93 -17.15 -0.73 9.65
CA GLY F 93 -18.46 -1.15 9.08
C GLY F 93 -18.39 -2.03 7.84
N GLN F 94 -17.21 -2.54 7.59
CA GLN F 94 -16.63 -3.61 6.74
C GLN F 94 -17.33 -4.95 7.06
N PRO F 95 -18.15 -5.55 6.15
CA PRO F 95 -18.68 -6.89 6.47
C PRO F 95 -17.59 -7.93 6.41
N ILE F 96 -17.69 -8.97 7.25
CA ILE F 96 -16.66 -10.01 7.27
C ILE F 96 -16.91 -10.99 6.14
N PHE F 97 -15.86 -11.34 5.42
CA PHE F 97 -15.98 -12.34 4.37
C PHE F 97 -15.75 -13.75 4.91
N ALA F 98 -16.71 -14.64 4.64
CA ALA F 98 -16.58 -16.05 4.95
C ALA F 98 -16.47 -16.79 3.61
N ASN F 99 -15.24 -16.99 3.14
CA ASN F 99 -14.99 -17.65 1.84
C ASN F 99 -14.99 -19.16 2.04
N ILE F 100 -15.97 -19.81 1.44
CA ILE F 100 -16.18 -21.23 1.61
C ILE F 100 -15.55 -21.95 0.42
N THR F 101 -14.59 -22.86 0.66
CA THR F 101 -13.86 -23.52 -0.40
C THR F 101 -13.82 -25.02 -0.17
N LEU F 102 -13.49 -25.78 -1.23
CA LEU F 102 -13.17 -27.19 -1.06
C LEU F 102 -11.92 -27.34 -0.19
N PRO F 103 -11.88 -28.31 0.69
CA PRO F 103 -10.60 -28.73 1.27
C PRO F 103 -9.83 -29.51 0.23
N VAL F 104 -8.55 -29.72 0.52
CA VAL F 104 -7.84 -30.78 -0.18
C VAL F 104 -8.20 -32.09 0.48
N TYR F 105 -9.22 -32.79 -0.02
CA TYR F 105 -9.52 -34.11 0.53
C TYR F 105 -8.33 -35.05 0.36
N THR F 106 -8.20 -36.02 1.25
CA THR F 106 -7.30 -37.13 0.95
C THR F 106 -7.81 -37.83 -0.30
N LEU F 107 -6.88 -38.49 -1.01
CA LEU F 107 -7.30 -39.24 -2.19
C LEU F 107 -8.30 -40.32 -1.82
N LYS F 108 -8.11 -40.96 -0.65
CA LYS F 108 -9.09 -41.94 -0.17
C LYS F 108 -10.46 -41.30 0.00
N GLU F 109 -10.52 -40.19 0.73
CA GLU F 109 -11.82 -39.59 0.98
C GLU F 109 -12.46 -39.11 -0.32
N ARG F 110 -11.66 -38.64 -1.27
CA ARG F 110 -12.24 -38.21 -2.52
C ARG F 110 -12.73 -39.41 -3.36
N CYS F 111 -12.07 -40.57 -3.25
CA CYS F 111 -12.59 -41.77 -3.92
C CYS F 111 -13.89 -42.24 -3.29
N LEU F 112 -13.99 -42.16 -1.97
CA LEU F 112 -15.23 -42.56 -1.33
C LEU F 112 -16.37 -41.65 -1.77
N GLN F 113 -16.10 -40.34 -1.91
CA GLN F 113 -17.12 -39.42 -2.37
C GLN F 113 -17.64 -39.81 -3.77
N VAL F 114 -16.75 -40.19 -4.68
CA VAL F 114 -17.20 -40.49 -6.04
C VAL F 114 -17.98 -41.80 -6.06
N VAL F 115 -17.45 -42.84 -5.42
CA VAL F 115 -18.14 -44.14 -5.37
C VAL F 115 -19.50 -44.01 -4.69
N ARG F 116 -19.55 -43.30 -3.54
CA ARG F 116 -20.84 -43.08 -2.87
C ARG F 116 -21.88 -42.42 -3.80
N SER F 117 -21.44 -41.50 -4.65
CA SER F 117 -22.35 -40.87 -5.62
C SER F 117 -22.75 -41.79 -6.78
N LEU F 118 -22.05 -42.90 -7.01
CA LEU F 118 -22.44 -43.79 -8.11
C LEU F 118 -23.17 -45.03 -7.62
N VAL F 119 -22.94 -45.52 -6.41
CA VAL F 119 -23.72 -46.63 -5.88
C VAL F 119 -24.51 -46.10 -4.71
N LYS F 120 -25.82 -46.29 -4.77
CA LYS F 120 -26.66 -45.92 -3.65
C LYS F 120 -26.45 -46.92 -2.53
N PRO F 121 -26.60 -46.47 -1.29
CA PRO F 121 -26.11 -47.31 -0.20
C PRO F 121 -26.69 -48.73 -0.17
N GLU F 122 -27.75 -49.06 -0.94
CA GLU F 122 -28.38 -50.36 -0.74
C GLU F 122 -27.31 -51.37 -1.15
N ASN F 123 -26.46 -50.99 -2.13
CA ASN F 123 -25.56 -51.93 -2.82
C ASN F 123 -24.05 -51.78 -2.53
N TYR F 124 -23.65 -51.01 -1.50
CA TYR F 124 -22.23 -50.92 -1.14
C TYR F 124 -21.63 -52.30 -0.98
N ARG F 125 -22.40 -53.25 -0.34
CA ARG F 125 -21.97 -54.64 -0.06
C ARG F 125 -21.89 -55.52 -1.21
N ARG F 126 -22.29 -55.10 -2.40
CA ARG F 126 -22.08 -55.90 -3.60
C ARG F 126 -20.82 -55.55 -4.39
N LEU F 127 -20.01 -54.61 -3.92
CA LEU F 127 -18.80 -54.21 -4.62
C LEU F 127 -17.65 -55.13 -4.21
N ASP F 128 -16.74 -55.38 -5.14
CA ASP F 128 -15.64 -56.33 -4.90
C ASP F 128 -14.44 -55.55 -4.37
N ILE F 129 -14.37 -55.39 -3.05
CA ILE F 129 -13.30 -54.65 -2.38
C ILE F 129 -13.12 -55.25 -0.99
N VAL F 130 -12.06 -54.82 -0.29
CA VAL F 130 -11.86 -55.24 1.09
C VAL F 130 -13.10 -54.91 1.92
N ARG F 131 -13.43 -55.76 2.89
CA ARG F 131 -14.58 -55.51 3.75
C ARG F 131 -14.40 -54.20 4.53
N SER F 132 -13.16 -53.84 4.87
CA SER F 132 -12.91 -52.60 5.59
C SER F 132 -13.37 -51.37 4.80
N LEU F 133 -13.33 -51.44 3.46
CA LEU F 133 -13.73 -50.30 2.64
C LEU F 133 -15.23 -50.11 2.64
N TYR F 134 -15.93 -51.21 2.87
CA TYR F 134 -17.37 -51.22 3.05
C TYR F 134 -17.80 -50.34 4.22
N GLU F 135 -17.17 -50.54 5.38
CA GLU F 135 -17.46 -49.69 6.52
C GLU F 135 -17.08 -48.23 6.24
N ASP F 136 -16.01 -48.02 5.48
CA ASP F 136 -15.59 -46.66 5.13
C ASP F 136 -16.61 -45.98 4.22
N LEU F 137 -17.17 -46.72 3.26
CA LEU F 137 -18.24 -46.17 2.43
C LEU F 137 -19.49 -45.87 3.26
N GLU F 138 -19.86 -46.77 4.17
CA GLU F 138 -21.09 -46.64 4.93
C GLU F 138 -21.03 -45.52 5.94
N ASP F 139 -19.83 -45.16 6.40
CA ASP F 139 -19.62 -44.10 7.40
C ASP F 139 -19.65 -42.74 6.70
N HIS F 140 -20.86 -42.29 6.37
CA HIS F 140 -21.05 -41.06 5.61
C HIS F 140 -20.57 -39.86 6.42
N PRO F 141 -20.08 -38.81 5.76
CA PRO F 141 -19.78 -37.56 6.47
C PRO F 141 -21.04 -37.09 7.18
N ASN F 142 -20.87 -36.55 8.38
CA ASN F 142 -22.01 -36.28 9.26
C ASN F 142 -21.64 -35.16 10.23
N VAL F 143 -22.57 -34.23 10.46
CA VAL F 143 -22.17 -33.09 11.29
C VAL F 143 -21.98 -33.49 12.77
N GLN F 144 -22.84 -34.37 13.36
CA GLN F 144 -22.61 -34.79 14.75
C GLN F 144 -21.25 -35.46 14.89
N LYS F 145 -20.89 -36.32 13.93
CA LYS F 145 -19.58 -36.97 13.93
C LYS F 145 -18.46 -35.95 14.06
N ASP F 146 -18.47 -34.95 13.18
CA ASP F 146 -17.44 -33.93 13.24
C ASP F 146 -17.58 -33.06 14.50
N LEU F 147 -18.80 -32.83 14.98
CA LEU F 147 -18.95 -32.04 16.20
C LEU F 147 -18.45 -32.82 17.42
N GLU F 148 -18.76 -34.12 17.49
CA GLU F 148 -18.25 -34.94 18.57
C GLU F 148 -16.73 -35.03 18.51
N ARG F 149 -16.15 -34.98 17.32
CA ARG F 149 -14.69 -34.96 17.20
C ARG F 149 -14.11 -33.58 17.55
N LEU F 150 -14.71 -32.50 17.03
CA LEU F 150 -14.22 -31.14 17.27
C LEU F 150 -14.35 -30.74 18.73
N THR F 151 -15.30 -31.35 19.43
CA THR F 151 -15.39 -31.09 20.89
C THR F 151 -14.12 -31.66 21.52
N GLN F 152 -13.48 -32.60 20.83
CA GLN F 152 -12.20 -33.19 21.29
C GLN F 152 -11.19 -32.06 21.46
N GLU F 153 -11.09 -31.51 22.67
CA GLU F 153 -10.13 -30.40 22.92
C GLU F 153 -9.84 -30.33 24.43
N MET G 1 -20.12 21.01 -19.42
CA MET G 1 -21.09 19.99 -19.05
C MET G 1 -20.50 18.60 -18.97
N ASP G 2 -20.99 17.82 -18.03
CA ASP G 2 -20.61 16.42 -17.93
C ASP G 2 -21.58 15.62 -18.76
N VAL G 3 -21.04 14.66 -19.48
CA VAL G 3 -21.79 13.80 -20.37
C VAL G 3 -21.47 12.36 -20.00
N PHE G 4 -22.48 11.48 -19.99
CA PHE G 4 -22.28 10.12 -19.47
C PHE G 4 -22.51 9.08 -20.55
N LEU G 5 -21.54 8.16 -20.67
CA LEU G 5 -21.36 7.31 -21.83
C LEU G 5 -21.23 5.84 -21.46
N MET G 6 -21.65 5.00 -22.40
CA MET G 6 -21.37 3.58 -22.43
C MET G 6 -20.62 3.34 -23.71
N ILE G 7 -19.34 3.00 -23.58
CA ILE G 7 -18.53 2.61 -24.72
C ILE G 7 -18.60 1.10 -24.85
N ARG G 8 -19.13 0.62 -25.98
CA ARG G 8 -19.52 -0.78 -26.09
C ARG G 8 -18.89 -1.44 -27.30
N ARG G 9 -18.38 -2.64 -27.08
CA ARG G 9 -17.85 -3.47 -28.14
C ARG G 9 -18.11 -4.93 -27.78
N HIS G 10 -18.79 -5.63 -28.70
CA HIS G 10 -19.08 -7.06 -28.54
C HIS G 10 -19.80 -7.24 -27.21
N LYS G 11 -19.13 -7.87 -26.24
CA LYS G 11 -19.65 -8.09 -24.90
C LYS G 11 -18.90 -7.28 -23.84
N THR G 12 -18.34 -6.14 -24.22
CA THR G 12 -17.65 -5.23 -23.30
C THR G 12 -18.38 -3.89 -23.27
N THR G 13 -18.53 -3.35 -22.08
CA THR G 13 -19.16 -2.05 -21.89
C THR G 13 -18.36 -1.27 -20.85
N ILE G 14 -17.84 -0.12 -21.25
CA ILE G 14 -17.13 0.80 -20.37
C ILE G 14 -18.09 1.90 -20.00
N PHE G 15 -18.35 2.10 -18.70
CA PHE G 15 -19.08 3.28 -18.22
C PHE G 15 -18.05 4.34 -17.86
N THR G 16 -18.13 5.50 -18.50
CA THR G 16 -17.26 6.60 -18.11
C THR G 16 -17.92 7.95 -18.42
N ASP G 17 -17.27 9.01 -17.95
CA ASP G 17 -17.77 10.37 -17.97
C ASP G 17 -16.87 11.18 -18.88
N ALA G 18 -17.40 12.28 -19.42
CA ALA G 18 -16.58 13.19 -20.19
C ALA G 18 -17.24 14.56 -20.21
N LYS G 19 -16.49 15.54 -20.71
CA LYS G 19 -16.99 16.90 -20.87
C LYS G 19 -17.58 17.07 -22.27
N GLU G 20 -18.60 17.91 -22.38
CA GLU G 20 -19.14 18.23 -23.70
C GLU G 20 -18.06 18.80 -24.61
N SER G 21 -17.08 19.50 -24.02
CA SER G 21 -16.00 20.11 -24.79
C SER G 21 -14.85 19.15 -25.08
N SER G 22 -14.76 18.00 -24.39
CA SER G 22 -13.70 17.05 -24.68
C SER G 22 -13.85 16.44 -26.10
N THR G 23 -12.74 15.92 -26.63
CA THR G 23 -12.75 15.48 -28.01
C THR G 23 -12.79 13.95 -28.12
N VAL G 24 -13.26 13.51 -29.28
CA VAL G 24 -13.26 12.09 -29.64
C VAL G 24 -11.89 11.45 -29.42
N PHE G 25 -10.82 12.20 -29.70
CA PHE G 25 -9.47 11.68 -29.47
C PHE G 25 -9.18 11.52 -27.98
N GLU G 26 -9.56 12.51 -27.16
CA GLU G 26 -9.35 12.36 -25.71
C GLU G 26 -10.12 11.16 -25.15
N LEU G 27 -11.28 10.84 -25.75
CA LEU G 27 -12.03 9.63 -25.41
C LEU G 27 -11.30 8.37 -25.85
N LYS G 28 -10.58 8.43 -26.96
CA LYS G 28 -9.76 7.29 -27.38
C LYS G 28 -8.60 7.05 -26.42
N ARG G 29 -8.14 8.09 -25.73
CA ARG G 29 -7.08 7.91 -24.75
C ARG G 29 -7.57 7.13 -23.53
N ILE G 30 -8.79 7.41 -23.09
CA ILE G 30 -9.37 6.68 -21.98
C ILE G 30 -9.59 5.23 -22.35
N VAL G 31 -10.09 4.97 -23.56
CA VAL G 31 -10.24 3.58 -23.97
C VAL G 31 -8.88 2.88 -23.95
N GLU G 32 -7.83 3.62 -24.32
CA GLU G 32 -6.48 3.06 -24.30
C GLU G 32 -6.05 2.71 -22.88
N GLY G 33 -6.35 3.59 -21.93
CA GLY G 33 -6.01 3.30 -20.54
C GLY G 33 -6.68 2.04 -20.02
N ILE G 34 -7.88 1.73 -20.51
CA ILE G 34 -8.62 0.58 -19.97
C ILE G 34 -8.34 -0.70 -20.75
N LEU G 35 -8.47 -0.65 -22.08
CA LEU G 35 -8.36 -1.85 -22.89
C LEU G 35 -6.97 -2.04 -23.47
N LYS G 36 -6.05 -1.13 -23.17
CA LYS G 36 -4.64 -1.24 -23.54
C LYS G 36 -4.45 -1.36 -25.06
N ARG G 37 -5.12 -0.48 -25.80
CA ARG G 37 -4.95 -0.39 -27.24
C ARG G 37 -4.93 1.07 -27.67
N PRO G 38 -4.00 1.45 -28.56
CA PRO G 38 -3.78 2.88 -28.89
C PRO G 38 -4.86 3.46 -29.78
N PRO G 39 -5.03 4.79 -29.77
CA PRO G 39 -6.08 5.42 -30.59
C PRO G 39 -6.12 5.03 -32.06
N ASP G 40 -4.95 4.85 -32.71
CA ASP G 40 -4.92 4.51 -34.14
C ASP G 40 -5.56 3.17 -34.47
N GLU G 41 -5.64 2.26 -33.49
CA GLU G 41 -6.29 0.97 -33.71
C GLU G 41 -7.71 0.92 -33.15
N GLN G 42 -8.36 2.09 -33.00
CA GLN G 42 -9.73 2.18 -32.50
C GLN G 42 -10.59 2.99 -33.45
N ARG G 43 -11.83 2.57 -33.61
CA ARG G 43 -12.82 3.41 -34.26
C ARG G 43 -14.02 3.56 -33.34
N LEU G 44 -14.46 4.80 -33.17
CA LEU G 44 -15.59 5.14 -32.31
C LEU G 44 -16.76 5.61 -33.17
N TYR G 45 -17.96 5.19 -32.78
CA TYR G 45 -19.16 5.40 -33.56
C TYR G 45 -20.25 6.00 -32.70
N LYS G 46 -21.03 6.90 -33.28
CA LYS G 46 -22.35 7.23 -32.73
C LYS G 46 -23.37 6.60 -33.65
N ASP G 47 -24.09 5.61 -33.13
CA ASP G 47 -24.87 4.71 -33.98
C ASP G 47 -23.94 4.22 -35.08
N ASP G 48 -24.26 4.49 -36.35
CA ASP G 48 -23.44 3.98 -37.45
C ASP G 48 -22.39 4.98 -37.94
N GLN G 49 -22.36 6.20 -37.41
CA GLN G 49 -21.45 7.23 -37.90
C GLN G 49 -20.10 7.13 -37.21
N LEU G 50 -19.05 6.95 -38.01
CA LEU G 50 -17.69 7.02 -37.50
C LEU G 50 -17.35 8.45 -37.10
N LEU G 51 -16.71 8.60 -35.94
CA LEU G 51 -16.45 9.90 -35.33
C LEU G 51 -15.00 10.34 -35.54
N ASP G 52 -14.84 11.62 -35.88
CA ASP G 52 -13.55 12.21 -36.16
C ASP G 52 -12.86 12.65 -34.87
N ASP G 53 -11.56 12.43 -34.81
CA ASP G 53 -10.79 12.68 -33.58
C ASP G 53 -10.90 14.13 -33.12
N GLY G 54 -10.96 15.08 -34.05
CA GLY G 54 -10.91 16.46 -33.62
C GLY G 54 -12.21 17.06 -33.18
N LYS G 55 -13.33 16.35 -33.37
CA LYS G 55 -14.63 16.89 -33.00
C LYS G 55 -14.85 16.76 -31.49
N THR G 56 -15.58 17.71 -30.93
CA THR G 56 -15.98 17.58 -29.53
C THR G 56 -17.20 16.65 -29.43
N LEU G 57 -17.34 16.04 -28.24
CA LEU G 57 -18.51 15.18 -28.01
C LEU G 57 -19.81 15.96 -28.20
N GLY G 58 -19.83 17.23 -27.79
CA GLY G 58 -21.03 18.03 -27.94
C GLY G 58 -21.45 18.18 -29.39
N GLU G 59 -20.47 18.38 -30.28
CA GLU G 59 -20.73 18.48 -31.71
C GLU G 59 -21.27 17.19 -32.25
N CAS G 60 -20.88 16.08 -31.64
CA CAS G 60 -21.31 14.80 -32.12
CB CAS G 60 -20.35 13.72 -31.71
C CAS G 60 -22.68 14.46 -31.66
O CAS G 60 -23.17 13.39 -32.01
SG CAS G 60 -18.84 14.04 -32.59
AS CAS G 60 -19.33 13.94 -34.81
CE1 CAS G 60 -17.99 13.10 -36.02
CE2 CAS G 60 -20.99 14.66 -35.62
N GLY G 61 -23.25 15.30 -30.81
CA GLY G 61 -24.59 15.07 -30.36
C GLY G 61 -24.73 14.43 -28.99
N PHE G 62 -23.61 14.30 -28.24
CA PHE G 62 -23.64 13.83 -26.85
C PHE G 62 -23.83 15.06 -25.97
N THR G 63 -25.04 15.23 -25.47
CA THR G 63 -25.39 16.41 -24.70
C THR G 63 -25.78 16.04 -23.29
N SER G 64 -25.63 17.01 -22.40
CA SER G 64 -25.92 16.79 -21.00
C SER G 64 -27.31 16.21 -20.79
N GLN G 65 -28.25 16.51 -21.67
CA GLN G 65 -29.61 16.02 -21.54
C GLN G 65 -29.88 14.74 -22.30
N THR G 66 -28.98 14.31 -23.18
CA THR G 66 -29.13 12.97 -23.76
C THR G 66 -28.19 11.96 -23.15
N ALA G 67 -27.02 12.37 -22.68
CA ALA G 67 -26.07 11.43 -22.10
C ALA G 67 -26.09 11.61 -20.58
N ARG G 68 -27.22 10.95 -19.88
CA ARG G 68 -27.49 11.24 -18.49
C ARG G 68 -26.93 10.14 -17.61
N PRO G 69 -26.62 10.45 -16.34
CA PRO G 69 -25.99 9.41 -15.51
C PRO G 69 -26.82 8.13 -15.40
N GLN G 70 -28.13 8.26 -15.26
CA GLN G 70 -29.04 7.14 -15.12
C GLN G 70 -29.46 6.53 -16.45
N ALA G 71 -29.02 7.11 -17.57
CA ALA G 71 -29.32 6.63 -18.91
C ALA G 71 -28.23 7.11 -19.86
N PRO G 72 -27.04 6.52 -19.80
CA PRO G 72 -25.90 7.08 -20.55
C PRO G 72 -26.03 6.82 -22.04
N ALA G 73 -25.42 7.71 -22.84
CA ALA G 73 -25.41 7.54 -24.29
C ALA G 73 -24.40 6.48 -24.70
N THR G 74 -24.67 5.77 -25.80
CA THR G 74 -23.83 4.67 -26.25
C THR G 74 -22.82 5.11 -27.32
N VAL G 75 -21.56 4.77 -27.13
CA VAL G 75 -20.53 4.97 -28.12
C VAL G 75 -20.03 3.60 -28.59
N GLY G 76 -20.09 3.36 -29.91
CA GLY G 76 -19.58 2.14 -30.47
C GLY G 76 -18.05 2.15 -30.57
N LEU G 77 -17.47 0.97 -30.40
CA LEU G 77 -16.03 0.80 -30.42
C LEU G 77 -15.71 -0.42 -31.27
N ALA G 78 -14.74 -0.26 -32.18
CA ALA G 78 -14.23 -1.29 -33.07
C ALA G 78 -12.71 -1.21 -33.09
N PHE G 79 -12.06 -2.37 -33.08
CA PHE G 79 -10.60 -2.45 -33.01
C PHE G 79 -10.01 -2.84 -34.37
N ARG G 80 -8.78 -2.40 -34.61
CA ARG G 80 -8.02 -2.86 -35.77
C ARG G 80 -7.23 -4.11 -35.37
N ALA G 81 -7.47 -5.21 -36.07
CA ALA G 81 -6.73 -6.46 -35.83
C ALA G 81 -5.83 -6.67 -37.02
N ASP G 82 -4.51 -6.62 -36.78
CA ASP G 82 -3.49 -6.77 -37.82
C ASP G 82 -3.68 -5.75 -38.95
N ASP G 83 -4.01 -6.22 -40.15
CA ASP G 83 -4.09 -5.31 -41.28
C ASP G 83 -5.27 -4.34 -41.14
N THR G 84 -6.48 -4.87 -40.94
CA THR G 84 -7.71 -4.09 -41.09
C THR G 84 -8.53 -4.03 -39.80
N PHE G 85 -9.55 -3.19 -39.86
CA PHE G 85 -10.48 -2.96 -38.77
C PHE G 85 -11.62 -3.97 -38.83
N GLU G 86 -12.01 -4.44 -37.64
CA GLU G 86 -13.22 -5.26 -37.51
C GLU G 86 -14.46 -4.42 -37.76
N ALA G 87 -15.54 -5.10 -38.15
CA ALA G 87 -16.79 -4.38 -38.22
C ALA G 87 -17.29 -4.04 -36.82
N LEU G 88 -18.13 -3.00 -36.74
CA LEU G 88 -18.71 -2.58 -35.47
C LEU G 88 -19.75 -3.64 -35.05
N CAS G 89 -19.62 -4.19 -33.85
CA CAS G 89 -20.54 -5.22 -33.39
CB CAS G 89 -20.10 -6.64 -33.71
C CAS G 89 -20.76 -5.12 -31.91
O CAS G 89 -19.85 -5.06 -31.06
SG CAS G 89 -20.82 -7.83 -32.56
AS CAS G 89 -22.65 -8.31 -33.73
CE1 CAS G 89 -22.54 -8.47 -35.71
CE2 CAS G 89 -24.39 -8.57 -32.79
N ILE G 90 -22.00 -4.96 -31.52
CA ILE G 90 -22.33 -4.79 -30.12
C ILE G 90 -23.34 -5.87 -29.73
N GLU G 91 -22.98 -6.78 -28.78
CA GLU G 91 -23.96 -7.77 -28.38
C GLU G 91 -25.01 -7.11 -27.49
N PRO G 92 -26.30 -7.32 -27.76
CA PRO G 92 -27.33 -6.78 -26.86
C PRO G 92 -27.28 -7.46 -25.50
N PHE G 93 -27.86 -6.79 -24.52
CA PHE G 93 -27.96 -7.40 -23.21
C PHE G 93 -28.99 -8.53 -23.23
N SER G 94 -28.97 -9.35 -22.19
CA SER G 94 -29.94 -10.44 -22.12
C SER G 94 -31.36 -9.88 -22.16
N SER G 95 -32.32 -10.75 -22.41
CA SER G 95 -33.66 -10.17 -22.50
C SER G 95 -34.45 -10.39 -21.22
N PRO G 96 -35.29 -9.43 -20.85
CA PRO G 96 -36.14 -9.61 -19.68
C PRO G 96 -37.17 -10.73 -19.93
N PRO G 97 -37.51 -11.50 -18.89
CA PRO G 97 -38.46 -12.60 -19.08
C PRO G 97 -39.92 -12.20 -19.31
N GLU G 98 -40.25 -10.92 -19.45
CA GLU G 98 -41.64 -10.48 -19.62
C GLU G 98 -42.44 -10.64 -18.32
N LEU G 99 -43.27 -9.65 -18.04
CA LEU G 99 -43.88 -9.45 -16.73
C LEU G 99 -44.57 -10.70 -16.21
N PRO G 100 -44.46 -10.99 -14.91
CA PRO G 100 -45.36 -11.96 -14.28
C PRO G 100 -46.83 -11.55 -14.40
N ASP G 101 -47.70 -12.52 -14.11
CA ASP G 101 -49.13 -12.31 -14.26
C ASP G 101 -49.65 -11.20 -13.34
N VAL G 102 -48.96 -10.96 -12.24
CA VAL G 102 -49.41 -10.00 -11.24
C VAL G 102 -48.80 -8.62 -11.45
N MET G 103 -48.62 -8.20 -12.70
CA MET G 103 -48.12 -6.85 -13.02
C MET G 103 -48.87 -6.17 -14.17
N MET H 2 -8.34 2.30 -10.32
CA MET H 2 -8.94 3.09 -11.40
C MET H 2 -10.28 2.48 -11.84
N TYR H 3 -10.22 1.37 -12.57
CA TYR H 3 -11.38 0.64 -13.00
C TYR H 3 -11.41 -0.76 -12.42
N VAL H 4 -12.62 -1.34 -12.35
CA VAL H 4 -12.81 -2.75 -12.04
C VAL H 4 -13.85 -3.31 -13.00
N LYS H 5 -13.93 -4.63 -13.06
CA LYS H 5 -14.74 -5.34 -14.04
C LYS H 5 -15.76 -6.26 -13.37
N LEU H 6 -17.03 -6.01 -13.68
CA LEU H 6 -18.12 -6.86 -13.22
C LEU H 6 -18.70 -7.62 -14.41
N ILE H 7 -18.77 -8.94 -14.25
CA ILE H 7 -19.17 -9.85 -15.32
C ILE H 7 -20.51 -10.45 -14.98
N SER H 8 -21.43 -10.44 -15.93
CA SER H 8 -22.77 -10.95 -15.66
C SER H 8 -22.84 -12.45 -15.91
N SER H 9 -23.99 -13.00 -15.54
CA SER H 9 -24.22 -14.43 -15.69
C SER H 9 -24.07 -14.86 -17.14
N ASP H 10 -24.46 -14.00 -18.08
CA ASP H 10 -24.37 -14.26 -19.51
C ASP H 10 -23.09 -13.70 -20.13
N GLY H 11 -22.05 -13.45 -19.33
CA GLY H 11 -20.77 -13.11 -19.89
C GLY H 11 -20.56 -11.65 -20.30
N HIS H 12 -21.55 -10.76 -20.17
CA HIS H 12 -21.23 -9.37 -20.47
C HIS H 12 -20.27 -8.83 -19.42
N GLU H 13 -19.32 -8.03 -19.86
CA GLU H 13 -18.30 -7.44 -18.98
C GLU H 13 -18.54 -5.93 -18.90
N PHE H 14 -18.79 -5.45 -17.69
CA PHE H 14 -19.01 -4.05 -17.39
C PHE H 14 -17.79 -3.51 -16.66
N ILE H 15 -17.23 -2.45 -17.18
CA ILE H 15 -16.04 -1.86 -16.59
C ILE H 15 -16.43 -0.47 -16.10
N VAL H 16 -16.46 -0.29 -14.76
CA VAL H 16 -16.86 0.93 -14.09
C VAL H 16 -15.69 1.48 -13.28
N LYS H 17 -15.76 2.76 -12.93
CA LYS H 17 -14.71 3.35 -12.09
C LYS H 17 -14.68 2.67 -10.74
N ARG H 18 -13.47 2.47 -10.21
CA ARG H 18 -13.35 1.75 -8.95
C ARG H 18 -14.09 2.47 -7.84
N GLU H 19 -14.00 3.81 -7.83
CA GLU H 19 -14.73 4.58 -6.82
C GLU H 19 -16.22 4.34 -6.92
N HIS H 20 -16.77 4.30 -8.15
CA HIS H 20 -18.20 4.07 -8.33
C HIS H 20 -18.61 2.69 -7.84
N ALA H 21 -17.74 1.69 -8.03
CA ALA H 21 -18.07 0.34 -7.62
C ALA H 21 -18.09 0.20 -6.10
N LEU H 22 -17.31 1.05 -5.39
CA LEU H 22 -17.28 1.04 -3.92
C LEU H 22 -18.56 1.62 -3.31
N THR H 23 -19.47 2.09 -4.16
CA THR H 23 -20.81 2.46 -3.76
C THR H 23 -21.57 1.28 -3.18
N SER H 24 -21.23 0.08 -3.63
CA SER H 24 -21.80 -1.16 -3.13
C SER H 24 -20.94 -1.68 -1.99
N GLY H 25 -21.56 -1.89 -0.83
CA GLY H 25 -20.82 -2.39 0.31
C GLY H 25 -20.23 -3.77 0.09
N THR H 26 -21.01 -4.70 -0.49
CA THR H 26 -20.46 -6.04 -0.72
C THR H 26 -19.34 -6.03 -1.75
N ILE H 27 -19.49 -5.24 -2.82
CA ILE H 27 -18.45 -5.13 -3.84
C ILE H 27 -17.20 -4.47 -3.26
N LYS H 28 -17.39 -3.41 -2.44
CA LYS H 28 -16.29 -2.81 -1.69
C LYS H 28 -15.59 -3.84 -0.83
N ALA H 29 -16.37 -4.75 -0.21
CA ALA H 29 -15.79 -5.85 0.52
C ALA H 29 -15.10 -6.84 -0.42
N MET H 30 -15.74 -7.14 -1.55
CA MET H 30 -15.20 -8.12 -2.49
C MET H 30 -13.91 -7.67 -3.16
N LEU H 31 -13.43 -6.46 -2.88
CA LEU H 31 -12.12 -6.02 -3.33
C LEU H 31 -11.09 -6.00 -2.20
N SER H 32 -11.25 -6.91 -1.22
CA SER H 32 -10.31 -7.05 -0.10
C SER H 32 -10.67 -8.24 0.81
N ASN H 43 -9.09 -7.68 -9.60
CA ASN H 43 -9.82 -6.50 -10.00
C ASN H 43 -11.10 -6.85 -10.75
N GLU H 44 -11.47 -8.12 -10.70
CA GLU H 44 -12.63 -8.62 -11.42
C GLU H 44 -13.57 -9.32 -10.45
N VAL H 45 -14.87 -9.24 -10.75
CA VAL H 45 -15.93 -9.85 -9.96
C VAL H 45 -16.90 -10.53 -10.90
N ASN H 46 -17.21 -11.80 -10.64
CA ASN H 46 -18.15 -12.57 -11.45
C ASN H 46 -19.47 -12.68 -10.71
N PHE H 47 -20.55 -12.43 -11.41
CA PHE H 47 -21.86 -12.56 -10.80
C PHE H 47 -22.57 -13.67 -11.57
N ARG H 48 -22.37 -14.91 -11.13
CA ARG H 48 -23.02 -16.04 -11.78
C ARG H 48 -24.55 -15.96 -11.72
N GLU H 49 -25.11 -15.04 -10.93
CA GLU H 49 -26.54 -15.04 -10.66
C GLU H 49 -27.27 -13.83 -11.26
N ILE H 50 -26.56 -12.84 -11.78
CA ILE H 50 -27.15 -11.59 -12.27
C ILE H 50 -27.00 -11.47 -13.78
N PRO H 51 -28.07 -11.44 -14.55
CA PRO H 51 -27.96 -11.32 -16.00
C PRO H 51 -27.59 -9.89 -16.40
N SER H 52 -27.23 -9.74 -17.69
CA SER H 52 -26.71 -8.46 -18.16
C SER H 52 -27.78 -7.36 -18.19
N HIS H 53 -29.05 -7.70 -18.44
CA HIS H 53 -30.05 -6.62 -18.43
C HIS H 53 -30.31 -6.08 -17.04
N VAL H 54 -29.85 -6.77 -15.99
CA VAL H 54 -29.87 -6.26 -14.63
C VAL H 54 -28.54 -5.64 -14.25
N LEU H 55 -27.41 -6.29 -14.60
CA LEU H 55 -26.15 -5.74 -14.12
C LEU H 55 -25.84 -4.39 -14.77
N SER H 56 -26.30 -4.18 -16.01
CA SER H 56 -26.11 -2.89 -16.66
C SER H 56 -26.84 -1.79 -15.92
N LYS H 57 -28.07 -2.06 -15.46
CA LYS H 57 -28.83 -1.05 -14.72
C LYS H 57 -28.16 -0.73 -13.39
N VAL H 58 -27.61 -1.74 -12.72
CA VAL H 58 -26.86 -1.52 -11.49
C VAL H 58 -25.75 -0.50 -11.71
N CYS H 59 -25.00 -0.64 -12.82
CA CYS H 59 -23.88 0.28 -13.10
C CYS H 59 -24.37 1.70 -13.34
N MET H 60 -25.52 1.84 -13.99
CA MET H 60 -26.08 3.18 -14.17
C MET H 60 -26.39 3.79 -12.81
N TYR H 61 -26.91 2.96 -11.88
CA TYR H 61 -27.21 3.46 -10.55
C TYR H 61 -25.94 3.95 -9.85
N PHE H 62 -24.82 3.24 -10.00
CA PHE H 62 -23.55 3.72 -9.46
C PHE H 62 -23.25 5.14 -9.93
N THR H 63 -23.34 5.35 -11.24
CA THR H 63 -23.05 6.66 -11.80
C THR H 63 -24.05 7.69 -11.29
N TYR H 64 -25.31 7.25 -11.16
CA TYR H 64 -26.36 8.12 -10.66
C TYR H 64 -26.13 8.49 -9.20
N LYS H 65 -25.70 7.52 -8.36
CA LYS H 65 -25.50 7.77 -6.92
C LYS H 65 -24.40 8.81 -6.72
N VAL H 66 -23.25 8.53 -7.32
CA VAL H 66 -22.07 9.38 -7.17
C VAL H 66 -22.33 10.78 -7.71
N ARG H 67 -23.12 10.89 -8.79
CA ARG H 67 -23.33 12.21 -9.37
C ARG H 67 -24.22 13.06 -8.49
N TYR H 68 -25.26 12.48 -7.89
CA TYR H 68 -26.32 13.25 -7.28
C TYR H 68 -26.29 13.24 -5.76
N THR H 69 -25.49 12.38 -5.14
CA THR H 69 -25.26 12.46 -3.71
C THR H 69 -24.54 13.76 -3.36
N ASN H 70 -25.09 14.50 -2.39
CA ASN H 70 -24.56 15.77 -1.90
C ASN H 70 -24.47 16.84 -3.01
N SER H 71 -25.60 17.17 -3.61
CA SER H 71 -25.65 18.27 -4.55
C SER H 71 -27.03 18.91 -4.48
N SER H 72 -27.06 20.24 -4.64
CA SER H 72 -28.30 21.00 -4.69
C SER H 72 -28.88 21.09 -6.09
N THR H 73 -28.16 20.63 -7.11
CA THR H 73 -28.80 20.29 -8.38
C THR H 73 -30.06 19.47 -8.12
N GLU H 74 -31.08 19.68 -8.93
CA GLU H 74 -32.32 18.98 -8.72
C GLU H 74 -32.14 17.56 -9.24
N ILE H 75 -32.52 16.61 -8.41
CA ILE H 75 -32.23 15.20 -8.61
C ILE H 75 -33.39 14.58 -9.38
N PRO H 76 -33.11 13.92 -10.50
CA PRO H 76 -34.18 13.25 -11.26
C PRO H 76 -34.46 11.87 -10.71
N GLU H 77 -35.61 11.34 -11.13
CA GLU H 77 -36.00 9.98 -10.78
C GLU H 77 -35.04 8.95 -11.41
N PHE H 78 -34.74 7.87 -10.66
CA PHE H 78 -34.01 6.76 -11.25
C PHE H 78 -35.00 5.83 -11.95
N PRO H 79 -34.95 5.70 -13.26
CA PRO H 79 -35.95 4.92 -13.99
C PRO H 79 -35.62 3.44 -13.94
N ILE H 80 -36.64 2.62 -13.73
CA ILE H 80 -36.53 1.16 -13.69
C ILE H 80 -37.74 0.60 -14.43
N ALA H 81 -37.49 -0.05 -15.57
CA ALA H 81 -38.56 -0.61 -16.41
C ALA H 81 -39.26 -1.78 -15.72
N PRO H 82 -40.58 -1.90 -15.89
CA PRO H 82 -41.31 -2.98 -15.20
C PRO H 82 -40.74 -4.37 -15.45
N GLU H 83 -40.24 -4.64 -16.66
CA GLU H 83 -39.81 -6.00 -16.99
C GLU H 83 -38.56 -6.42 -16.22
N ILE H 84 -37.82 -5.48 -15.65
CA ILE H 84 -36.60 -5.80 -14.93
C ILE H 84 -36.70 -5.53 -13.42
N ALA H 85 -37.84 -5.01 -12.95
CA ALA H 85 -37.92 -4.59 -11.55
C ALA H 85 -37.60 -5.72 -10.59
N LEU H 86 -38.19 -6.91 -10.83
CA LEU H 86 -38.08 -8.00 -9.86
C LEU H 86 -36.65 -8.51 -9.74
N GLU H 87 -35.98 -8.68 -10.88
CA GLU H 87 -34.59 -9.13 -10.86
C GLU H 87 -33.67 -8.05 -10.31
N LEU H 88 -33.95 -6.77 -10.61
CA LEU H 88 -33.13 -5.71 -10.06
C LEU H 88 -33.29 -5.63 -8.53
N LEU H 89 -34.51 -5.83 -8.03
CA LEU H 89 -34.71 -5.87 -6.59
C LEU H 89 -33.86 -6.95 -5.94
N MET H 90 -33.84 -8.15 -6.53
CA MET H 90 -33.06 -9.26 -5.96
C MET H 90 -31.57 -8.93 -5.95
N ALA H 91 -31.05 -8.35 -7.03
CA ALA H 91 -29.62 -8.03 -7.08
C ALA H 91 -29.26 -6.90 -6.12
N ALA H 92 -30.13 -5.86 -6.03
CA ALA H 92 -29.86 -4.75 -5.13
C ALA H 92 -29.75 -5.24 -3.69
N ASN H 93 -30.61 -6.20 -3.31
CA ASN H 93 -30.53 -6.81 -1.99
C ASN H 93 -29.13 -7.37 -1.71
N PHE H 94 -28.58 -8.16 -2.66
CA PHE H 94 -27.30 -8.77 -2.39
C PHE H 94 -26.15 -7.76 -2.45
N LEU H 95 -26.25 -6.72 -3.27
CA LEU H 95 -25.11 -5.83 -3.42
C LEU H 95 -25.02 -4.73 -2.35
N ASP H 96 -26.07 -4.51 -1.57
CA ASP H 96 -26.11 -3.38 -0.62
C ASP H 96 -25.72 -2.06 -1.25
N VAL I 11 -42.50 14.62 21.75
CA VAL I 11 -41.11 15.08 21.59
C VAL I 11 -40.88 15.84 20.30
N LEU I 12 -41.22 15.23 19.16
CA LEU I 12 -41.19 15.88 17.85
C LEU I 12 -42.55 16.53 17.61
N ARG I 13 -42.67 17.80 18.01
CA ARG I 13 -43.93 18.52 17.98
C ARG I 13 -43.67 19.93 17.48
N SER I 14 -44.72 20.56 16.99
CA SER I 14 -44.61 21.99 16.74
C SER I 14 -44.59 22.76 18.06
N VAL I 15 -43.80 23.84 18.08
CA VAL I 15 -43.77 24.79 19.18
C VAL I 15 -44.87 25.82 18.93
N ASN I 16 -45.77 25.99 19.90
CA ASN I 16 -46.89 26.93 19.76
C ASN I 16 -46.39 28.37 19.96
N SER I 17 -45.55 28.80 19.04
CA SER I 17 -44.94 30.10 19.18
C SER I 17 -45.93 31.23 18.95
N ARG I 18 -46.96 30.97 18.13
CA ARG I 18 -47.89 31.99 17.62
C ARG I 18 -47.17 33.17 16.96
N GLU I 19 -45.94 32.98 16.44
CA GLU I 19 -45.29 34.02 15.64
C GLU I 19 -45.41 33.64 14.17
N PRO I 20 -46.15 34.39 13.36
CA PRO I 20 -46.29 34.00 11.95
C PRO I 20 -44.95 33.97 11.24
N SER I 21 -44.87 33.07 10.25
CA SER I 21 -43.67 32.92 9.44
C SER I 21 -44.15 32.55 8.04
N GLN I 22 -43.73 33.31 7.06
CA GLN I 22 -44.21 33.11 5.70
C GLN I 22 -43.24 32.19 4.97
N VAL I 23 -43.81 31.17 4.32
CA VAL I 23 -43.04 30.08 3.74
C VAL I 23 -43.51 29.84 2.31
N ILE I 24 -42.56 29.46 1.45
CA ILE I 24 -42.85 29.02 0.09
C ILE I 24 -42.45 27.57 -0.04
N PHE I 25 -43.44 26.69 -0.22
CA PHE I 25 -43.23 25.30 -0.53
C PHE I 25 -42.89 25.23 -2.00
N CAS I 26 -41.69 24.77 -2.33
CA CAS I 26 -41.28 24.74 -3.70
CB CAS I 26 -40.17 25.79 -3.84
C CAS I 26 -40.89 23.32 -4.09
O CAS I 26 -39.82 22.83 -3.66
SG CAS I 26 -39.49 25.59 -5.44
AS CAS I 26 -40.93 26.61 -6.83
CE1 CAS I 26 -41.80 25.67 -8.34
CE2 CAS I 26 -41.30 28.54 -6.57
N ASN I 27 -41.73 22.68 -4.91
CA ASN I 27 -41.60 21.25 -5.23
C ASN I 27 -40.66 21.00 -6.41
N ARG I 28 -39.36 20.91 -6.13
CA ARG I 28 -38.38 20.59 -7.18
C ARG I 28 -38.15 19.10 -7.28
N SER I 29 -39.24 18.35 -7.32
CA SER I 29 -39.21 16.90 -7.42
C SER I 29 -40.23 16.51 -8.49
N PRO I 30 -40.10 15.32 -9.06
CA PRO I 30 -41.12 14.83 -10.00
C PRO I 30 -42.36 14.23 -9.34
N ARG I 31 -42.48 14.27 -8.01
CA ARG I 31 -43.64 13.69 -7.37
C ARG I 31 -44.68 14.75 -7.00
N VAL I 32 -45.94 14.30 -6.92
CA VAL I 32 -46.96 15.03 -6.20
C VAL I 32 -46.64 14.92 -4.71
N VAL I 33 -46.42 16.07 -4.08
CA VAL I 33 -45.90 16.15 -2.72
C VAL I 33 -47.05 16.39 -1.75
N LEU I 34 -47.06 15.63 -0.66
CA LEU I 34 -47.98 15.88 0.43
C LEU I 34 -47.24 16.59 1.55
N PRO I 35 -47.56 17.85 1.86
CA PRO I 35 -46.97 18.48 3.05
C PRO I 35 -47.64 17.98 4.31
N VAL I 36 -46.84 17.74 5.35
CA VAL I 36 -47.38 17.22 6.60
C VAL I 36 -46.91 18.11 7.73
N TRP I 37 -47.86 18.66 8.47
CA TRP I 37 -47.58 19.46 9.65
C TRP I 37 -47.75 18.56 10.89
N LEU I 38 -46.78 18.60 11.80
CA LEU I 38 -46.93 17.92 13.09
C LEU I 38 -47.58 18.91 14.03
N ASN I 39 -48.76 18.59 14.53
CA ASN I 39 -49.48 19.53 15.40
C ASN I 39 -48.83 19.58 16.80
N PHE I 40 -49.46 20.34 17.71
CA PHE I 40 -48.89 20.59 19.02
C PHE I 40 -48.83 19.32 19.89
N ASP I 41 -49.62 18.31 19.57
CA ASP I 41 -49.56 17.00 20.19
C ASP I 41 -48.63 16.04 19.46
N GLY I 42 -47.94 16.48 18.40
CA GLY I 42 -47.09 15.58 17.66
C GLY I 42 -47.80 14.74 16.63
N GLU I 43 -49.12 14.91 16.44
CA GLU I 43 -49.85 14.12 15.44
C GLU I 43 -49.69 14.73 14.05
N PRO I 44 -49.37 13.93 13.03
CA PRO I 44 -49.20 14.48 11.67
C PRO I 44 -50.53 14.90 11.06
N GLN I 45 -50.54 16.08 10.42
CA GLN I 45 -51.75 16.58 9.77
C GLN I 45 -51.49 16.85 8.30
N PRO I 46 -52.18 16.19 7.38
CA PRO I 46 -51.91 16.45 5.95
C PRO I 46 -52.49 17.79 5.49
N TYR I 47 -51.75 18.45 4.62
CA TYR I 47 -52.14 19.68 3.94
C TYR I 47 -52.31 19.43 2.43
N PRO I 48 -52.86 20.39 1.70
CA PRO I 48 -53.12 20.17 0.26
C PRO I 48 -51.85 19.89 -0.55
N THR I 49 -51.99 18.99 -1.53
CA THR I 49 -50.83 18.46 -2.23
C THR I 49 -50.27 19.49 -3.23
N LEU I 50 -49.02 19.28 -3.59
CA LEU I 50 -48.29 20.15 -4.51
C LEU I 50 -47.98 19.37 -5.77
N PRO I 51 -48.50 19.78 -6.92
CA PRO I 51 -48.15 19.09 -8.17
C PRO I 51 -46.68 19.25 -8.47
N PRO I 52 -46.10 18.30 -9.23
CA PRO I 52 -44.67 18.40 -9.57
C PRO I 52 -44.36 19.72 -10.24
N GLY I 53 -43.20 20.27 -9.90
CA GLY I 53 -42.68 21.51 -10.41
C GLY I 53 -43.38 22.77 -9.95
N THR I 54 -44.30 22.70 -9.00
CA THR I 54 -45.05 23.87 -8.59
C THR I 54 -44.58 24.38 -7.23
N GLY I 55 -44.94 25.64 -6.96
CA GLY I 55 -44.61 26.28 -5.70
C GLY I 55 -45.89 26.81 -5.09
N ARG I 56 -45.82 27.10 -3.79
CA ARG I 56 -47.03 27.58 -3.13
C ARG I 56 -46.65 28.37 -1.89
N ARG I 57 -47.40 29.41 -1.61
CA ARG I 57 -47.08 30.23 -0.46
C ARG I 57 -47.93 29.81 0.73
N ILE I 58 -47.28 29.74 1.88
CA ILE I 58 -47.81 29.09 3.07
C ILE I 58 -47.65 30.08 4.21
N HIS I 59 -48.69 30.19 5.02
CA HIS I 59 -48.62 30.94 6.27
C HIS I 59 -48.36 29.95 7.42
N SER I 60 -47.20 30.06 8.05
CA SER I 60 -46.85 29.14 9.13
C SER I 60 -46.41 29.95 10.35
N TYR I 61 -45.66 29.30 11.25
CA TYR I 61 -45.27 29.91 12.49
C TYR I 61 -43.86 29.49 12.84
N ARG I 62 -43.16 30.33 13.58
CA ARG I 62 -41.83 29.98 14.03
C ARG I 62 -41.90 28.73 14.91
N GLY I 63 -41.00 27.79 14.68
CA GLY I 63 -40.96 26.61 15.51
C GLY I 63 -41.91 25.48 15.14
N HIS I 64 -42.76 25.65 14.12
CA HIS I 64 -43.58 24.53 13.68
C HIS I 64 -42.74 23.54 12.86
N LEU I 65 -43.24 22.31 12.75
CA LEU I 65 -42.50 21.22 12.10
C LEU I 65 -43.27 20.70 10.90
N TRP I 66 -42.57 20.56 9.78
CA TRP I 66 -43.13 20.00 8.57
C TRP I 66 -42.26 18.88 8.07
N LEU I 67 -42.89 17.88 7.48
CA LEU I 67 -42.17 16.95 6.64
C LEU I 67 -42.97 16.77 5.35
N PHE I 68 -42.33 16.12 4.36
CA PHE I 68 -42.89 16.03 3.02
C PHE I 68 -42.73 14.62 2.44
N ARG I 69 -43.80 14.15 1.81
CA ARG I 69 -43.95 12.78 1.38
C ARG I 69 -44.55 12.76 -0.03
N ASP I 70 -44.27 11.70 -0.75
CA ASP I 70 -45.00 11.44 -1.97
C ASP I 70 -46.48 11.20 -1.62
N ALA I 71 -47.38 11.95 -2.25
CA ALA I 71 -48.78 11.90 -1.86
C ALA I 71 -49.41 10.54 -2.10
N GLY I 72 -48.97 9.80 -3.11
CA GLY I 72 -49.63 8.52 -3.38
C GLY I 72 -49.07 7.34 -2.58
N THR I 73 -47.77 7.36 -2.31
CA THR I 73 -47.05 6.23 -1.75
C THR I 73 -46.41 6.47 -0.39
N HIS I 74 -46.34 7.71 0.07
CA HIS I 74 -45.68 8.12 1.32
C HIS I 74 -44.18 7.90 1.29
N ASP I 75 -43.58 7.68 0.10
CA ASP I 75 -42.12 7.73 -0.01
C ASP I 75 -41.62 9.04 0.57
N GLY I 76 -40.53 8.98 1.31
CA GLY I 76 -40.04 10.17 1.97
C GLY I 76 -39.34 11.08 0.99
N LEU I 77 -39.45 12.39 1.23
CA LEU I 77 -38.75 13.38 0.43
C LEU I 77 -37.91 14.24 1.36
N LEU I 78 -36.94 14.92 0.79
CA LEU I 78 -36.12 15.84 1.58
C LEU I 78 -36.66 17.24 1.36
N VAL I 79 -36.38 18.10 2.34
CA VAL I 79 -36.73 19.50 2.29
C VAL I 79 -35.52 20.27 2.77
N ASN I 80 -34.99 21.15 1.93
CA ASN I 80 -33.72 21.82 2.17
C ASN I 80 -32.65 20.83 2.62
N GLN I 81 -32.56 19.71 1.92
CA GLN I 81 -31.55 18.67 2.15
C GLN I 81 -31.70 17.84 3.42
N THR I 82 -32.73 18.01 4.24
CA THR I 82 -32.87 17.21 5.45
C THR I 82 -34.33 16.73 5.53
N GLU I 83 -34.72 16.07 6.62
CA GLU I 83 -36.04 15.47 6.63
C GLU I 83 -37.11 16.34 7.27
N LEU I 84 -36.74 17.32 8.08
CA LEU I 84 -37.72 18.19 8.71
C LEU I 84 -37.45 19.65 8.38
N PHE I 85 -38.55 20.41 8.27
CA PHE I 85 -38.52 21.84 7.99
C PHE I 85 -39.14 22.59 9.15
N VAL I 86 -38.40 23.56 9.69
CA VAL I 86 -38.90 24.38 10.80
C VAL I 86 -38.85 25.84 10.36
N PRO I 87 -39.97 26.50 10.10
CA PRO I 87 -39.90 27.92 9.69
C PRO I 87 -39.24 28.74 10.79
N SER I 88 -38.38 29.66 10.37
CA SER I 88 -37.67 30.57 11.25
C SER I 88 -38.32 31.94 11.10
N LEU I 89 -37.65 32.96 11.62
CA LEU I 89 -38.17 34.32 11.52
C LEU I 89 -37.88 34.89 10.15
N ASN I 90 -38.86 35.59 9.56
CA ASN I 90 -38.71 36.22 8.25
C ASN I 90 -37.90 37.51 8.43
N VAL I 91 -36.66 37.53 7.96
CA VAL I 91 -35.84 38.74 8.06
C VAL I 91 -36.04 39.62 6.84
N ASP I 92 -36.12 40.92 7.05
CA ASP I 92 -36.63 41.89 6.06
C ASP I 92 -38.04 41.40 5.72
N GLY I 93 -38.44 41.44 4.46
CA GLY I 93 -39.73 40.89 4.09
C GLY I 93 -39.59 39.66 3.23
N GLN I 94 -38.65 38.77 3.59
CA GLN I 94 -38.33 37.63 2.75
C GLN I 94 -38.96 36.36 3.31
N PRO I 95 -39.74 35.66 2.51
CA PRO I 95 -40.31 34.39 2.98
C PRO I 95 -39.23 33.30 3.03
N ILE I 96 -39.43 32.29 3.88
CA ILE I 96 -38.49 31.18 3.98
C ILE I 96 -38.81 30.14 2.92
N PHE I 97 -37.81 29.72 2.17
CA PHE I 97 -38.01 28.73 1.12
C PHE I 97 -37.86 27.33 1.66
N ALA I 98 -38.82 26.46 1.35
CA ALA I 98 -38.74 25.04 1.65
C ALA I 98 -38.64 24.28 0.32
N ASN I 99 -37.40 23.94 -0.08
CA ASN I 99 -37.16 23.25 -1.34
C ASN I 99 -37.30 21.74 -1.16
N ILE I 100 -38.33 21.17 -1.78
CA ILE I 100 -38.65 19.75 -1.67
C ILE I 100 -38.03 19.03 -2.87
N THR I 101 -37.15 18.06 -2.61
CA THR I 101 -36.45 17.32 -3.67
C THR I 101 -36.49 15.82 -3.39
N LEU I 102 -36.29 15.04 -4.45
CA LEU I 102 -36.05 13.62 -4.29
C LEU I 102 -34.75 13.43 -3.52
N PRO I 103 -34.71 12.49 -2.58
CA PRO I 103 -33.42 11.99 -2.10
C PRO I 103 -32.81 11.05 -3.14
N VAL I 104 -31.53 10.73 -2.92
CA VAL I 104 -30.97 9.58 -3.63
C VAL I 104 -31.36 8.31 -2.88
N TYR I 105 -32.48 7.71 -3.29
CA TYR I 105 -32.85 6.44 -2.71
C TYR I 105 -31.76 5.38 -2.99
N THR I 106 -31.61 4.45 -2.05
CA THR I 106 -30.89 3.22 -2.36
C THR I 106 -31.60 2.52 -3.50
N LEU I 107 -30.81 1.77 -4.27
CA LEU I 107 -31.39 1.02 -5.39
C LEU I 107 -32.41 0.04 -4.88
N LYS I 108 -32.13 -0.57 -3.72
CA LYS I 108 -33.10 -1.47 -3.11
C LYS I 108 -34.42 -0.77 -2.89
N GLU I 109 -34.38 0.43 -2.27
CA GLU I 109 -35.64 1.11 -1.96
C GLU I 109 -36.33 1.56 -3.23
N ARG I 110 -35.55 1.96 -4.24
CA ARG I 110 -36.18 2.33 -5.48
C ARG I 110 -36.81 1.12 -6.18
N CYS I 111 -36.19 -0.08 -6.09
CA CYS I 111 -36.87 -1.22 -6.67
C CYS I 111 -38.16 -1.55 -5.92
N LEU I 112 -38.16 -1.42 -4.58
CA LEU I 112 -39.41 -1.67 -3.84
C LEU I 112 -40.50 -0.70 -4.25
N GLN I 113 -40.13 0.57 -4.48
CA GLN I 113 -41.14 1.55 -4.90
C GLN I 113 -41.78 1.15 -6.22
N VAL I 114 -40.97 0.73 -7.19
CA VAL I 114 -41.49 0.41 -8.53
C VAL I 114 -42.34 -0.84 -8.48
N VAL I 115 -41.84 -1.89 -7.81
CA VAL I 115 -42.60 -3.14 -7.66
C VAL I 115 -43.93 -2.88 -6.96
N ARG I 116 -43.91 -2.14 -5.84
CA ARG I 116 -45.15 -1.81 -5.13
C ARG I 116 -46.14 -1.11 -6.06
N SER I 117 -45.63 -0.26 -6.97
CA SER I 117 -46.45 0.51 -7.91
C SER I 117 -47.09 -0.35 -8.98
N LEU I 118 -46.59 -1.58 -9.22
CA LEU I 118 -47.14 -2.46 -10.25
C LEU I 118 -47.93 -3.65 -9.73
N VAL I 119 -47.72 -4.06 -8.47
CA VAL I 119 -48.36 -5.24 -7.90
C VAL I 119 -49.34 -4.81 -6.81
N LYS I 120 -50.68 -5.29 -6.89
CA LYS I 120 -51.57 -5.03 -5.75
C LYS I 120 -51.08 -5.81 -4.53
N PRO I 121 -51.24 -5.26 -3.32
CA PRO I 121 -50.66 -5.94 -2.15
C PRO I 121 -51.27 -7.32 -1.91
N GLU I 122 -52.47 -7.59 -2.43
CA GLU I 122 -53.03 -8.95 -2.48
C GLU I 122 -52.02 -9.95 -3.03
N ASN I 123 -51.37 -9.61 -4.16
CA ASN I 123 -50.56 -10.54 -4.93
C ASN I 123 -49.07 -10.39 -4.68
N TYR I 124 -48.66 -9.63 -3.65
CA TYR I 124 -47.24 -9.60 -3.31
C TYR I 124 -46.71 -11.02 -3.17
N ARG I 125 -47.50 -11.88 -2.54
CA ARG I 125 -47.14 -13.25 -2.26
C ARG I 125 -47.26 -14.19 -3.50
N ARG I 126 -47.68 -13.70 -4.66
CA ARG I 126 -47.64 -14.48 -5.90
C ARG I 126 -46.35 -14.24 -6.68
N LEU I 127 -45.44 -13.41 -6.16
CA LEU I 127 -44.16 -13.13 -6.78
C LEU I 127 -43.15 -14.17 -6.32
N ASP I 128 -42.23 -14.53 -7.21
CA ASP I 128 -41.21 -15.54 -6.89
C ASP I 128 -39.94 -14.82 -6.47
N ILE I 129 -39.86 -14.53 -5.17
CA ILE I 129 -38.71 -13.82 -4.60
C ILE I 129 -38.47 -14.37 -3.18
N VAL I 130 -37.40 -13.91 -2.52
CA VAL I 130 -37.11 -14.30 -1.13
C VAL I 130 -38.22 -13.85 -0.17
N ARG I 131 -38.50 -14.64 0.87
CA ARG I 131 -39.50 -14.20 1.84
C ARG I 131 -39.08 -12.90 2.51
N SER I 132 -37.78 -12.70 2.74
CA SER I 132 -37.36 -11.47 3.42
C SER I 132 -37.61 -10.21 2.59
N LEU I 133 -37.52 -10.31 1.26
CA LEU I 133 -37.85 -9.17 0.41
C LEU I 133 -39.36 -8.97 0.35
N TYR I 134 -40.14 -10.04 0.54
CA TYR I 134 -41.58 -9.99 0.70
C TYR I 134 -41.96 -9.11 1.87
N GLU I 135 -41.28 -9.35 3.00
CA GLU I 135 -41.47 -8.51 4.18
C GLU I 135 -41.02 -7.07 3.90
N ASP I 136 -39.95 -6.90 3.12
CA ASP I 136 -39.48 -5.56 2.78
C ASP I 136 -40.52 -4.83 1.93
N LEU I 137 -41.20 -5.55 1.03
CA LEU I 137 -42.25 -4.99 0.18
C LEU I 137 -43.47 -4.56 0.99
N GLU I 138 -43.89 -5.36 1.96
CA GLU I 138 -45.12 -5.06 2.66
C GLU I 138 -44.97 -3.89 3.61
N ASP I 139 -43.75 -3.61 4.05
CA ASP I 139 -43.44 -2.53 4.98
C ASP I 139 -43.38 -1.18 4.25
N HIS I 140 -44.58 -0.68 3.89
CA HIS I 140 -44.70 0.55 3.12
C HIS I 140 -44.12 1.74 3.89
N PRO I 141 -43.61 2.75 3.19
CA PRO I 141 -43.16 3.96 3.89
C PRO I 141 -44.32 4.54 4.69
N ASN I 142 -44.02 5.02 5.88
CA ASN I 142 -45.06 5.31 6.85
C ASN I 142 -44.60 6.49 7.70
N VAL I 143 -45.47 7.51 7.82
CA VAL I 143 -45.04 8.73 8.48
C VAL I 143 -44.84 8.49 9.96
N GLN I 144 -45.79 7.78 10.60
CA GLN I 144 -45.67 7.54 12.03
C GLN I 144 -44.42 6.73 12.34
N LYS I 145 -44.16 5.69 11.56
CA LYS I 145 -42.96 4.88 11.71
C LYS I 145 -41.70 5.73 11.58
N ASP I 146 -41.64 6.58 10.55
CA ASP I 146 -40.48 7.45 10.38
C ASP I 146 -40.36 8.44 11.54
N LEU I 147 -41.48 8.92 12.08
CA LEU I 147 -41.40 9.81 13.23
C LEU I 147 -40.84 9.09 14.44
N GLU I 148 -41.22 7.82 14.63
CA GLU I 148 -40.66 7.05 15.73
C GLU I 148 -39.18 6.82 15.54
N ARG I 149 -38.76 6.56 14.30
CA ARG I 149 -37.33 6.31 14.05
C ARG I 149 -36.50 7.56 14.26
N LEU I 150 -37.00 8.72 13.82
CA LEU I 150 -36.29 9.97 14.05
C LEU I 150 -36.25 10.34 15.52
N THR I 151 -37.31 10.01 16.27
CA THR I 151 -37.27 10.23 17.71
C THR I 151 -36.20 9.37 18.38
N GLN I 152 -36.06 8.13 17.94
CA GLN I 152 -35.08 7.24 18.57
C GLN I 152 -33.65 7.56 18.16
N GLU I 153 -33.48 8.19 17.00
CA GLU I 153 -32.12 8.57 16.52
C GLU I 153 -31.72 9.84 17.25
N ARG I 154 -32.29 10.08 18.43
CA ARG I 154 -31.95 11.30 19.22
C ARG I 154 -31.74 10.90 20.69
N MET J 1 17.40 46.90 -3.83
CA MET J 1 16.33 45.93 -3.80
C MET J 1 16.85 44.50 -3.80
N ASP J 2 16.37 43.69 -2.87
CA ASP J 2 16.73 42.29 -2.83
C ASP J 2 15.78 41.46 -3.69
N VAL J 3 16.35 40.50 -4.42
CA VAL J 3 15.59 39.55 -5.23
C VAL J 3 15.97 38.17 -4.77
N PHE J 4 15.02 37.25 -4.79
CA PHE J 4 15.22 35.94 -4.21
C PHE J 4 15.07 34.88 -5.30
N LEU J 5 16.03 33.97 -5.37
CA LEU J 5 16.23 33.13 -6.55
C LEU J 5 16.37 31.67 -6.18
N MET J 6 16.06 30.83 -7.16
CA MET J 6 16.40 29.40 -7.16
C MET J 6 17.21 29.19 -8.42
N ILE J 7 18.48 28.86 -8.26
CA ILE J 7 19.33 28.54 -9.39
C ILE J 7 19.27 27.04 -9.58
N ARG J 8 18.80 26.60 -10.73
CA ARG J 8 18.42 25.19 -10.87
C ARG J 8 19.15 24.56 -12.05
N ARG J 9 19.65 23.36 -11.82
CA ARG J 9 20.27 22.53 -12.83
C ARG J 9 19.98 21.09 -12.44
N HIS J 10 19.40 20.32 -13.38
CA HIS J 10 19.15 18.90 -13.16
C HIS J 10 18.36 18.70 -11.88
N LYS J 11 19.00 18.11 -10.87
CA LYS J 11 18.40 17.85 -9.58
C LYS J 11 19.00 18.70 -8.47
N THR J 12 19.60 19.83 -8.82
CA THR J 12 20.24 20.71 -7.86
C THR J 12 19.50 22.04 -7.86
N THR J 13 19.30 22.57 -6.66
CA THR J 13 18.63 23.86 -6.50
C THR J 13 19.38 24.64 -5.43
N ILE J 14 19.91 25.79 -5.83
CA ILE J 14 20.54 26.73 -4.92
C ILE J 14 19.56 27.86 -4.59
N PHE J 15 19.22 28.02 -3.30
CA PHE J 15 18.44 29.18 -2.82
C PHE J 15 19.39 30.30 -2.42
N THR J 16 19.30 31.44 -3.10
CA THR J 16 20.15 32.57 -2.75
C THR J 16 19.44 33.87 -3.09
N ASP J 17 19.97 34.98 -2.59
CA ASP J 17 19.44 36.29 -2.87
C ASP J 17 20.52 37.17 -3.50
N ALA J 18 20.09 38.24 -4.14
CA ALA J 18 21.05 39.17 -4.72
C ALA J 18 20.33 40.49 -4.85
N LYS J 19 21.06 41.51 -5.25
CA LYS J 19 20.45 42.80 -5.47
C LYS J 19 19.94 42.90 -6.91
N GLU J 20 18.85 43.65 -7.07
CA GLU J 20 18.30 43.86 -8.41
C GLU J 20 19.34 44.47 -9.35
N SER J 21 20.25 45.29 -8.81
CA SER J 21 21.28 45.99 -9.57
C SER J 21 22.49 45.14 -9.80
N SER J 22 22.59 44.02 -9.09
CA SER J 22 23.65 43.04 -9.19
C SER J 22 23.64 42.45 -10.61
N THR J 23 24.75 41.85 -11.03
CA THR J 23 24.86 41.37 -12.39
C THR J 23 24.81 39.85 -12.47
N VAL J 24 24.44 39.39 -13.65
CA VAL J 24 24.50 37.98 -13.98
C VAL J 24 25.88 37.40 -13.68
N PHE J 25 26.95 38.18 -13.95
CA PHE J 25 28.28 37.66 -13.66
C PHE J 25 28.46 37.44 -12.15
N GLU J 26 27.98 38.36 -11.31
CA GLU J 26 28.12 38.20 -9.86
C GLU J 26 27.36 36.98 -9.35
N LEU J 27 26.25 36.66 -9.97
CA LEU J 27 25.53 35.41 -9.68
C LEU J 27 26.33 34.19 -10.10
N LYS J 28 27.08 34.27 -11.21
CA LYS J 28 27.93 33.12 -11.55
C LYS J 28 29.02 32.95 -10.52
N ARG J 29 29.45 34.05 -9.89
CA ARG J 29 30.47 33.90 -8.84
C ARG J 29 29.89 33.16 -7.64
N ILE J 30 28.63 33.42 -7.29
CA ILE J 30 27.99 32.68 -6.23
C ILE J 30 27.95 31.19 -6.59
N VAL J 31 27.51 30.87 -7.81
CA VAL J 31 27.47 29.45 -8.20
C VAL J 31 28.86 28.82 -8.12
N GLU J 32 29.91 29.57 -8.49
CA GLU J 32 31.25 28.99 -8.46
C GLU J 32 31.63 28.58 -7.04
N GLY J 33 31.35 29.45 -6.06
CA GLY J 33 31.70 29.15 -4.69
C GLY J 33 31.06 27.88 -4.20
N ILE J 34 29.89 27.54 -4.72
CA ILE J 34 29.16 26.38 -4.24
C ILE J 34 29.48 25.14 -5.08
N LEU J 35 29.37 25.24 -6.41
CA LEU J 35 29.52 24.05 -7.23
C LEU J 35 30.93 23.92 -7.85
N LYS J 36 31.85 24.85 -7.57
CA LYS J 36 33.25 24.72 -7.98
C LYS J 36 33.38 24.64 -9.49
N ARG J 37 32.74 25.59 -10.18
CA ARG J 37 32.88 25.72 -11.62
C ARG J 37 33.02 27.21 -11.90
N PRO J 38 34.01 27.61 -12.69
CA PRO J 38 34.25 29.05 -12.93
C PRO J 38 33.15 29.63 -13.79
N PRO J 39 32.92 30.95 -13.73
CA PRO J 39 31.86 31.54 -14.57
C PRO J 39 31.95 31.16 -16.04
N ASP J 40 33.15 31.07 -16.60
CA ASP J 40 33.31 30.74 -18.01
C ASP J 40 32.72 29.38 -18.35
N GLU J 41 32.61 28.49 -17.38
CA GLU J 41 32.02 27.18 -17.63
C GLU J 41 30.54 27.10 -17.28
N GLN J 42 29.84 28.26 -17.18
CA GLN J 42 28.43 28.28 -16.78
C GLN J 42 27.60 29.09 -17.77
N ARG J 43 26.36 28.64 -17.98
CA ARG J 43 25.36 29.42 -18.70
C ARG J 43 24.14 29.50 -17.80
N LEU J 44 23.59 30.71 -17.67
CA LEU J 44 22.43 31.00 -16.84
C LEU J 44 21.28 31.41 -17.74
N TYR J 45 20.05 31.00 -17.37
CA TYR J 45 18.86 31.25 -18.19
C TYR J 45 17.69 31.83 -17.40
N LYS J 46 16.96 32.74 -18.04
CA LYS J 46 15.60 33.08 -17.63
C LYS J 46 14.69 32.39 -18.63
N ASP J 47 14.00 31.35 -18.15
CA ASP J 47 13.33 30.36 -19.00
C ASP J 47 14.34 29.84 -20.03
N ASP J 48 14.06 30.05 -21.32
CA ASP J 48 14.94 29.56 -22.37
C ASP J 48 15.93 30.62 -22.84
N GLN J 49 15.83 31.85 -22.32
CA GLN J 49 16.68 32.94 -22.77
C GLN J 49 18.02 32.91 -22.02
N LEU J 50 19.10 32.78 -22.77
CA LEU J 50 20.46 32.89 -22.23
C LEU J 50 20.71 34.30 -21.71
N LEU J 51 21.30 34.42 -20.52
CA LEU J 51 21.51 35.73 -19.91
C LEU J 51 22.95 36.16 -20.07
N ASP J 52 23.16 37.42 -20.41
CA ASP J 52 24.51 37.96 -20.60
C ASP J 52 25.12 38.43 -19.28
N ASP J 53 26.43 38.18 -19.14
CA ASP J 53 27.14 38.43 -17.89
C ASP J 53 27.01 39.88 -17.41
N GLY J 54 26.96 40.84 -18.34
CA GLY J 54 26.96 42.24 -17.94
C GLY J 54 25.63 42.82 -17.57
N LYS J 55 24.54 42.09 -17.79
CA LYS J 55 23.20 42.62 -17.52
C LYS J 55 22.90 42.54 -16.03
N THR J 56 22.18 43.53 -15.53
CA THR J 56 21.73 43.43 -14.16
C THR J 56 20.52 42.51 -14.07
N LEU J 57 20.33 41.94 -12.88
CA LEU J 57 19.19 41.06 -12.63
C LEU J 57 17.88 41.78 -12.94
N GLY J 58 17.82 43.07 -12.62
CA GLY J 58 16.60 43.82 -12.86
C GLY J 58 16.26 43.91 -14.33
N GLU J 59 17.26 44.11 -15.18
CA GLU J 59 17.08 44.17 -16.63
C GLU J 59 16.66 42.81 -17.18
N CAS J 60 16.97 41.72 -16.49
CA CAS J 60 16.59 40.42 -16.98
CB CAS J 60 17.57 39.32 -16.57
C CAS J 60 15.24 40.08 -16.50
O CAS J 60 14.83 38.95 -16.80
SG CAS J 60 19.12 39.57 -17.40
AS CAS J 60 18.64 39.54 -19.63
CE1 CAS J 60 17.19 40.67 -20.33
CE2 CAS J 60 19.59 38.42 -20.96
N GLY J 61 14.60 41.00 -15.79
CA GLY J 61 13.24 40.79 -15.34
C GLY J 61 13.06 40.17 -13.97
N PHE J 62 14.15 40.09 -13.19
CA PHE J 62 14.07 39.66 -11.79
C PHE J 62 13.84 40.91 -10.95
N THR J 63 12.65 41.04 -10.44
CA THR J 63 12.19 42.20 -9.68
C THR J 63 11.88 41.81 -8.24
N SER J 64 12.00 42.78 -7.33
CA SER J 64 11.65 42.53 -5.93
C SER J 64 10.21 42.06 -5.79
N GLN J 65 9.32 42.45 -6.70
CA GLN J 65 7.92 42.02 -6.56
C GLN J 65 7.65 40.69 -7.25
N THR J 66 8.60 40.25 -8.06
CA THR J 66 8.55 39.03 -8.83
C THR J 66 9.43 37.90 -8.27
N ALA J 67 10.55 38.21 -7.64
CA ALA J 67 11.42 37.21 -7.04
C ALA J 67 11.37 37.41 -5.51
N ARG J 68 10.33 36.88 -4.86
CA ARG J 68 10.16 37.27 -3.46
C ARG J 68 10.54 36.13 -2.53
N PRO J 69 10.85 36.41 -1.26
CA PRO J 69 11.42 35.35 -0.42
C PRO J 69 10.57 34.10 -0.32
N GLN J 70 9.24 34.26 -0.26
CA GLN J 70 8.33 33.12 -0.18
C GLN J 70 7.98 32.52 -1.55
N ALA J 71 8.45 33.13 -2.65
CA ALA J 71 8.19 32.62 -4.01
C ALA J 71 9.33 33.06 -4.92
N PRO J 72 10.48 32.41 -4.81
CA PRO J 72 11.66 32.91 -5.51
C PRO J 72 11.58 32.66 -7.01
N ALA J 73 12.22 33.54 -7.80
CA ALA J 73 12.29 33.36 -9.24
C ALA J 73 13.32 32.29 -9.56
N THR J 74 13.13 31.59 -10.70
CA THR J 74 14.01 30.51 -11.13
C THR J 74 15.03 31.00 -12.17
N VAL J 75 16.30 30.69 -11.95
CA VAL J 75 17.36 30.84 -12.93
C VAL J 75 17.87 29.46 -13.29
N GLY J 76 17.82 29.13 -14.58
CA GLY J 76 18.36 27.84 -15.04
C GLY J 76 19.87 27.91 -15.22
N LEU J 77 20.52 26.79 -14.95
CA LEU J 77 21.97 26.70 -14.99
C LEU J 77 22.40 25.49 -15.82
N ALA J 78 23.39 25.69 -16.70
CA ALA J 78 23.97 24.62 -17.49
C ALA J 78 25.48 24.78 -17.48
N PHE J 79 26.20 23.65 -17.41
CA PHE J 79 27.65 23.61 -17.35
C PHE J 79 28.25 23.25 -18.70
N ARG J 80 29.53 23.57 -18.86
CA ARG J 80 30.34 23.04 -19.93
C ARG J 80 30.73 21.61 -19.61
N ALA J 81 30.56 20.70 -20.58
CA ALA J 81 30.93 19.28 -20.42
C ALA J 81 31.88 18.90 -21.54
N ASP J 82 33.19 18.87 -21.25
CA ASP J 82 34.25 18.54 -22.22
C ASP J 82 34.11 19.34 -23.51
N ASP J 83 34.31 20.64 -23.40
CA ASP J 83 34.30 21.53 -24.56
C ASP J 83 33.01 21.34 -25.38
N THR J 84 31.89 21.67 -24.72
CA THR J 84 30.54 21.81 -25.29
C THR J 84 29.61 21.96 -24.09
N PHE J 85 28.69 22.92 -24.15
CA PHE J 85 27.73 23.06 -23.06
C PHE J 85 26.67 22.00 -23.16
N GLU J 86 26.34 21.40 -22.02
CA GLU J 86 25.18 20.54 -21.95
C GLU J 86 23.94 21.38 -22.23
N ALA J 87 22.88 20.72 -22.68
CA ALA J 87 21.64 21.46 -22.81
C ALA J 87 21.09 21.76 -21.40
N LEU J 88 20.22 22.75 -21.32
CA LEU J 88 19.57 23.15 -20.07
C LEU J 88 18.53 22.10 -19.67
N CAS J 89 18.69 21.56 -18.48
CA CAS J 89 17.83 20.51 -18.02
CB CAS J 89 18.46 19.14 -18.32
C CAS J 89 17.55 20.71 -16.54
O CAS J 89 18.48 20.72 -15.68
SG CAS J 89 17.71 17.90 -17.28
AS CAS J 89 15.75 17.58 -18.32
CE1 CAS J 89 15.44 18.28 -20.16
CE2 CAS J 89 14.32 16.60 -17.32
N ILE J 90 16.28 20.88 -16.20
CA ILE J 90 15.86 21.05 -14.82
C ILE J 90 14.85 19.99 -14.48
N GLU J 91 15.18 19.14 -13.54
CA GLU J 91 14.25 18.11 -13.13
C GLU J 91 13.13 18.75 -12.34
N PRO J 92 11.89 18.47 -12.66
CA PRO J 92 10.78 18.99 -11.84
C PRO J 92 10.79 18.35 -10.46
N PHE J 93 10.18 19.04 -9.51
CA PHE J 93 10.02 18.44 -8.20
C PHE J 93 8.98 17.31 -8.27
N SER J 94 8.93 16.51 -7.21
CA SER J 94 7.96 15.43 -7.12
C SER J 94 6.53 15.99 -7.21
N SER J 95 5.58 15.09 -7.46
CA SER J 95 4.22 15.62 -7.52
C SER J 95 3.44 15.33 -6.24
N PRO J 96 2.59 16.27 -5.84
CA PRO J 96 1.77 16.04 -4.66
C PRO J 96 0.76 14.96 -4.94
N PRO J 97 0.39 14.18 -3.93
CA PRO J 97 -0.68 13.18 -4.14
C PRO J 97 -2.02 13.85 -4.36
N GLU J 98 -3.03 13.08 -4.76
CA GLU J 98 -4.36 13.64 -4.98
C GLU J 98 -4.93 14.15 -3.66
N LEU J 99 -5.56 15.32 -3.71
CA LEU J 99 -6.08 15.95 -2.52
C LEU J 99 -7.08 15.03 -1.82
N PRO J 100 -6.99 14.83 -0.51
CA PRO J 100 -7.99 13.99 0.17
C PRO J 100 -9.40 14.54 -0.03
N ASP J 101 -10.38 13.65 0.20
CA ASP J 101 -11.79 14.00 0.00
C ASP J 101 -12.23 15.05 1.02
N VAL J 102 -11.77 14.93 2.26
CA VAL J 102 -12.04 15.87 3.35
C VAL J 102 -11.41 17.24 3.10
N MET J 103 -10.70 17.39 1.98
CA MET J 103 -10.26 18.69 1.49
C MET J 103 -10.95 18.94 0.15
N MET K 1 30.61 32.97 2.56
CA MET K 1 29.27 32.52 2.92
C MET K 1 29.11 31.00 2.98
N MET K 2 28.81 30.46 4.16
CA MET K 2 28.62 29.03 4.33
C MET K 2 27.24 28.56 3.83
N TYR K 3 27.24 27.48 3.08
CA TYR K 3 26.04 26.82 2.58
C TYR K 3 25.96 25.41 3.14
N VAL K 4 24.74 24.86 3.20
CA VAL K 4 24.54 23.46 3.58
C VAL K 4 23.60 22.82 2.56
N LYS K 5 23.58 21.51 2.56
CA LYS K 5 22.84 20.75 1.55
C LYS K 5 21.81 19.88 2.23
N LEU K 6 20.53 20.10 1.90
CA LEU K 6 19.43 19.24 2.32
C LEU K 6 18.95 18.41 1.12
N ILE K 7 18.84 17.11 1.31
CA ILE K 7 18.51 16.19 0.22
C ILE K 7 17.14 15.56 0.48
N SER K 8 16.29 15.59 -0.53
CA SER K 8 14.93 15.11 -0.36
C SER K 8 14.86 13.61 -0.63
N SER K 9 13.70 13.03 -0.33
CA SER K 9 13.54 11.59 -0.50
C SER K 9 13.78 11.18 -1.95
N ASP K 10 13.35 12.00 -2.92
CA ASP K 10 13.48 11.66 -4.32
C ASP K 10 14.77 12.16 -4.94
N GLY K 11 15.80 12.44 -4.14
CA GLY K 11 17.13 12.78 -4.60
C GLY K 11 17.38 14.23 -4.96
N HIS K 12 16.38 15.12 -4.91
CA HIS K 12 16.69 16.53 -5.16
C HIS K 12 17.60 17.09 -4.06
N GLU K 13 18.55 17.90 -4.47
CA GLU K 13 19.52 18.49 -3.58
C GLU K 13 19.26 19.98 -3.51
N PHE K 14 18.94 20.47 -2.32
CA PHE K 14 18.70 21.89 -2.09
C PHE K 14 19.86 22.45 -1.30
N ILE K 15 20.43 23.53 -1.82
CA ILE K 15 21.59 24.16 -1.19
C ILE K 15 21.14 25.52 -0.68
N VAL K 16 21.15 25.67 0.65
CA VAL K 16 20.68 26.88 1.32
C VAL K 16 21.82 27.46 2.16
N LYS K 17 21.73 28.74 2.48
CA LYS K 17 22.70 29.34 3.39
C LYS K 17 22.64 28.67 4.77
N ARG K 18 23.81 28.52 5.40
CA ARG K 18 23.86 27.83 6.68
C ARG K 18 23.00 28.56 7.71
N GLU K 19 23.04 29.89 7.69
CA GLU K 19 22.24 30.68 8.61
C GLU K 19 20.74 30.39 8.44
N HIS K 20 20.25 30.31 7.20
CA HIS K 20 18.83 30.02 6.96
C HIS K 20 18.44 28.63 7.48
N ALA K 21 19.32 27.64 7.30
CA ALA K 21 18.96 26.30 7.74
C ALA K 21 18.97 26.20 9.27
N LEU K 22 19.77 27.03 9.92
CA LEU K 22 19.82 27.00 11.36
C LEU K 22 18.58 27.58 12.03
N THR K 23 17.64 28.17 11.29
CA THR K 23 16.35 28.50 11.90
C THR K 23 15.60 27.23 12.33
N SER K 24 15.92 26.07 11.77
CA SER K 24 15.31 24.83 12.22
C SER K 24 16.15 24.24 13.35
N GLY K 25 15.52 24.07 14.51
CA GLY K 25 16.25 23.56 15.66
C GLY K 25 16.77 22.17 15.38
N THR K 26 15.97 21.35 14.70
CA THR K 26 16.40 20.00 14.39
C THR K 26 17.62 20.01 13.49
N ILE K 27 17.63 20.86 12.46
CA ILE K 27 18.77 20.93 11.56
C ILE K 27 19.97 21.50 12.29
N LYS K 28 19.76 22.53 13.13
CA LYS K 28 20.87 23.06 13.91
C LYS K 28 21.57 21.97 14.71
N ALA K 29 20.80 21.02 15.25
CA ALA K 29 21.40 19.94 16.02
C ALA K 29 22.19 18.97 15.12
N MET K 30 21.60 18.51 14.03
CA MET K 30 22.29 17.53 13.20
C MET K 30 23.43 18.12 12.36
N LEU K 31 23.81 19.37 12.55
CA LEU K 31 25.03 19.87 11.90
C LEU K 31 26.21 19.86 12.90
N ASN K 43 28.48 20.67 4.76
CA ASN K 43 27.78 19.64 5.52
C ASN K 43 26.42 19.34 4.89
N GLU K 44 26.00 18.08 4.95
CA GLU K 44 24.81 17.58 4.29
C GLU K 44 23.86 16.90 5.28
N VAL K 45 22.57 16.96 4.97
CA VAL K 45 21.53 16.30 5.74
C VAL K 45 20.60 15.58 4.76
N ASN K 46 20.32 14.31 5.02
CA ASN K 46 19.46 13.49 4.17
C ASN K 46 18.08 13.31 4.80
N PHE K 47 17.03 13.60 4.04
CA PHE K 47 15.66 13.44 4.53
C PHE K 47 15.02 12.37 3.67
N ARG K 48 15.16 11.10 4.08
CA ARG K 48 14.57 10.00 3.32
C ARG K 48 13.06 9.96 3.38
N GLU K 49 12.43 10.82 4.19
N GLU K 49 12.46 10.86 4.18
CA GLU K 49 10.97 10.83 4.30
CA GLU K 49 11.04 10.90 4.47
C GLU K 49 10.32 12.05 3.68
C GLU K 49 10.34 12.15 3.92
N ILE K 50 11.08 13.07 3.32
CA ILE K 50 10.51 14.35 2.86
C ILE K 50 10.74 14.49 1.36
N PRO K 51 9.69 14.50 0.55
CA PRO K 51 9.86 14.67 -0.91
C PRO K 51 10.20 16.11 -1.30
N SER K 52 10.63 16.26 -2.55
CA SER K 52 11.14 17.56 -2.99
C SER K 52 10.03 18.61 -3.07
N HIS K 53 8.79 18.25 -3.42
CA HIS K 53 7.76 19.30 -3.46
C HIS K 53 7.43 19.84 -2.07
N VAL K 54 7.81 19.14 -1.01
CA VAL K 54 7.70 19.66 0.34
C VAL K 54 9.00 20.34 0.77
N LEU K 55 10.15 19.73 0.49
CA LEU K 55 11.38 20.30 0.99
C LEU K 55 11.69 21.64 0.32
N SER K 56 11.32 21.80 -0.94
CA SER K 56 11.53 23.10 -1.57
C SER K 56 10.75 24.17 -0.82
N LYS K 57 9.52 23.83 -0.37
CA LYS K 57 8.69 24.79 0.38
C LYS K 57 9.30 25.11 1.73
N VAL K 58 9.85 24.10 2.41
CA VAL K 58 10.57 24.33 3.67
C VAL K 58 11.67 25.36 3.47
N CYS K 59 12.44 25.23 2.37
CA CYS K 59 13.52 26.17 2.09
C CYS K 59 13.00 27.57 1.83
N MET K 60 11.92 27.70 1.07
CA MET K 60 11.33 29.02 0.87
C MET K 60 10.93 29.64 2.20
N TYR K 61 10.41 28.82 3.12
CA TYR K 61 10.02 29.29 4.44
C TYR K 61 11.23 29.81 5.20
N PHE K 62 12.37 29.10 5.13
CA PHE K 62 13.60 29.62 5.73
C PHE K 62 13.88 31.04 5.26
N THR K 63 13.97 31.25 3.94
CA THR K 63 14.33 32.59 3.49
C THR K 63 13.27 33.61 3.90
N TYR K 64 12.01 33.20 3.96
CA TYR K 64 10.94 34.09 4.44
C TYR K 64 11.12 34.45 5.91
N LYS K 65 11.45 33.47 6.75
CA LYS K 65 11.63 33.78 8.17
C LYS K 65 12.80 34.74 8.38
N VAL K 66 13.96 34.46 7.76
CA VAL K 66 15.11 35.33 7.94
C VAL K 66 14.81 36.73 7.42
N ARG K 67 14.09 36.83 6.30
CA ARG K 67 13.82 38.13 5.71
C ARG K 67 12.91 38.99 6.59
N TYR K 68 11.90 38.39 7.25
CA TYR K 68 10.85 39.19 7.89
C TYR K 68 10.85 39.16 9.41
N THR K 69 11.62 38.27 10.03
CA THR K 69 11.86 38.35 11.46
C THR K 69 12.58 39.64 11.80
N ASN K 70 12.04 40.41 12.75
CA ASN K 70 12.59 41.73 13.12
C ASN K 70 12.57 42.66 11.91
N SER K 71 11.36 42.90 11.38
CA SER K 71 11.22 43.81 10.25
C SER K 71 9.93 44.58 10.40
N SER K 72 10.02 45.90 10.23
CA SER K 72 8.83 46.75 10.20
C SER K 72 8.25 46.96 8.81
N THR K 73 8.98 46.61 7.74
CA THR K 73 8.33 46.39 6.45
C THR K 73 7.15 45.43 6.63
N GLU K 74 6.06 45.70 5.90
CA GLU K 74 4.83 44.93 6.10
C GLU K 74 5.02 43.49 5.63
N ILE K 75 4.63 42.55 6.49
CA ILE K 75 4.95 41.14 6.32
C ILE K 75 3.82 40.51 5.51
N PRO K 76 4.12 39.88 4.37
CA PRO K 76 3.08 39.21 3.59
C PRO K 76 2.81 37.82 4.13
N GLU K 77 1.70 37.25 3.66
CA GLU K 77 1.34 35.90 4.04
C GLU K 77 2.31 34.89 3.44
N PHE K 78 2.62 33.85 4.19
CA PHE K 78 3.37 32.76 3.62
C PHE K 78 2.39 31.79 2.95
N PRO K 79 2.48 31.61 1.63
CA PRO K 79 1.48 30.80 0.91
C PRO K 79 1.78 29.32 0.98
N ILE K 80 0.73 28.53 1.20
CA ILE K 80 0.81 27.07 1.23
C ILE K 80 -0.38 26.54 0.45
N ALA K 81 -0.12 25.95 -0.73
CA ALA K 81 -1.15 25.35 -1.56
C ALA K 81 -1.77 24.13 -0.88
N PRO K 82 -3.08 23.90 -1.04
CA PRO K 82 -3.77 22.76 -0.36
C PRO K 82 -3.16 21.38 -0.59
N GLU K 83 -2.59 21.13 -1.77
CA GLU K 83 -2.07 19.79 -2.11
C GLU K 83 -0.86 19.39 -1.27
N ILE K 84 -0.18 20.36 -0.66
CA ILE K 84 1.02 20.04 0.13
C ILE K 84 0.84 20.34 1.60
N ALA K 85 -0.29 20.92 2.00
CA ALA K 85 -0.41 21.35 3.39
C ALA K 85 -0.17 20.19 4.34
N LEU K 86 -0.69 18.99 4.03
CA LEU K 86 -0.58 17.90 5.01
C LEU K 86 0.85 17.38 5.14
N GLU K 87 1.55 17.20 4.00
CA GLU K 87 2.94 16.76 4.06
C GLU K 87 3.85 17.87 4.63
N LEU K 88 3.55 19.13 4.29
CA LEU K 88 4.29 20.21 4.93
C LEU K 88 4.05 20.24 6.43
N LEU K 89 2.79 19.99 6.87
CA LEU K 89 2.54 19.92 8.30
C LEU K 89 3.40 18.86 8.96
N MET K 90 3.51 17.68 8.34
CA MET K 90 4.30 16.60 8.94
C MET K 90 5.78 16.97 9.00
N ALA K 91 6.32 17.55 7.92
CA ALA K 91 7.72 17.92 7.90
C ALA K 91 7.99 19.04 8.87
N ALA K 92 7.08 20.03 8.95
CA ALA K 92 7.26 21.13 9.88
C ALA K 92 7.26 20.60 11.32
N ASN K 93 6.41 19.62 11.61
CA ASN K 93 6.43 18.99 12.93
C ASN K 93 7.80 18.41 13.26
N PHE K 94 8.40 17.66 12.31
CA PHE K 94 9.69 17.02 12.56
C PHE K 94 10.84 18.01 12.63
N LEU K 95 10.77 19.08 11.83
CA LEU K 95 11.88 20.03 11.75
C LEU K 95 11.88 21.05 12.89
N ASP K 96 10.89 21.02 13.78
CA ASP K 96 10.73 22.05 14.82
C ASP K 96 10.81 23.43 14.18
N CYS K 97 9.86 23.66 13.29
CA CYS K 97 10.02 24.66 12.25
C CYS K 97 8.89 25.69 12.31
N VAL L 11 -6.18 40.61 36.90
CA VAL L 11 -4.88 40.88 36.29
C VAL L 11 -5.05 40.68 34.79
N LEU L 12 -4.36 41.50 34.00
CA LEU L 12 -4.69 41.77 32.60
C LEU L 12 -6.14 42.27 32.49
N ARG L 13 -6.32 43.55 32.79
CA ARG L 13 -7.59 44.24 32.81
C ARG L 13 -7.33 45.64 32.30
N SER L 14 -8.34 46.29 31.76
CA SER L 14 -8.20 47.73 31.56
C SER L 14 -8.30 48.44 32.89
N VAL L 15 -7.57 49.53 32.98
CA VAL L 15 -7.64 50.47 34.10
C VAL L 15 -8.68 51.55 33.83
N ASN L 16 -9.60 51.75 34.78
CA ASN L 16 -10.68 52.73 34.64
C ASN L 16 -10.21 54.16 34.93
N SER L 17 -9.35 54.67 34.04
CA SER L 17 -8.74 55.99 34.20
C SER L 17 -9.68 57.14 33.86
N ARG L 18 -10.68 56.91 33.02
CA ARG L 18 -11.53 57.94 32.42
C ARG L 18 -10.74 59.08 31.74
N GLU L 19 -9.49 58.85 31.35
CA GLU L 19 -8.74 59.86 30.61
C GLU L 19 -8.69 59.55 29.12
N PRO L 20 -9.37 60.33 28.27
CA PRO L 20 -9.46 59.99 26.84
C PRO L 20 -8.12 59.93 26.14
N SER L 21 -8.08 59.06 25.13
CA SER L 21 -6.93 58.83 24.28
C SER L 21 -7.41 58.39 22.91
N GLN L 22 -6.95 59.10 21.90
CA GLN L 22 -7.36 58.96 20.51
C GLN L 22 -6.39 58.04 19.79
N VAL L 23 -6.92 57.07 19.05
CA VAL L 23 -6.14 55.96 18.55
C VAL L 23 -6.57 55.70 17.13
N ILE L 24 -5.64 55.27 16.30
CA ILE L 24 -5.93 54.80 14.95
C ILE L 24 -5.57 53.33 14.90
N PHE L 25 -6.57 52.49 14.65
CA PHE L 25 -6.36 51.08 14.36
C PHE L 25 -6.01 51.03 12.92
N CAS L 26 -4.82 50.57 12.61
CA CAS L 26 -4.38 50.49 11.23
CB CAS L 26 -3.24 51.50 11.03
C CAS L 26 -3.96 49.06 10.91
O CAS L 26 -2.96 48.52 11.44
SG CAS L 26 -2.52 51.27 9.45
AS CAS L 26 -3.94 52.38 8.11
CE1 CAS L 26 -4.18 54.32 8.43
CE2 CAS L 26 -4.86 51.47 6.62
N ASN L 27 -4.73 48.44 10.00
CA ASN L 27 -4.61 47.02 9.68
C ASN L 27 -3.64 46.78 8.52
N ARG L 28 -2.36 46.61 8.86
CA ARG L 28 -1.29 46.32 7.89
C ARG L 28 -1.04 44.85 7.75
N SER L 29 -2.11 44.10 7.67
CA SER L 29 -2.09 42.65 7.55
C SER L 29 -3.06 42.30 6.44
N PRO L 30 -2.92 41.12 5.84
CA PRO L 30 -3.92 40.68 4.86
C PRO L 30 -5.12 39.98 5.46
N ARG L 31 -5.29 40.00 6.79
CA ARG L 31 -6.44 39.39 7.46
C ARG L 31 -7.51 40.42 7.83
N VAL L 32 -8.76 39.96 7.93
CA VAL L 32 -9.84 40.68 8.60
C VAL L 32 -9.56 40.63 10.10
N VAL L 33 -9.46 41.79 10.71
CA VAL L 33 -8.97 41.94 12.07
C VAL L 33 -10.12 42.15 13.05
N LEU L 34 -10.10 41.40 14.15
CA LEU L 34 -11.01 41.62 15.24
C LEU L 34 -10.30 42.34 16.37
N PRO L 35 -10.65 43.58 16.68
CA PRO L 35 -10.12 44.22 17.88
C PRO L 35 -10.85 43.70 19.11
N VAL L 36 -10.09 43.51 20.18
CA VAL L 36 -10.62 42.95 21.41
C VAL L 36 -10.20 43.86 22.55
N TRP L 37 -11.18 44.44 23.24
CA TRP L 37 -10.89 45.28 24.40
C TRP L 37 -11.04 44.42 25.64
N LEU L 38 -10.06 44.49 26.55
CA LEU L 38 -10.15 43.80 27.83
C LEU L 38 -10.89 44.70 28.81
N ASN L 39 -12.04 44.26 29.31
CA ASN L 39 -12.82 45.17 30.15
C ASN L 39 -12.22 45.26 31.55
N PHE L 40 -12.89 46.02 32.42
CA PHE L 40 -12.37 46.27 33.77
C PHE L 40 -12.36 45.03 34.63
N ASP L 41 -13.09 44.00 34.23
CA ASP L 41 -13.07 42.68 34.88
C ASP L 41 -12.10 41.69 34.23
N GLY L 42 -11.39 42.09 33.18
CA GLY L 42 -10.54 41.17 32.42
C GLY L 42 -11.24 40.40 31.31
N GLU L 43 -12.54 40.63 31.06
CA GLU L 43 -13.28 39.88 30.07
C GLU L 43 -13.07 40.46 28.65
N PRO L 44 -12.73 39.64 27.67
CA PRO L 44 -12.47 40.19 26.33
C PRO L 44 -13.77 40.65 25.66
N GLN L 45 -13.73 41.82 25.05
CA GLN L 45 -14.92 42.35 24.42
C GLN L 45 -14.66 42.65 22.96
N PRO L 46 -15.35 42.02 22.02
CA PRO L 46 -15.09 42.30 20.59
C PRO L 46 -15.66 43.63 20.12
N TYR L 47 -14.93 44.28 19.22
CA TYR L 47 -15.34 45.50 18.55
C TYR L 47 -15.48 45.23 17.06
N PRO L 48 -16.01 46.18 16.28
CA PRO L 48 -16.23 45.91 14.85
C PRO L 48 -14.93 45.56 14.14
N THR L 49 -15.05 44.69 13.14
CA THR L 49 -13.86 44.16 12.46
C THR L 49 -13.25 45.18 11.51
N LEU L 50 -11.98 44.96 11.16
CA LEU L 50 -11.25 45.83 10.22
C LEU L 50 -10.90 45.03 8.98
N PRO L 51 -11.36 45.41 7.81
CA PRO L 51 -10.92 44.75 6.57
C PRO L 51 -9.43 44.95 6.35
N PRO L 52 -8.80 44.06 5.58
CA PRO L 52 -7.35 44.19 5.27
C PRO L 52 -7.00 45.54 4.65
N GLY L 53 -5.86 46.09 5.06
CA GLY L 53 -5.43 47.39 4.53
C GLY L 53 -6.23 48.62 4.93
N THR L 54 -7.17 48.54 5.88
CA THR L 54 -7.99 49.68 6.26
C THR L 54 -7.61 50.16 7.67
N GLY L 55 -8.00 51.41 7.97
CA GLY L 55 -7.70 52.00 9.25
C GLY L 55 -8.99 52.55 9.82
N ARG L 56 -8.96 52.83 11.12
CA ARG L 56 -10.15 53.35 11.76
C ARG L 56 -9.75 54.15 12.98
N ARG L 57 -10.43 55.25 13.20
CA ARG L 57 -10.13 56.08 14.34
C ARG L 57 -11.07 55.67 15.49
N ILE L 58 -10.50 55.59 16.69
CA ILE L 58 -11.11 54.92 17.85
C ILE L 58 -10.92 55.84 19.04
N HIS L 59 -11.98 56.03 19.81
CA HIS L 59 -11.87 56.75 21.08
C HIS L 59 -11.63 55.75 22.20
N SER L 60 -10.48 55.86 22.84
CA SER L 60 -10.14 54.93 23.92
C SER L 60 -9.69 55.74 25.13
N TYR L 61 -9.00 55.07 26.04
CA TYR L 61 -8.67 55.66 27.31
C TYR L 61 -7.26 55.25 27.70
N ARG L 62 -6.59 56.11 28.44
CA ARG L 62 -5.25 55.78 28.90
C ARG L 62 -5.30 54.58 29.83
N GLY L 63 -4.42 53.61 29.60
CA GLY L 63 -4.42 52.42 30.42
C GLY L 63 -5.38 51.29 30.02
N HIS L 64 -6.15 51.45 28.95
CA HIS L 64 -6.97 50.35 28.46
C HIS L 64 -6.09 49.33 27.70
N LEU L 65 -6.59 48.09 27.61
CA LEU L 65 -5.81 47.00 27.02
C LEU L 65 -6.54 46.51 25.78
N TRP L 66 -5.79 46.34 24.70
CA TRP L 66 -6.34 45.82 23.45
C TRP L 66 -5.46 44.71 22.93
N LEU L 67 -6.09 43.75 22.29
CA LEU L 67 -5.36 42.80 21.49
C LEU L 67 -6.12 42.64 20.19
N PHE L 68 -5.51 41.96 19.21
CA PHE L 68 -6.09 41.86 17.88
C PHE L 68 -5.92 40.45 17.34
N ARG L 69 -6.93 39.99 16.62
N ARG L 69 -6.92 40.00 16.60
CA ARG L 69 -6.98 38.61 16.15
CA ARG L 69 -7.00 38.61 16.16
C ARG L 69 -7.57 38.59 14.75
C ARG L 69 -7.59 38.58 14.77
N ASP L 70 -7.29 37.50 14.04
CA ASP L 70 -7.99 37.23 12.80
C ASP L 70 -9.48 36.98 13.11
N ALA L 71 -10.36 37.70 12.42
CA ALA L 71 -11.78 37.68 12.77
C ALA L 71 -12.43 36.32 12.53
N GLY L 72 -11.94 35.54 11.56
CA GLY L 72 -12.50 34.23 11.25
C GLY L 72 -11.90 33.04 12.01
N THR L 73 -10.64 33.13 12.36
CA THR L 73 -9.90 32.00 12.91
C THR L 73 -9.36 32.25 14.30
N HIS L 74 -9.36 33.50 14.78
CA HIS L 74 -8.75 33.90 16.06
C HIS L 74 -7.24 33.72 16.09
N ASP L 75 -6.60 33.54 14.91
CA ASP L 75 -5.14 33.59 14.85
C ASP L 75 -4.66 34.88 15.50
N GLY L 76 -3.56 34.76 16.24
CA GLY L 76 -3.02 35.90 16.94
C GLY L 76 -2.37 36.86 15.96
N LEU L 77 -2.49 38.14 16.26
CA LEU L 77 -1.88 39.18 15.44
C LEU L 77 -1.07 40.04 16.38
N LEU L 78 -0.15 40.79 15.80
CA LEU L 78 0.69 41.73 16.54
C LEU L 78 0.17 43.13 16.34
N VAL L 79 0.46 43.96 17.32
CA VAL L 79 0.10 45.37 17.30
C VAL L 79 1.31 46.14 17.82
N ASN L 80 1.84 47.04 16.99
CA ASN L 80 3.13 47.70 17.25
C ASN L 80 4.20 46.72 17.75
N GLN L 81 4.30 45.58 17.06
CA GLN L 81 5.31 44.53 17.25
C GLN L 81 5.17 43.69 18.52
N THR L 82 4.17 43.93 19.36
CA THR L 82 3.94 43.16 20.58
C THR L 82 2.48 42.67 20.60
N GLU L 83 2.06 41.98 21.66
CA GLU L 83 0.74 41.38 21.64
C GLU L 83 -0.34 42.24 22.28
N LEU L 84 0.03 43.22 23.09
CA LEU L 84 -0.95 44.10 23.73
C LEU L 84 -0.67 45.55 23.36
N PHE L 85 -1.75 46.31 23.21
CA PHE L 85 -1.68 47.74 22.92
C PHE L 85 -2.32 48.49 24.08
N VAL L 86 -1.61 49.45 24.65
CA VAL L 86 -2.18 50.23 25.75
C VAL L 86 -2.14 51.70 25.31
N PRO L 87 -3.30 52.32 25.06
CA PRO L 87 -3.30 53.74 24.65
C PRO L 87 -2.66 54.59 25.74
N SER L 88 -1.86 55.54 25.32
CA SER L 88 -1.15 56.44 26.23
C SER L 88 -1.73 57.85 26.11
N LEU L 89 -1.01 58.82 26.65
CA LEU L 89 -1.46 60.22 26.56
C LEU L 89 -1.13 60.75 25.15
N ASN L 90 -2.08 61.49 24.56
CA ASN L 90 -1.85 62.06 23.22
C ASN L 90 -0.97 63.29 23.44
N VAL L 91 0.33 63.01 23.59
CA VAL L 91 1.28 64.06 23.92
C VAL L 91 1.84 64.69 22.66
N ASP L 92 0.95 65.15 21.77
CA ASP L 92 1.37 65.84 20.56
C ASP L 92 0.20 66.45 19.81
N GLY L 93 -1.01 66.36 20.36
CA GLY L 93 -2.17 66.65 19.53
C GLY L 93 -2.42 65.66 18.42
N GLN L 94 -1.64 64.58 18.36
CA GLN L 94 -1.51 63.44 17.45
C GLN L 94 -2.21 62.20 18.02
N PRO L 95 -2.91 61.46 17.17
CA PRO L 95 -3.49 60.19 17.62
C PRO L 95 -2.40 59.15 17.77
N ILE L 96 -2.62 58.19 18.66
CA ILE L 96 -1.67 57.09 18.80
C ILE L 96 -2.01 56.03 17.76
N PHE L 97 -0.99 55.61 16.98
CA PHE L 97 -1.17 54.58 15.97
C PHE L 97 -0.99 53.18 16.56
N ALA L 98 -1.94 52.32 16.26
CA ALA L 98 -1.88 50.89 16.59
C ALA L 98 -1.73 50.15 15.25
N ASN L 99 -0.48 49.80 14.91
CA ASN L 99 -0.19 49.13 13.64
C ASN L 99 -0.35 47.64 13.85
N ILE L 100 -1.36 47.06 13.19
CA ILE L 100 -1.71 45.67 13.32
C ILE L 100 -1.04 44.94 12.17
N THR L 101 -0.23 43.93 12.46
CA THR L 101 0.48 43.20 11.40
C THR L 101 0.40 41.68 11.61
N LEU L 102 0.64 40.94 10.52
CA LEU L 102 0.91 39.51 10.62
C LEU L 102 2.22 39.28 11.36
N PRO L 103 2.26 38.30 12.25
CA PRO L 103 3.54 37.78 12.72
C PRO L 103 4.12 36.81 11.71
N VAL L 104 5.40 36.49 11.91
CA VAL L 104 6.00 35.33 11.27
C VAL L 104 5.59 34.09 12.05
N TYR L 105 4.53 33.44 11.63
CA TYR L 105 4.20 32.18 12.28
C TYR L 105 5.32 31.16 12.08
N THR L 106 5.44 30.23 13.03
CA THR L 106 6.20 29.03 12.70
C THR L 106 5.56 28.36 11.50
N LEU L 107 6.36 27.62 10.73
CA LEU L 107 5.81 26.91 9.59
C LEU L 107 4.76 25.90 10.05
N LYS L 108 4.97 25.26 11.19
CA LYS L 108 3.96 24.33 11.73
C LYS L 108 2.63 25.03 11.96
N GLU L 109 2.64 26.18 12.67
CA GLU L 109 1.39 26.88 12.94
C GLU L 109 0.77 27.38 11.66
N ARG L 110 1.60 27.76 10.68
CA ARG L 110 1.03 28.16 9.40
C ARG L 110 0.41 26.97 8.67
N CYS L 111 1.00 25.78 8.77
CA CYS L 111 0.36 24.63 8.16
C CYS L 111 -0.96 24.29 8.86
N LEU L 112 -0.99 24.37 10.19
CA LEU L 112 -2.24 24.10 10.91
C LEU L 112 -3.32 25.06 10.50
N GLN L 113 -2.97 26.34 10.30
CA GLN L 113 -3.99 27.31 9.88
C GLN L 113 -4.58 26.92 8.55
N VAL L 114 -3.74 26.51 7.60
CA VAL L 114 -4.22 26.24 6.26
C VAL L 114 -5.09 24.99 6.25
N VAL L 115 -4.62 23.94 6.91
CA VAL L 115 -5.40 22.71 7.00
C VAL L 115 -6.75 22.98 7.67
N ARG L 116 -6.75 23.69 8.82
CA ARG L 116 -8.02 24.01 9.49
C ARG L 116 -8.96 24.76 8.57
N SER L 117 -8.40 25.60 7.69
CA SER L 117 -9.21 26.35 6.72
C SER L 117 -9.79 25.45 5.62
N LEU L 118 -9.29 24.21 5.45
CA LEU L 118 -9.74 23.30 4.40
C LEU L 118 -10.58 22.13 4.87
N VAL L 119 -10.43 21.69 6.10
CA VAL L 119 -11.13 20.53 6.65
C VAL L 119 -12.13 20.99 7.71
N LYS L 120 -13.37 20.52 7.60
CA LYS L 120 -14.37 20.79 8.63
C LYS L 120 -14.00 20.04 9.90
N PRO L 121 -14.22 20.62 11.07
CA PRO L 121 -13.67 20.03 12.30
C PRO L 121 -14.20 18.63 12.61
N GLU L 122 -15.38 18.27 12.08
CA GLU L 122 -15.84 16.88 12.06
C GLU L 122 -14.78 15.94 11.52
N ASN L 123 -14.13 16.34 10.41
CA ASN L 123 -13.31 15.46 9.60
C ASN L 123 -11.84 15.54 9.94
N TYR L 124 -11.47 16.21 11.04
CA TYR L 124 -10.06 16.23 11.43
C TYR L 124 -9.52 14.83 11.57
N ARG L 125 -10.30 13.93 12.18
CA ARG L 125 -9.83 12.56 12.42
C ARG L 125 -9.84 11.68 11.19
N ARG L 126 -10.33 12.16 10.04
CA ARG L 126 -10.28 11.44 8.78
C ARG L 126 -9.09 11.80 7.89
N LEU L 127 -8.12 12.59 8.37
CA LEU L 127 -7.07 13.09 7.48
C LEU L 127 -5.97 12.08 7.20
N ASP L 128 -5.51 11.40 8.26
CA ASP L 128 -4.38 10.47 8.35
C ASP L 128 -3.55 11.03 9.49
N ILE L 129 -2.27 11.33 9.25
CA ILE L 129 -1.33 11.95 10.19
C ILE L 129 -1.32 11.35 11.59
N VAL L 130 -0.25 11.64 12.34
CA VAL L 130 -0.11 11.19 13.71
C VAL L 130 -1.28 11.69 14.58
N ARG L 131 -1.62 10.93 15.61
CA ARG L 131 -2.63 11.41 16.55
C ARG L 131 -2.20 12.71 17.20
N SER L 132 -0.91 12.89 17.46
CA SER L 132 -0.42 14.10 18.10
C SER L 132 -0.67 15.34 17.24
N LEU L 133 -0.66 15.21 15.91
CA LEU L 133 -1.00 16.37 15.08
C LEU L 133 -2.50 16.62 15.05
N TYR L 134 -3.30 15.57 15.26
CA TYR L 134 -4.75 15.67 15.39
C TYR L 134 -5.12 16.61 16.55
N GLU L 135 -4.43 16.37 17.63
CA GLU L 135 -4.46 17.02 18.92
C GLU L 135 -4.09 18.50 18.68
N ASP L 136 -3.08 18.76 17.82
CA ASP L 136 -2.66 20.12 17.42
C ASP L 136 -3.71 20.82 16.51
N LEU L 137 -4.35 20.09 15.60
CA LEU L 137 -5.40 20.71 14.77
C LEU L 137 -6.56 21.20 15.59
N GLU L 138 -6.96 20.42 16.59
CA GLU L 138 -8.17 20.70 17.35
C GLU L 138 -8.00 21.87 18.28
N ASP L 139 -6.78 22.13 18.74
CA ASP L 139 -6.49 23.23 19.67
C ASP L 139 -6.39 24.56 18.90
N HIS L 140 -7.58 25.07 18.49
CA HIS L 140 -7.72 26.32 17.76
C HIS L 140 -7.21 27.49 18.59
N PRO L 141 -6.73 28.55 17.94
CA PRO L 141 -6.36 29.77 18.68
C PRO L 141 -7.52 30.31 19.48
N ASN L 142 -7.22 30.79 20.67
CA ASN L 142 -8.27 31.04 21.63
C ASN L 142 -7.84 32.20 22.51
N VAL L 143 -8.68 33.22 22.60
CA VAL L 143 -8.27 34.42 23.31
C VAL L 143 -8.13 34.14 24.79
N GLN L 144 -9.09 33.38 25.37
CA GLN L 144 -9.03 33.08 26.80
C GLN L 144 -7.80 32.26 27.16
N LYS L 145 -7.44 31.27 26.32
CA LYS L 145 -6.19 30.54 26.55
C LYS L 145 -4.98 31.45 26.48
N ASP L 146 -4.89 32.28 25.42
CA ASP L 146 -3.76 33.20 25.31
C ASP L 146 -3.73 34.21 26.46
N LEU L 147 -4.90 34.63 26.97
CA LEU L 147 -4.87 35.52 28.13
C LEU L 147 -4.35 34.78 29.35
N GLU L 148 -4.67 33.49 29.49
CA GLU L 148 -4.14 32.72 30.61
C GLU L 148 -2.63 32.58 30.50
N ARG L 149 -2.13 32.36 29.28
CA ARG L 149 -0.70 32.21 29.08
C ARG L 149 0.04 33.52 29.33
N LEU L 150 -0.49 34.66 28.83
CA LEU L 150 0.14 35.95 29.10
C LEU L 150 0.06 36.33 30.57
N THR L 151 -1.03 35.94 31.26
CA THR L 151 -1.10 36.24 32.68
C THR L 151 -0.02 35.50 33.45
N GLN L 152 0.36 34.30 33.00
CA GLN L 152 1.37 33.51 33.69
C GLN L 152 2.69 34.25 33.89
N GLU L 153 3.02 35.25 33.08
CA GLU L 153 4.29 35.96 33.22
C GLU L 153 4.15 37.07 34.25
N ARG L 154 5.01 36.99 35.25
CA ARG L 154 4.67 37.07 36.66
C ARG L 154 5.60 36.07 37.34
C02 F7B M . 31.61 -25.61 6.87
C03 F7B M . 30.86 -26.14 5.65
C04 F7B M . 30.65 -27.63 5.58
C06 F7B M . 31.32 -27.62 8.38
C07 F7B M . 31.89 -26.39 8.12
C08 F7B M . 32.73 -25.84 9.09
C09 F7B M . 32.98 -26.54 10.26
C11 F7B M . 32.41 -27.78 10.50
C12 F7B M . 31.57 -28.33 9.55
O01 F7B M . 31.99 -24.45 6.85
S05 F7B M . 30.26 -28.28 7.17
CL1 F7B M . 34.05 -25.86 11.43
C1 IPA N . 7.91 9.92 26.87
C2 IPA N . 8.49 9.73 28.27
C3 IPA N . 7.61 8.71 29.04
O2 IPA N . 9.90 9.48 28.24
C1 IPA O . -28.38 -17.22 13.58
C2 IPA O . -27.93 -15.83 13.94
C3 IPA O . -28.59 -15.52 15.27
O2 IPA O . -26.50 -15.77 13.96
C ACT P . -18.63 -34.98 -6.76
O ACT P . -18.62 -36.10 -6.10
OXT ACT P . -18.14 -34.70 -7.90
CH3 ACT P . -19.31 -33.74 -6.04
C1 IPA Q . -50.63 25.90 11.49
C2 IPA Q . -49.68 25.61 10.32
C3 IPA Q . -50.21 26.34 9.10
O2 IPA Q . -48.33 26.00 10.56
C02 F7B R . 6.53 14.12 4.40
C03 F7B R . 5.80 13.49 3.23
C04 F7B R . 4.70 12.50 3.53
C06 F7B R . 6.12 12.28 6.09
C07 F7B R . 6.78 13.44 5.71
C08 F7B R . 7.72 13.97 6.58
C09 F7B R . 8.01 13.38 7.80
C11 F7B R . 7.34 12.22 8.18
C12 F7B R . 6.39 11.68 7.32
O01 F7B R . 7.00 15.26 4.26
S05 F7B R . 4.92 11.59 5.02
CL1 F7B R . 9.22 14.11 8.81
C1 IPA S . -13.29 51.98 23.68
C2 IPA S . -13.06 51.86 25.18
C3 IPA S . -14.07 50.93 25.86
O2 IPA S . -11.69 51.57 25.49
C ACT T . -5.10 31.86 5.39
O ACT T . -5.38 30.95 6.30
OXT ACT T . -4.34 31.76 4.35
CH3 ACT T . -5.79 33.30 5.55
#